data_7MZ5
#
_entry.id   7MZ5
#
_cell.length_a   1.00
_cell.length_b   1.00
_cell.length_c   1.00
_cell.angle_alpha   90.00
_cell.angle_beta   90.00
_cell.angle_gamma   90.00
#
_symmetry.space_group_name_H-M   'P 1'
#
loop_
_entity.id
_entity.type
_entity.pdbx_description
1 polymer 'Transient receptor potential cation channel subfamily V member 1'
2 non-polymer resiniferatoxin
3 non-polymer 'SODIUM ION'
#
_entity_poly.entity_id   1
_entity_poly.type   'polypeptide(L)'
_entity_poly.pdbx_seq_one_letter_code
;GAMGSEQRASLDSEESESPPQENSCLDPPDRDPNCKPPPVKPHIFTTRSRTRLFGKGDSEEASPLDCPYEEGGLASCPII
TVSSVLTIQRPGDGPASVRPSSQDSVSAGEKPPRLYDRRSIFDAVAQSNCQELESLLPFLQRSKKRLTDSEFKDPETGKT
CLLKAMLNLHNGQNDTIALLLDVARKTDSLKQFVNASYTDSYYKGQTALHIAIERRNMTLVTLLVENGADVQAAANGDFF
KKTKGRPGFYFGELPLSLAACTNQLAIVKFLLQNSWQPADISARDSVGNTVLHALVEVADNTVDNTKFVTSMYNEILILG
AKLHPTLKLEEITNRKGLTPLALAASSGKIGVLAYILQREIHEPECRHLSRKFTEWAYGPVHSSLYDLSCIDTCEKNSVL
EVIAYSSSETPNRHDMLLVEPLNRLLQDKWDRFVKRIFYFNFFVYCLYMIIFTAAAYYRPVEGLPPYKLKNTVGDYFRVT
GEILSVSGGVYFFFRGIQYFLQRRPSLKSLFVDSYSEILFFVQSLFMLVSVVLYFSQRKEYVASMVFSLAMGWTNMLYYT
RGFQQMGIYAVMIEKMILRDLCRFMFVYLVFLFGFSTAVVTLIEDGKNNSLPMESTPHKCRGSACKPGNSYNSLYSTCLE
LFKFTIGMGDLEFTENYDFKAVFIILLLAYVILTYILLLNMLIALMGETVNKIAQESKNIWKLQRAITILDTEKSFLKCM
RKAFRSGKLLQVGFTPDGKDDYRWCFRVDEVNWTTWNTNVGIINEDPGNCEGVKRTLSFSLRSGRVSGRNWKNFALVPLL
RDASTRDRHATQQEEVQLKHYTGSLKPEDAEVFKDSMVPGEK
;
_entity_poly.pdbx_strand_id   A,C,D,B
#
loop_
_chem_comp.id
_chem_comp.type
_chem_comp.name
_chem_comp.formula
6EU non-polymer resiniferatoxin 'C37 H40 O9'
NA non-polymer 'SODIUM ION' 'Na 1'
#
# COMPACT_ATOMS: atom_id res chain seq x y z
N SER A 286 44.77 -10.51 24.58
CA SER A 286 44.42 -10.41 26.00
C SER A 286 43.32 -11.40 26.39
N VAL A 287 42.51 -11.80 25.41
CA VAL A 287 41.36 -12.66 25.65
C VAL A 287 41.64 -14.06 25.10
N GLY A 288 42.91 -14.45 25.05
CA GLY A 288 43.28 -15.76 24.57
C GLY A 288 43.22 -15.93 23.06
N ASN A 289 42.92 -14.87 22.32
CA ASN A 289 42.78 -14.94 20.87
C ASN A 289 44.12 -14.72 20.19
N THR A 290 44.11 -14.77 18.86
CA THR A 290 45.30 -14.52 18.05
C THR A 290 45.00 -13.45 17.00
N VAL A 291 45.92 -13.24 16.07
CA VAL A 291 45.79 -12.15 15.11
C VAL A 291 44.60 -12.36 14.18
N LEU A 292 44.29 -13.62 13.88
CA LEU A 292 43.19 -13.90 12.95
C LEU A 292 41.85 -13.43 13.50
N HIS A 293 41.64 -13.56 14.81
CA HIS A 293 40.41 -13.04 15.39
C HIS A 293 40.34 -11.52 15.28
N ALA A 294 41.46 -10.84 15.45
CA ALA A 294 41.49 -9.40 15.23
C ALA A 294 41.16 -9.06 13.78
N LEU A 295 41.69 -9.85 12.83
CA LEU A 295 41.35 -9.66 11.43
C LEU A 295 39.85 -9.81 11.21
N VAL A 296 39.24 -10.80 11.86
CA VAL A 296 37.79 -10.97 11.76
C VAL A 296 37.08 -9.75 12.30
N GLU A 297 37.57 -9.22 13.43
CA GLU A 297 36.94 -8.04 14.02
C GLU A 297 37.06 -6.80 13.13
N VAL A 298 38.14 -6.70 12.36
CA VAL A 298 38.36 -5.52 11.52
C VAL A 298 37.27 -5.41 10.46
N ALA A 299 36.92 -6.54 9.83
CA ALA A 299 35.99 -6.51 8.70
C ALA A 299 34.62 -5.99 9.13
N ASP A 300 33.97 -5.27 8.22
CA ASP A 300 32.63 -4.73 8.44
C ASP A 300 31.73 -4.98 7.23
N ASN A 301 32.01 -6.05 6.48
CA ASN A 301 31.18 -6.46 5.33
C ASN A 301 31.09 -5.37 4.29
N THR A 302 32.22 -4.72 4.02
CA THR A 302 32.37 -3.78 2.91
C THR A 302 33.47 -4.29 1.99
N VAL A 303 33.40 -3.87 0.72
CA VAL A 303 34.26 -4.46 -0.31
C VAL A 303 35.72 -4.18 0.00
N ASP A 304 36.06 -2.94 0.33
CA ASP A 304 37.46 -2.57 0.52
C ASP A 304 38.01 -3.21 1.78
N ASN A 305 37.28 -3.11 2.90
CA ASN A 305 37.76 -3.74 4.13
C ASN A 305 37.76 -5.25 4.01
N THR A 306 36.81 -5.83 3.28
CA THR A 306 36.83 -7.27 3.06
C THR A 306 38.06 -7.69 2.29
N LYS A 307 38.41 -6.96 1.22
CA LYS A 307 39.61 -7.30 0.47
C LYS A 307 40.87 -7.11 1.31
N PHE A 308 40.91 -6.05 2.11
CA PHE A 308 42.07 -5.79 2.98
C PHE A 308 42.25 -6.93 3.99
N VAL A 309 41.17 -7.30 4.66
CA VAL A 309 41.23 -8.38 5.63
C VAL A 309 41.57 -9.70 4.94
N THR A 310 41.04 -9.93 3.74
CA THR A 310 41.35 -11.15 3.00
C THR A 310 42.83 -11.24 2.67
N SER A 311 43.41 -10.14 2.17
CA SER A 311 44.84 -10.13 1.86
C SER A 311 45.67 -10.39 3.10
N MET A 312 45.33 -9.72 4.21
CA MET A 312 46.08 -9.93 5.44
C MET A 312 45.94 -11.36 5.94
N TYR A 313 44.74 -11.92 5.86
CA TYR A 313 44.50 -13.28 6.31
C TYR A 313 45.31 -14.28 5.48
N ASN A 314 45.32 -14.11 4.15
CA ASN A 314 46.07 -15.00 3.29
C ASN A 314 47.57 -14.92 3.58
N GLU A 315 48.10 -13.70 3.68
CA GLU A 315 49.53 -13.55 3.93
C GLU A 315 49.92 -14.08 5.30
N ILE A 316 49.07 -13.86 6.31
CA ILE A 316 49.35 -14.36 7.64
C ILE A 316 49.36 -15.88 7.65
N LEU A 317 48.39 -16.51 6.98
CA LEU A 317 48.37 -17.97 6.92
C LEU A 317 49.59 -18.53 6.22
N ILE A 318 49.97 -17.92 5.08
CA ILE A 318 51.12 -18.43 4.33
C ILE A 318 52.39 -18.29 5.15
N LEU A 319 52.60 -17.13 5.76
CA LEU A 319 53.81 -16.91 6.54
C LEU A 319 53.83 -17.79 7.78
N GLY A 320 52.69 -17.97 8.44
CA GLY A 320 52.65 -18.85 9.60
C GLY A 320 52.97 -20.29 9.24
N ALA A 321 52.45 -20.76 8.10
CA ALA A 321 52.78 -22.11 7.66
C ALA A 321 54.27 -22.23 7.34
N LYS A 322 54.87 -21.19 6.76
CA LYS A 322 56.30 -21.24 6.48
C LYS A 322 57.14 -21.16 7.75
N LEU A 323 56.63 -20.49 8.80
CA LEU A 323 57.38 -20.34 10.04
C LEU A 323 57.16 -21.52 10.98
N HIS A 324 55.93 -22.02 11.05
CA HIS A 324 55.56 -23.15 11.92
C HIS A 324 54.76 -24.15 11.11
N PRO A 325 55.43 -24.95 10.27
CA PRO A 325 54.69 -25.94 9.45
C PRO A 325 53.93 -26.97 10.27
N THR A 326 54.33 -27.22 11.52
CA THR A 326 53.72 -28.25 12.35
C THR A 326 52.45 -27.80 13.05
N LEU A 327 52.16 -26.49 13.08
CA LEU A 327 51.02 -25.96 13.82
C LEU A 327 49.85 -25.66 12.89
N LYS A 328 48.65 -25.87 13.42
CA LYS A 328 47.41 -25.53 12.72
C LYS A 328 47.03 -24.12 13.15
N LEU A 329 47.21 -23.16 12.23
CA LEU A 329 47.09 -21.75 12.58
C LEU A 329 45.66 -21.36 12.96
N GLU A 330 44.67 -21.94 12.29
CA GLU A 330 43.28 -21.55 12.47
C GLU A 330 42.57 -22.31 13.59
N GLU A 331 43.25 -23.24 14.25
CA GLU A 331 42.62 -24.06 15.29
C GLU A 331 42.72 -23.45 16.69
N ILE A 332 43.43 -22.33 16.84
CA ILE A 332 43.52 -21.69 18.15
C ILE A 332 42.20 -21.00 18.46
N THR A 333 41.63 -21.33 19.62
CA THR A 333 40.36 -20.77 20.06
C THR A 333 40.59 -19.68 21.09
N ASN A 334 39.72 -18.68 21.07
CA ASN A 334 39.79 -17.57 22.02
C ASN A 334 39.18 -18.01 23.35
N ARG A 335 39.03 -17.07 24.28
CA ARG A 335 38.43 -17.38 25.57
C ARG A 335 37.00 -17.88 25.45
N LYS A 336 36.29 -17.51 24.38
CA LYS A 336 34.95 -17.98 24.13
C LYS A 336 34.90 -19.33 23.42
N GLY A 337 36.06 -19.92 23.09
CA GLY A 337 36.07 -21.19 22.42
C GLY A 337 35.80 -21.12 20.93
N LEU A 338 36.00 -19.96 20.31
CA LEU A 338 35.69 -19.72 18.91
C LEU A 338 36.98 -19.65 18.10
N THR A 339 37.03 -20.39 17.01
CA THR A 339 38.09 -20.26 16.03
C THR A 339 37.85 -19.01 15.19
N PRO A 340 38.84 -18.54 14.44
CA PRO A 340 38.60 -17.38 13.56
C PRO A 340 37.48 -17.61 12.56
N LEU A 341 37.34 -18.84 12.06
CA LEU A 341 36.19 -19.16 11.21
C LEU A 341 34.90 -19.09 12.02
N ALA A 342 34.91 -19.68 13.21
CA ALA A 342 33.73 -19.61 14.06
C ALA A 342 33.43 -18.19 14.50
N LEU A 343 34.47 -17.38 14.74
CA LEU A 343 34.24 -15.99 15.12
C LEU A 343 33.64 -15.21 13.95
N ALA A 344 34.16 -15.43 12.74
CA ALA A 344 33.61 -14.74 11.57
C ALA A 344 32.17 -15.15 11.36
N ALA A 345 31.86 -16.43 11.54
CA ALA A 345 30.48 -16.89 11.39
C ALA A 345 29.57 -16.28 12.47
N SER A 346 30.01 -16.32 13.72
CA SER A 346 29.18 -15.83 14.82
C SER A 346 29.04 -14.32 14.81
N SER A 347 30.06 -13.61 14.36
CA SER A 347 30.08 -12.15 14.39
C SER A 347 29.35 -11.51 13.21
N GLY A 348 28.85 -12.31 12.27
CA GLY A 348 28.15 -11.75 11.13
C GLY A 348 29.07 -11.12 10.11
N LYS A 349 30.31 -11.58 10.02
CA LYS A 349 31.29 -11.06 9.06
C LYS A 349 31.20 -11.97 7.84
N ILE A 350 30.29 -11.62 6.92
CA ILE A 350 29.98 -12.52 5.81
C ILE A 350 31.12 -12.57 4.80
N GLY A 351 31.82 -11.46 4.57
CA GLY A 351 32.90 -11.47 3.59
C GLY A 351 34.04 -12.39 3.99
N VAL A 352 34.47 -12.32 5.25
CA VAL A 352 35.57 -13.16 5.72
C VAL A 352 35.15 -14.61 5.69
N LEU A 353 33.92 -14.90 6.12
CA LEU A 353 33.41 -16.27 6.08
C LEU A 353 33.38 -16.81 4.66
N ALA A 354 32.88 -16.00 3.72
CA ALA A 354 32.83 -16.43 2.33
C ALA A 354 34.22 -16.69 1.77
N TYR A 355 35.19 -15.84 2.10
CA TYR A 355 36.56 -16.07 1.65
C TYR A 355 37.10 -17.37 2.23
N ILE A 356 36.95 -17.57 3.54
CA ILE A 356 37.57 -18.72 4.19
C ILE A 356 36.98 -20.02 3.68
N LEU A 357 35.64 -20.10 3.65
CA LEU A 357 34.99 -21.35 3.29
C LEU A 357 35.30 -21.78 1.86
N GLN A 358 35.53 -20.80 0.97
CA GLN A 358 35.84 -21.07 -0.43
C GLN A 358 37.32 -20.84 -0.75
N ARG A 359 38.18 -20.78 0.25
CA ARG A 359 39.60 -20.51 0.01
C ARG A 359 40.23 -21.63 -0.79
N GLU A 360 40.95 -21.26 -1.86
CA GLU A 360 41.61 -22.22 -2.74
C GLU A 360 43.00 -21.71 -3.08
N ILE A 361 43.97 -22.63 -3.13
CA ILE A 361 45.37 -22.30 -3.31
C ILE A 361 45.92 -23.16 -4.44
N HIS A 362 46.69 -22.54 -5.35
CA HIS A 362 47.22 -23.17 -6.55
C HIS A 362 48.71 -22.91 -6.69
N GLU A 363 49.46 -23.11 -5.60
CA GLU A 363 50.90 -22.94 -5.61
C GLU A 363 51.52 -23.98 -4.68
N PRO A 364 52.79 -24.35 -4.87
CA PRO A 364 53.41 -25.33 -3.97
C PRO A 364 53.67 -24.75 -2.59
N GLU A 365 53.84 -25.67 -1.64
CA GLU A 365 54.14 -25.39 -0.24
C GLU A 365 52.96 -24.79 0.53
N CYS A 366 51.80 -24.60 -0.11
CA CYS A 366 50.66 -23.94 0.53
C CYS A 366 49.32 -24.60 0.26
N ARG A 367 49.27 -25.69 -0.51
CA ARG A 367 47.99 -26.33 -0.81
C ARG A 367 47.31 -26.86 0.44
N HIS A 368 48.09 -27.22 1.47
CA HIS A 368 47.51 -27.76 2.69
C HIS A 368 46.72 -26.72 3.49
N LEU A 369 46.82 -25.44 3.15
CA LEU A 369 46.08 -24.39 3.85
C LEU A 369 44.71 -24.10 3.23
N SER A 370 44.39 -24.72 2.11
CA SER A 370 43.13 -24.44 1.42
C SER A 370 42.01 -25.31 1.98
N ARG A 371 40.77 -24.86 1.73
CA ARG A 371 39.56 -25.60 2.09
C ARG A 371 38.78 -26.06 0.86
N LYS A 372 38.75 -25.25 -0.19
CA LYS A 372 38.12 -25.62 -1.45
C LYS A 372 39.17 -26.26 -2.36
N PHE A 373 38.76 -27.34 -3.03
CA PHE A 373 39.62 -28.04 -3.98
C PHE A 373 38.82 -28.29 -5.24
N THR A 374 39.18 -27.62 -6.33
CA THR A 374 38.50 -27.77 -7.61
C THR A 374 39.10 -28.97 -8.34
N GLU A 375 38.24 -29.91 -8.72
CA GLU A 375 38.65 -31.15 -9.39
C GLU A 375 38.39 -31.13 -10.88
N TRP A 376 37.31 -30.46 -11.32
CA TRP A 376 37.03 -30.30 -12.75
C TRP A 376 36.56 -28.88 -13.01
N ALA A 377 36.95 -28.34 -14.16
CA ALA A 377 36.61 -26.98 -14.56
C ALA A 377 36.13 -27.01 -16.01
N TYR A 378 34.81 -27.06 -16.19
CA TYR A 378 34.15 -26.92 -17.48
C TYR A 378 33.51 -25.53 -17.56
N GLY A 379 32.92 -25.23 -18.70
CA GLY A 379 32.26 -23.96 -18.91
C GLY A 379 31.13 -23.74 -17.93
N PRO A 380 30.07 -24.55 -18.03
CA PRO A 380 28.94 -24.42 -17.10
C PRO A 380 29.06 -25.22 -15.81
N VAL A 381 30.04 -26.12 -15.72
CA VAL A 381 30.19 -27.01 -14.58
C VAL A 381 31.58 -26.81 -13.99
N HIS A 382 31.64 -26.59 -12.68
CA HIS A 382 32.90 -26.54 -11.93
C HIS A 382 32.73 -27.43 -10.71
N SER A 383 33.34 -28.61 -10.75
CA SER A 383 33.18 -29.62 -9.71
C SER A 383 34.34 -29.53 -8.74
N SER A 384 34.02 -29.35 -7.46
CA SER A 384 35.01 -29.07 -6.42
C SER A 384 34.65 -29.82 -5.14
N LEU A 385 35.66 -29.98 -4.28
CA LEU A 385 35.50 -30.57 -2.96
C LEU A 385 35.72 -29.49 -1.91
N TYR A 386 34.70 -29.26 -1.08
CA TYR A 386 34.80 -28.36 0.06
C TYR A 386 35.14 -29.13 1.32
N ASP A 387 35.68 -28.42 2.30
CA ASP A 387 36.08 -29.01 3.57
C ASP A 387 34.94 -28.83 4.58
N LEU A 388 34.38 -29.95 5.05
CA LEU A 388 33.36 -29.91 6.09
C LEU A 388 33.93 -29.80 7.50
N SER A 389 35.25 -29.90 7.66
CA SER A 389 35.83 -29.79 9.00
C SER A 389 35.51 -28.43 9.61
N CYS A 390 35.07 -28.46 10.86
CA CYS A 390 34.65 -27.32 11.67
C CYS A 390 33.30 -26.74 11.26
N ILE A 391 32.67 -27.23 10.19
CA ILE A 391 31.34 -26.77 9.80
C ILE A 391 30.26 -27.63 10.44
N ASP A 392 30.42 -28.96 10.38
CA ASP A 392 29.48 -29.85 11.03
C ASP A 392 29.73 -29.95 12.53
N THR A 393 30.99 -29.89 12.96
CA THR A 393 31.30 -29.97 14.38
C THR A 393 32.70 -29.46 14.63
N CYS A 394 32.85 -28.69 15.72
CA CYS A 394 34.14 -28.39 16.33
C CYS A 394 34.27 -29.01 17.72
N GLU A 395 33.28 -29.80 18.14
CA GLU A 395 33.11 -30.38 19.47
C GLU A 395 32.66 -29.35 20.51
N LYS A 396 32.67 -28.05 20.18
CA LYS A 396 32.03 -27.04 21.00
C LYS A 396 31.08 -26.14 20.19
N ASN A 397 31.58 -25.56 19.10
CA ASN A 397 30.86 -24.52 18.36
C ASN A 397 31.21 -24.65 16.87
N SER A 398 30.27 -25.19 16.09
CA SER A 398 30.44 -25.31 14.65
C SER A 398 29.93 -24.06 13.94
N VAL A 399 30.24 -23.96 12.64
CA VAL A 399 29.87 -22.79 11.86
C VAL A 399 28.35 -22.68 11.74
N LEU A 400 27.70 -23.79 11.39
CA LEU A 400 26.25 -23.77 11.25
C LEU A 400 25.58 -23.47 12.59
N GLU A 401 26.14 -24.00 13.68
CA GLU A 401 25.57 -23.74 15.00
C GLU A 401 25.63 -22.26 15.35
N VAL A 402 26.80 -21.63 15.17
CA VAL A 402 26.91 -20.22 15.53
C VAL A 402 26.09 -19.35 14.60
N ILE A 403 25.95 -19.72 13.33
CA ILE A 403 25.12 -18.93 12.43
C ILE A 403 23.65 -19.03 12.84
N ALA A 404 23.17 -20.27 13.05
CA ALA A 404 21.76 -20.47 13.35
C ALA A 404 21.38 -19.90 14.71
N TYR A 405 22.23 -20.10 15.72
CA TYR A 405 21.93 -19.73 17.10
C TYR A 405 22.55 -18.39 17.48
N SER A 406 22.80 -17.52 16.51
CA SER A 406 23.31 -16.19 16.80
C SER A 406 22.23 -15.34 17.47
N SER A 407 22.65 -14.22 18.06
CA SER A 407 21.74 -13.34 18.78
C SER A 407 20.76 -12.60 17.88
N SER A 408 20.96 -12.64 16.55
CA SER A 408 20.16 -11.94 15.55
C SER A 408 20.41 -10.43 15.52
N GLU A 409 21.32 -9.92 16.35
CA GLU A 409 21.73 -8.52 16.30
C GLU A 409 22.99 -8.31 15.48
N THR A 410 23.52 -9.36 14.85
CA THR A 410 24.74 -9.27 14.07
C THR A 410 24.48 -8.58 12.74
N PRO A 411 25.52 -8.03 12.07
CA PRO A 411 25.29 -7.25 10.84
C PRO A 411 24.62 -8.04 9.72
N ASN A 412 25.22 -9.15 9.28
CA ASN A 412 24.80 -9.84 8.06
C ASN A 412 24.91 -11.35 8.20
N ARG A 413 24.45 -11.91 9.31
CA ARG A 413 24.34 -13.36 9.39
C ARG A 413 23.27 -13.90 8.46
N HIS A 414 22.29 -13.07 8.09
CA HIS A 414 21.09 -13.54 7.42
C HIS A 414 21.40 -14.21 6.09
N ASP A 415 22.37 -13.68 5.34
CA ASP A 415 22.76 -14.23 4.05
C ASP A 415 23.90 -15.22 4.15
N MET A 416 24.41 -15.51 5.36
CA MET A 416 25.55 -16.41 5.47
C MET A 416 25.21 -17.82 5.00
N LEU A 417 23.94 -18.22 5.12
CA LEU A 417 23.52 -19.52 4.63
C LEU A 417 23.51 -19.61 3.11
N LEU A 418 23.61 -18.48 2.40
CA LEU A 418 23.68 -18.49 0.95
C LEU A 418 25.09 -18.74 0.41
N VAL A 419 26.09 -18.81 1.29
CA VAL A 419 27.44 -19.16 0.86
C VAL A 419 27.44 -20.60 0.38
N GLU A 420 27.96 -20.82 -0.84
CA GLU A 420 27.84 -22.06 -1.62
C GLU A 420 28.03 -23.33 -0.80
N PRO A 421 29.15 -23.53 -0.09
CA PRO A 421 29.27 -24.76 0.71
C PRO A 421 28.18 -24.91 1.75
N LEU A 422 27.79 -23.83 2.42
CA LEU A 422 26.79 -23.94 3.47
C LEU A 422 25.41 -24.17 2.88
N ASN A 423 25.07 -23.47 1.80
CA ASN A 423 23.77 -23.67 1.16
C ASN A 423 23.65 -25.08 0.62
N ARG A 424 24.70 -25.58 -0.04
CA ARG A 424 24.66 -26.93 -0.57
C ARG A 424 24.60 -27.96 0.54
N LEU A 425 25.35 -27.74 1.62
CA LEU A 425 25.33 -28.69 2.74
C LEU A 425 23.95 -28.74 3.38
N LEU A 426 23.33 -27.59 3.61
CA LEU A 426 22.02 -27.58 4.24
C LEU A 426 20.96 -28.17 3.32
N GLN A 427 21.01 -27.87 2.02
CA GLN A 427 20.05 -28.46 1.10
C GLN A 427 20.25 -29.98 1.01
N ASP A 428 21.50 -30.44 1.05
CA ASP A 428 21.76 -31.87 1.02
C ASP A 428 21.22 -32.55 2.27
N LYS A 429 21.44 -31.93 3.43
CA LYS A 429 20.90 -32.50 4.67
C LYS A 429 19.37 -32.51 4.65
N TRP A 430 18.76 -31.46 4.10
CA TRP A 430 17.30 -31.43 3.99
C TRP A 430 16.80 -32.57 3.11
N ASP A 431 17.26 -32.61 1.86
CA ASP A 431 16.74 -33.59 0.91
C ASP A 431 17.11 -35.01 1.30
N ARG A 432 18.21 -35.19 2.03
CA ARG A 432 18.68 -36.54 2.35
C ARG A 432 17.79 -37.20 3.39
N PHE A 433 17.81 -36.69 4.63
CA PHE A 433 17.11 -37.32 5.74
C PHE A 433 16.28 -36.36 6.60
N VAL A 434 16.58 -35.06 6.62
CA VAL A 434 15.88 -34.17 7.55
C VAL A 434 14.46 -33.89 7.06
N LYS A 435 14.25 -33.84 5.74
CA LYS A 435 12.92 -33.53 5.23
C LYS A 435 11.88 -34.53 5.71
N ARG A 436 12.20 -35.83 5.61
CA ARG A 436 11.26 -36.85 6.06
C ARG A 436 11.05 -36.77 7.57
N ILE A 437 12.11 -36.52 8.33
CA ILE A 437 11.99 -36.46 9.79
C ILE A 437 11.13 -35.27 10.18
N PHE A 438 11.33 -34.12 9.54
CA PHE A 438 10.55 -32.93 9.86
C PHE A 438 9.08 -33.13 9.50
N TYR A 439 8.81 -33.70 8.32
CA TYR A 439 7.42 -33.96 7.96
C TYR A 439 6.79 -34.98 8.92
N PHE A 440 7.56 -35.97 9.36
CA PHE A 440 7.05 -36.90 10.35
C PHE A 440 6.74 -36.21 11.67
N ASN A 441 7.61 -35.30 12.10
CA ASN A 441 7.34 -34.56 13.33
C ASN A 441 6.10 -33.69 13.19
N PHE A 442 5.93 -33.06 12.03
CA PHE A 442 4.73 -32.26 11.80
C PHE A 442 3.48 -33.13 11.82
N PHE A 443 3.56 -34.30 11.19
CA PHE A 443 2.43 -35.23 11.22
C PHE A 443 2.12 -35.68 12.64
N VAL A 444 3.16 -35.98 13.43
CA VAL A 444 2.94 -36.41 14.81
C VAL A 444 2.34 -35.28 15.63
N TYR A 445 2.79 -34.05 15.39
CA TYR A 445 2.18 -32.92 16.08
C TYR A 445 0.72 -32.74 15.67
N CYS A 446 0.41 -32.96 14.39
CA CYS A 446 -0.99 -32.92 13.97
C CYS A 446 -1.82 -33.98 14.66
N LEU A 447 -1.27 -35.19 14.79
CA LEU A 447 -1.99 -36.23 15.52
C LEU A 447 -2.16 -35.85 16.99
N TYR A 448 -1.12 -35.30 17.60
CA TYR A 448 -1.20 -34.87 18.99
C TYR A 448 -2.26 -33.80 19.17
N MET A 449 -2.32 -32.83 18.26
CA MET A 449 -3.31 -31.78 18.37
C MET A 449 -4.71 -32.28 18.08
N ILE A 450 -4.87 -33.22 17.16
CA ILE A 450 -6.19 -33.79 16.91
C ILE A 450 -6.66 -34.57 18.13
N ILE A 451 -5.76 -35.34 18.74
CA ILE A 451 -6.11 -36.09 19.94
C ILE A 451 -6.46 -35.15 21.08
N PHE A 452 -5.68 -34.08 21.24
CA PHE A 452 -5.95 -33.10 22.28
C PHE A 452 -7.29 -32.41 22.04
N THR A 453 -7.58 -32.05 20.79
CA THR A 453 -8.85 -31.42 20.46
C THR A 453 -10.01 -32.37 20.76
N ALA A 454 -9.88 -33.64 20.39
CA ALA A 454 -10.93 -34.60 20.67
C ALA A 454 -11.13 -34.80 22.18
N ALA A 455 -10.03 -34.94 22.93
CA ALA A 455 -10.14 -35.17 24.35
C ALA A 455 -10.72 -33.97 25.08
N ALA A 456 -10.34 -32.76 24.66
CA ALA A 456 -10.84 -31.56 25.30
C ALA A 456 -12.29 -31.29 24.88
N TYR A 457 -12.62 -31.53 23.62
CA TYR A 457 -13.99 -31.32 23.14
C TYR A 457 -14.96 -32.23 23.88
N TYR A 458 -14.58 -33.49 24.06
CA TYR A 458 -15.42 -34.48 24.73
C TYR A 458 -15.13 -34.57 26.22
N ARG A 459 -14.64 -33.48 26.83
CA ARG A 459 -14.45 -33.48 28.27
C ARG A 459 -15.80 -33.64 28.95
N PRO A 460 -15.87 -34.34 30.09
CA PRO A 460 -17.14 -34.43 30.79
C PRO A 460 -17.53 -33.09 31.39
N VAL A 461 -18.83 -32.90 31.55
CA VAL A 461 -19.38 -31.63 32.03
C VAL A 461 -19.90 -31.75 33.46
N GLU A 462 -19.51 -32.80 34.18
CA GLU A 462 -19.82 -32.89 35.60
C GLU A 462 -18.94 -31.93 36.38
N GLY A 463 -19.33 -31.66 37.63
CA GLY A 463 -18.60 -30.73 38.45
C GLY A 463 -17.42 -31.36 39.16
N LEU A 464 -16.50 -30.50 39.60
CA LEU A 464 -15.43 -30.87 40.53
C LEU A 464 -14.58 -32.05 40.05
N PRO A 465 -13.65 -31.84 39.11
CA PRO A 465 -12.72 -32.92 38.73
C PRO A 465 -11.91 -33.42 39.91
N PRO A 466 -11.13 -34.50 39.74
CA PRO A 466 -11.02 -35.38 38.58
C PRO A 466 -12.25 -36.24 38.40
N TYR A 467 -12.45 -36.75 37.19
CA TYR A 467 -13.64 -37.53 36.84
C TYR A 467 -13.32 -39.01 36.85
N LYS A 468 -14.25 -39.80 37.35
CA LYS A 468 -14.03 -41.24 37.46
C LYS A 468 -14.19 -41.90 36.10
N LEU A 469 -13.25 -42.78 35.77
CA LEU A 469 -13.31 -43.50 34.51
C LEU A 469 -14.50 -44.45 34.50
N LYS A 470 -15.24 -44.43 33.40
CA LYS A 470 -16.40 -45.30 33.21
C LYS A 470 -16.02 -46.48 32.32
N ASN A 471 -16.79 -47.56 32.45
CA ASN A 471 -16.51 -48.77 31.69
C ASN A 471 -16.82 -48.63 30.21
N THR A 472 -17.53 -47.57 29.81
CA THR A 472 -17.84 -47.36 28.40
C THR A 472 -16.57 -47.06 27.62
N VAL A 473 -16.50 -47.58 26.39
CA VAL A 473 -15.29 -47.47 25.59
C VAL A 473 -14.98 -46.02 25.23
N GLY A 474 -16.02 -45.19 25.11
CA GLY A 474 -15.78 -43.79 24.81
C GLY A 474 -14.95 -43.09 25.86
N ASP A 475 -15.16 -43.44 27.14
CA ASP A 475 -14.37 -42.83 28.20
C ASP A 475 -12.96 -43.42 28.26
N TYR A 476 -12.78 -44.67 27.83
CA TYR A 476 -11.43 -45.19 27.68
C TYR A 476 -10.67 -44.43 26.61
N PHE A 477 -11.33 -44.15 25.47
CA PHE A 477 -10.68 -43.33 24.46
C PHE A 477 -10.42 -41.92 24.98
N ARG A 478 -11.36 -41.37 25.74
CA ARG A 478 -11.19 -40.03 26.27
C ARG A 478 -9.99 -39.95 27.21
N VAL A 479 -9.89 -40.89 28.16
CA VAL A 479 -8.79 -40.84 29.10
C VAL A 479 -7.47 -41.16 28.40
N THR A 480 -7.48 -42.03 27.39
CA THR A 480 -6.26 -42.25 26.62
C THR A 480 -5.83 -40.98 25.91
N GLY A 481 -6.78 -40.25 25.32
CA GLY A 481 -6.45 -38.99 24.68
C GLY A 481 -5.93 -37.96 25.66
N GLU A 482 -6.54 -37.89 26.84
CA GLU A 482 -6.05 -36.97 27.86
C GLU A 482 -4.64 -37.33 28.31
N ILE A 483 -4.37 -38.62 28.50
CA ILE A 483 -3.03 -39.04 28.91
C ILE A 483 -2.02 -38.70 27.83
N LEU A 484 -2.37 -38.94 26.56
CA LEU A 484 -1.47 -38.59 25.47
C LEU A 484 -1.26 -37.08 25.39
N SER A 485 -2.32 -36.30 25.63
CA SER A 485 -2.19 -34.84 25.60
C SER A 485 -1.25 -34.35 26.70
N VAL A 486 -1.42 -34.88 27.91
CA VAL A 486 -0.54 -34.49 29.01
C VAL A 486 0.88 -34.97 28.75
N SER A 487 1.03 -36.15 28.15
CA SER A 487 2.36 -36.63 27.80
C SER A 487 3.05 -35.70 26.82
N GLY A 488 2.32 -35.27 25.79
CA GLY A 488 2.88 -34.30 24.86
C GLY A 488 3.21 -32.98 25.52
N GLY A 489 2.36 -32.54 26.45
CA GLY A 489 2.66 -31.33 27.19
C GLY A 489 3.92 -31.45 28.01
N VAL A 490 4.10 -32.58 28.68
CA VAL A 490 5.32 -32.83 29.44
C VAL A 490 6.53 -32.85 28.53
N TYR A 491 6.39 -33.48 27.36
CA TYR A 491 7.47 -33.53 26.39
C TYR A 491 7.87 -32.13 25.94
N PHE A 492 6.90 -31.30 25.59
CA PHE A 492 7.23 -29.94 25.17
C PHE A 492 7.77 -29.11 26.32
N PHE A 493 7.29 -29.35 27.54
CA PHE A 493 7.83 -28.67 28.71
C PHE A 493 9.31 -28.97 28.89
N PHE A 494 9.67 -30.25 28.85
CA PHE A 494 11.08 -30.60 29.05
C PHE A 494 11.93 -30.21 27.85
N ARG A 495 11.38 -30.25 26.64
CA ARG A 495 12.15 -29.77 25.49
C ARG A 495 12.38 -28.26 25.58
N GLY A 496 11.41 -27.51 26.08
CA GLY A 496 11.61 -26.10 26.31
C GLY A 496 12.67 -25.82 27.35
N ILE A 497 12.64 -26.58 28.44
CA ILE A 497 13.68 -26.42 29.47
C ILE A 497 15.05 -26.74 28.89
N GLN A 498 15.14 -27.83 28.12
CA GLN A 498 16.42 -28.19 27.50
C GLN A 498 16.90 -27.07 26.57
N TYR A 499 15.99 -26.51 25.78
CA TYR A 499 16.36 -25.43 24.87
C TYR A 499 16.87 -24.23 25.65
N PHE A 500 16.16 -23.83 26.70
CA PHE A 500 16.57 -22.63 27.44
C PHE A 500 17.88 -22.87 28.18
N LEU A 501 18.11 -24.09 28.67
CA LEU A 501 19.36 -24.37 29.37
C LEU A 501 20.53 -24.43 28.40
N GLN A 502 20.33 -25.04 27.22
CA GLN A 502 21.43 -25.15 26.27
C GLN A 502 21.74 -23.83 25.58
N ARG A 503 20.70 -23.02 25.31
CA ARG A 503 20.88 -21.74 24.66
C ARG A 503 21.19 -20.61 25.63
N ARG A 504 20.60 -20.65 26.83
CA ARG A 504 20.71 -19.59 27.82
C ARG A 504 20.38 -18.24 27.20
N PRO A 505 19.12 -17.96 26.89
CA PRO A 505 18.77 -16.64 26.34
C PRO A 505 19.12 -15.53 27.32
N SER A 506 19.51 -14.38 26.76
CA SER A 506 20.03 -13.27 27.55
C SER A 506 18.96 -12.56 28.36
N LEU A 507 17.67 -12.85 28.15
CA LEU A 507 16.52 -12.18 28.74
C LEU A 507 16.28 -10.79 28.15
N LYS A 508 17.10 -10.34 27.21
CA LYS A 508 16.84 -9.13 26.42
C LYS A 508 16.43 -9.45 25.00
N SER A 509 16.99 -10.52 24.42
CA SER A 509 16.56 -11.07 23.14
C SER A 509 15.77 -12.35 23.33
N LEU A 510 15.10 -12.50 24.48
CA LEU A 510 14.38 -13.73 24.77
C LEU A 510 13.28 -13.99 23.77
N PHE A 511 12.53 -12.94 23.39
CA PHE A 511 11.44 -13.08 22.43
C PHE A 511 11.86 -12.81 20.99
N VAL A 512 12.94 -12.05 20.77
CA VAL A 512 13.38 -11.75 19.41
C VAL A 512 13.80 -13.04 18.71
N ASP A 513 14.57 -13.88 19.38
CA ASP A 513 14.83 -15.26 18.98
C ASP A 513 14.01 -16.15 19.90
N SER A 514 14.02 -17.46 19.64
CA SER A 514 13.36 -18.43 20.51
C SER A 514 11.86 -18.20 20.63
N TYR A 515 11.26 -17.47 19.69
CA TYR A 515 9.84 -17.15 19.79
C TYR A 515 8.99 -18.41 19.72
N SER A 516 9.26 -19.28 18.75
CA SER A 516 8.50 -20.52 18.62
C SER A 516 8.73 -21.42 19.83
N GLU A 517 9.96 -21.47 20.33
CA GLU A 517 10.25 -22.26 21.52
C GLU A 517 9.50 -21.71 22.73
N ILE A 518 9.41 -20.39 22.86
CA ILE A 518 8.66 -19.81 23.96
C ILE A 518 7.18 -20.15 23.84
N LEU A 519 6.64 -20.09 22.62
CA LEU A 519 5.23 -20.41 22.46
C LEU A 519 4.95 -21.88 22.79
N PHE A 520 5.82 -22.79 22.35
CA PHE A 520 5.64 -24.19 22.69
C PHE A 520 5.75 -24.40 24.20
N PHE A 521 6.71 -23.74 24.84
CA PHE A 521 6.88 -23.89 26.28
C PHE A 521 5.68 -23.33 27.03
N VAL A 522 5.15 -22.19 26.60
CA VAL A 522 3.99 -21.61 27.29
C VAL A 522 2.75 -22.48 27.07
N GLN A 523 2.61 -23.07 25.88
CA GLN A 523 1.54 -24.03 25.66
C GLN A 523 1.65 -25.20 26.62
N SER A 524 2.87 -25.72 26.80
CA SER A 524 3.07 -26.81 27.74
C SER A 524 2.82 -26.37 29.18
N LEU A 525 3.16 -25.12 29.51
CA LEU A 525 2.89 -24.60 30.83
C LEU A 525 1.39 -24.53 31.10
N PHE A 526 0.62 -24.08 30.11
CA PHE A 526 -0.83 -24.09 30.25
C PHE A 526 -1.35 -25.51 30.43
N MET A 527 -0.78 -26.47 29.68
CA MET A 527 -1.19 -27.87 29.84
C MET A 527 -0.91 -28.36 31.26
N LEU A 528 0.26 -28.06 31.80
CA LEU A 528 0.61 -28.57 33.12
C LEU A 528 -0.16 -27.86 34.21
N VAL A 529 -0.43 -26.56 34.05
CA VAL A 529 -1.30 -25.86 34.99
C VAL A 529 -2.70 -26.46 34.93
N SER A 530 -3.16 -26.83 33.73
CA SER A 530 -4.43 -27.52 33.60
C SER A 530 -4.43 -28.85 34.35
N VAL A 531 -3.32 -29.59 34.26
CA VAL A 531 -3.23 -30.86 35.00
C VAL A 531 -3.32 -30.60 36.50
N VAL A 532 -2.59 -29.59 36.98
CA VAL A 532 -2.58 -29.28 38.41
C VAL A 532 -3.97 -28.88 38.88
N LEU A 533 -4.65 -28.01 38.12
CA LEU A 533 -6.00 -27.60 38.49
C LEU A 533 -6.98 -28.76 38.39
N TYR A 534 -6.79 -29.65 37.40
CA TYR A 534 -7.66 -30.81 37.25
C TYR A 534 -7.59 -31.70 38.48
N PHE A 535 -6.38 -32.01 38.94
CA PHE A 535 -6.25 -32.82 40.13
C PHE A 535 -6.42 -32.03 41.42
N SER A 536 -6.40 -30.70 41.35
CA SER A 536 -6.72 -29.86 42.50
C SER A 536 -8.21 -29.64 42.67
N GLN A 537 -9.06 -30.28 41.86
CA GLN A 537 -10.51 -30.17 41.98
C GLN A 537 -10.98 -28.74 41.71
N ARG A 538 -10.51 -28.17 40.60
CA ARG A 538 -10.94 -26.86 40.12
C ARG A 538 -11.41 -26.98 38.68
N LYS A 539 -12.59 -26.43 38.39
CA LYS A 539 -13.03 -26.34 37.00
C LYS A 539 -12.17 -25.38 36.19
N GLU A 540 -11.41 -24.51 36.85
CA GLU A 540 -10.51 -23.59 36.17
C GLU A 540 -9.47 -24.28 35.32
N TYR A 541 -9.27 -25.60 35.46
CA TYR A 541 -8.40 -26.32 34.55
C TYR A 541 -8.83 -26.11 33.11
N VAL A 542 -10.15 -26.01 32.86
CA VAL A 542 -10.62 -25.77 31.51
C VAL A 542 -10.09 -24.45 31.00
N ALA A 543 -10.08 -23.43 31.87
CA ALA A 543 -9.53 -22.13 31.49
C ALA A 543 -8.10 -22.26 31.01
N SER A 544 -7.30 -23.11 31.67
CA SER A 544 -5.97 -23.34 31.17
C SER A 544 -5.99 -24.16 29.88
N MET A 545 -6.79 -25.23 29.86
CA MET A 545 -6.68 -26.22 28.80
C MET A 545 -6.99 -25.61 27.46
N VAL A 546 -8.06 -24.82 27.38
CA VAL A 546 -8.46 -24.22 26.11
C VAL A 546 -7.37 -23.32 25.60
N PHE A 547 -6.71 -22.56 26.49
CA PHE A 547 -5.62 -21.71 26.01
C PHE A 547 -4.52 -22.56 25.41
N SER A 548 -4.16 -23.65 26.10
CA SER A 548 -3.17 -24.57 25.56
C SER A 548 -3.64 -25.10 24.22
N LEU A 549 -4.92 -25.48 24.14
CA LEU A 549 -5.48 -25.99 22.90
C LEU A 549 -5.34 -24.95 21.81
N ALA A 550 -5.74 -23.71 22.10
CA ALA A 550 -5.62 -22.65 21.11
C ALA A 550 -4.18 -22.47 20.72
N MET A 551 -3.29 -22.40 21.73
CA MET A 551 -1.88 -22.20 21.43
C MET A 551 -1.35 -23.35 20.61
N GLY A 552 -1.77 -24.57 20.95
CA GLY A 552 -1.29 -25.73 20.23
C GLY A 552 -1.60 -25.63 18.76
N TRP A 553 -2.83 -25.23 18.43
CA TRP A 553 -3.17 -25.14 17.02
C TRP A 553 -2.38 -24.03 16.34
N THR A 554 -2.24 -22.89 17.02
CA THR A 554 -1.45 -21.82 16.42
C THR A 554 0.01 -22.20 16.36
N ASN A 555 0.47 -23.10 17.23
CA ASN A 555 1.86 -23.51 17.16
C ASN A 555 2.14 -24.36 15.93
N MET A 556 1.11 -24.81 15.21
CA MET A 556 1.37 -25.45 13.93
C MET A 556 2.04 -24.51 12.94
N LEU A 557 1.92 -23.20 13.13
CA LEU A 557 2.66 -22.28 12.27
C LEU A 557 4.16 -22.47 12.38
N TYR A 558 4.66 -22.99 13.50
CA TYR A 558 6.08 -23.30 13.59
C TYR A 558 6.49 -24.27 12.50
N TYR A 559 5.68 -25.28 12.24
CA TYR A 559 6.01 -26.21 11.18
C TYR A 559 5.81 -25.60 9.81
N THR A 560 4.98 -24.57 9.70
CA THR A 560 4.84 -23.87 8.44
C THR A 560 6.14 -23.18 8.06
N ARG A 561 6.83 -22.60 9.03
CA ARG A 561 8.14 -22.03 8.77
C ARG A 561 9.10 -23.12 8.32
N GLY A 562 9.88 -22.81 7.30
CA GLY A 562 10.69 -23.78 6.59
C GLY A 562 10.18 -24.04 5.19
N PHE A 563 8.90 -23.78 4.93
CA PHE A 563 8.35 -23.76 3.59
C PHE A 563 8.58 -22.38 3.01
N GLN A 564 9.10 -22.32 1.77
CA GLN A 564 9.49 -21.05 1.19
C GLN A 564 8.29 -20.13 1.03
N GLN A 565 7.15 -20.67 0.61
CA GLN A 565 5.97 -19.86 0.34
C GLN A 565 5.11 -19.67 1.59
N MET A 566 4.80 -20.75 2.29
CA MET A 566 3.89 -20.68 3.42
C MET A 566 4.55 -20.15 4.70
N GLY A 567 5.85 -20.38 4.87
CA GLY A 567 6.51 -19.97 6.10
C GLY A 567 6.64 -18.47 6.26
N ILE A 568 6.62 -17.72 5.15
CA ILE A 568 6.74 -16.27 5.21
C ILE A 568 5.59 -15.69 6.01
N TYR A 569 4.41 -16.28 5.90
CA TYR A 569 3.25 -15.76 6.64
C TYR A 569 3.45 -15.91 8.15
N ALA A 570 3.93 -17.06 8.61
CA ALA A 570 4.17 -17.22 10.04
C ALA A 570 5.29 -16.31 10.51
N VAL A 571 6.31 -16.12 9.68
CA VAL A 571 7.39 -15.18 10.03
C VAL A 571 6.84 -13.78 10.19
N MET A 572 5.99 -13.34 9.26
CA MET A 572 5.43 -12.00 9.34
C MET A 572 4.55 -11.86 10.57
N ILE A 573 3.80 -12.90 10.93
CA ILE A 573 2.99 -12.83 12.15
C ILE A 573 3.88 -12.65 13.37
N GLU A 574 4.95 -13.44 13.46
CA GLU A 574 5.88 -13.33 14.57
C GLU A 574 6.48 -11.93 14.65
N LYS A 575 6.94 -11.42 13.51
CA LYS A 575 7.59 -10.11 13.51
C LYS A 575 6.60 -9.01 13.87
N MET A 576 5.37 -9.08 13.36
CA MET A 576 4.39 -8.06 13.71
C MET A 576 4.03 -8.11 15.18
N ILE A 577 3.86 -9.30 15.74
CA ILE A 577 3.52 -9.40 17.16
C ILE A 577 4.65 -8.85 18.02
N LEU A 578 5.89 -9.21 17.71
CA LEU A 578 6.99 -8.79 18.57
C LEU A 578 7.34 -7.32 18.38
N ARG A 579 7.31 -6.83 17.15
CA ARG A 579 7.80 -5.50 16.83
C ARG A 579 6.70 -4.45 16.82
N ASP A 580 5.65 -4.66 16.03
CA ASP A 580 4.68 -3.63 15.72
C ASP A 580 3.45 -3.64 16.60
N LEU A 581 3.14 -4.77 17.24
CA LEU A 581 1.89 -4.85 17.99
C LEU A 581 1.92 -3.98 19.24
N CYS A 582 3.09 -3.81 19.86
CA CYS A 582 3.16 -3.03 21.10
C CYS A 582 2.71 -1.59 20.88
N ARG A 583 3.21 -0.96 19.81
CA ARG A 583 2.91 0.45 19.56
C ARG A 583 1.42 0.64 19.31
N PHE A 584 0.87 -0.15 18.39
CA PHE A 584 -0.54 -0.03 18.05
C PHE A 584 -1.41 -0.35 19.25
N MET A 585 -1.08 -1.41 19.99
CA MET A 585 -1.91 -1.77 21.13
C MET A 585 -1.87 -0.69 22.20
N PHE A 586 -0.71 -0.07 22.44
CA PHE A 586 -0.68 1.00 23.42
C PHE A 586 -1.54 2.18 22.98
N VAL A 587 -1.37 2.65 21.75
CA VAL A 587 -2.14 3.80 21.29
C VAL A 587 -3.62 3.48 21.26
N TYR A 588 -3.98 2.31 20.73
CA TYR A 588 -5.37 1.90 20.64
C TYR A 588 -6.00 1.76 22.02
N LEU A 589 -5.29 1.14 22.97
CA LEU A 589 -5.85 1.00 24.30
C LEU A 589 -5.96 2.34 25.01
N VAL A 590 -5.03 3.26 24.74
CA VAL A 590 -5.16 4.59 25.32
C VAL A 590 -6.42 5.28 24.82
N PHE A 591 -6.65 5.24 23.51
CA PHE A 591 -7.86 5.86 22.97
C PHE A 591 -9.11 5.15 23.46
N LEU A 592 -9.09 3.81 23.45
CA LEU A 592 -10.26 3.05 23.87
C LEU A 592 -10.59 3.31 25.33
N PHE A 593 -9.57 3.30 26.19
CA PHE A 593 -9.80 3.51 27.60
C PHE A 593 -10.24 4.94 27.88
N GLY A 594 -9.61 5.92 27.21
CA GLY A 594 -10.02 7.30 27.41
C GLY A 594 -11.45 7.55 27.01
N PHE A 595 -11.84 7.08 25.83
CA PHE A 595 -13.20 7.33 25.38
C PHE A 595 -14.21 6.46 26.11
N SER A 596 -13.83 5.25 26.52
CA SER A 596 -14.75 4.44 27.31
C SER A 596 -14.94 5.03 28.70
N THR A 597 -13.91 5.61 29.29
CA THR A 597 -14.08 6.30 30.57
C THR A 597 -14.94 7.54 30.41
N ALA A 598 -14.75 8.28 29.32
CA ALA A 598 -15.60 9.43 29.05
C ALA A 598 -17.05 9.00 28.89
N VAL A 599 -17.29 7.92 28.15
CA VAL A 599 -18.66 7.48 27.87
C VAL A 599 -19.30 6.93 29.13
N VAL A 600 -18.58 6.08 29.89
CA VAL A 600 -19.16 5.50 31.08
C VAL A 600 -19.41 6.57 32.13
N THR A 601 -18.57 7.61 32.18
CA THR A 601 -18.85 8.74 33.04
C THR A 601 -20.10 9.48 32.59
N LEU A 602 -20.27 9.64 31.28
CA LEU A 602 -21.40 10.40 30.77
C LEU A 602 -22.72 9.69 31.06
N ILE A 603 -22.78 8.38 30.88
CA ILE A 603 -24.02 7.64 31.05
C ILE A 603 -24.28 7.40 32.54
N GLU A 604 -25.56 7.43 32.90
CA GLU A 604 -25.98 7.24 34.28
C GLU A 604 -27.33 6.52 34.27
N ASP A 605 -27.53 5.65 35.25
CA ASP A 605 -28.76 4.86 35.29
C ASP A 605 -29.98 5.77 35.49
N GLY A 606 -31.06 5.43 34.81
CA GLY A 606 -32.30 6.19 34.90
C GLY A 606 -33.50 5.38 34.47
N SER A 630 -27.29 -1.97 32.96
CA SER A 630 -26.91 -2.18 31.57
C SER A 630 -25.97 -1.08 31.09
N TYR A 631 -24.73 -1.48 30.77
CA TYR A 631 -23.67 -0.62 30.25
C TYR A 631 -23.13 0.36 31.26
N ASN A 632 -23.60 0.34 32.51
CA ASN A 632 -23.13 1.29 33.50
C ASN A 632 -21.71 0.99 33.98
N SER A 633 -21.14 -0.15 33.61
CA SER A 633 -19.79 -0.53 33.99
C SER A 633 -18.79 -0.07 32.93
N LEU A 634 -17.56 0.12 33.38
CA LEU A 634 -16.49 0.48 32.45
C LEU A 634 -16.19 -0.65 31.49
N TYR A 635 -16.30 -1.90 31.96
CA TYR A 635 -16.03 -3.04 31.11
C TYR A 635 -17.01 -3.11 29.94
N SER A 636 -18.30 -2.94 30.22
CA SER A 636 -19.31 -3.01 29.16
C SER A 636 -19.10 -1.90 28.14
N THR A 637 -18.78 -0.68 28.61
CA THR A 637 -18.51 0.42 27.68
C THR A 637 -17.26 0.14 26.86
N CYS A 638 -16.23 -0.45 27.47
CA CYS A 638 -15.04 -0.81 26.72
C CYS A 638 -15.35 -1.82 25.63
N LEU A 639 -16.19 -2.82 25.94
CA LEU A 639 -16.60 -3.77 24.91
C LEU A 639 -17.39 -3.09 23.81
N GLU A 640 -18.30 -2.19 24.18
CA GLU A 640 -19.13 -1.53 23.17
C GLU A 640 -18.29 -0.64 22.26
N LEU A 641 -17.25 0.00 22.80
CA LEU A 641 -16.37 0.79 21.96
C LEU A 641 -15.43 -0.08 21.15
N PHE A 642 -15.01 -1.22 21.69
CA PHE A 642 -14.22 -2.17 20.91
C PHE A 642 -15.01 -2.68 19.72
N LYS A 643 -16.32 -2.85 19.89
CA LYS A 643 -17.16 -3.35 18.81
C LYS A 643 -17.07 -2.50 17.55
N PHE A 644 -16.80 -1.21 17.68
CA PHE A 644 -16.65 -0.36 16.50
C PHE A 644 -15.47 -0.83 15.65
N THR A 645 -14.41 -1.30 16.29
CA THR A 645 -13.24 -1.75 15.55
C THR A 645 -13.55 -2.96 14.68
N ILE A 646 -14.46 -3.82 15.13
CA ILE A 646 -14.84 -5.02 14.38
C ILE A 646 -16.10 -4.80 13.55
N GLY A 647 -16.48 -3.55 13.31
CA GLY A 647 -17.62 -3.29 12.45
C GLY A 647 -18.95 -3.65 13.05
N MET A 648 -19.06 -3.70 14.39
CA MET A 648 -20.29 -4.06 15.07
C MET A 648 -20.65 -3.05 16.16
N GLY A 649 -20.20 -1.80 16.01
CA GLY A 649 -20.54 -0.77 16.97
C GLY A 649 -21.93 -0.24 16.71
N ASP A 650 -22.77 -0.26 17.74
CA ASP A 650 -24.17 0.14 17.57
C ASP A 650 -24.31 1.63 17.33
N LEU A 651 -23.52 2.44 18.04
CA LEU A 651 -23.56 3.90 18.01
C LEU A 651 -24.78 4.48 18.71
N GLU A 652 -25.71 3.64 19.16
CA GLU A 652 -26.78 4.04 20.07
C GLU A 652 -27.00 2.92 21.07
N PHE A 653 -25.91 2.38 21.62
CA PHE A 653 -26.03 1.18 22.46
C PHE A 653 -26.73 1.46 23.77
N THR A 654 -26.88 2.73 24.15
CA THR A 654 -27.63 3.08 25.36
C THR A 654 -28.26 4.44 25.16
N GLU A 655 -29.35 4.67 25.91
CA GLU A 655 -29.96 5.98 26.04
C GLU A 655 -29.88 6.50 27.47
N ASN A 656 -29.12 5.83 28.34
CA ASN A 656 -29.08 6.18 29.76
C ASN A 656 -28.08 7.30 29.98
N TYR A 657 -28.43 8.47 29.47
CA TYR A 657 -27.60 9.65 29.63
C TYR A 657 -28.46 10.90 29.48
N ASP A 658 -27.81 11.99 29.85
CA ASP A 658 -28.34 13.31 29.48
C ASP A 658 -27.28 13.76 28.46
N PHE A 659 -27.48 14.86 27.76
CA PHE A 659 -26.57 15.38 26.74
C PHE A 659 -26.27 14.31 25.67
N LYS A 660 -27.32 13.99 24.91
CA LYS A 660 -27.18 13.05 23.80
C LYS A 660 -26.15 13.54 22.79
N ALA A 661 -26.10 14.85 22.56
CA ALA A 661 -25.12 15.39 21.63
C ALA A 661 -23.71 15.07 22.09
N VAL A 662 -23.46 15.14 23.39
CA VAL A 662 -22.12 14.86 23.91
C VAL A 662 -21.76 13.40 23.71
N PHE A 663 -22.70 12.50 24.00
CA PHE A 663 -22.47 11.07 23.82
C PHE A 663 -22.16 10.75 22.36
N ILE A 664 -22.96 11.29 21.44
CA ILE A 664 -22.77 10.99 20.04
C ILE A 664 -21.49 11.63 19.53
N ILE A 665 -21.15 12.83 19.99
CA ILE A 665 -19.89 13.46 19.59
C ILE A 665 -18.71 12.63 20.09
N LEU A 666 -18.79 12.12 21.32
CA LEU A 666 -17.71 11.27 21.82
C LEU A 666 -17.56 10.01 20.99
N LEU A 667 -18.67 9.34 20.67
CA LEU A 667 -18.58 8.12 19.89
C LEU A 667 -18.08 8.39 18.48
N LEU A 668 -18.53 9.48 17.85
CA LEU A 668 -18.05 9.80 16.52
C LEU A 668 -16.57 10.15 16.53
N ALA A 669 -16.12 10.89 17.55
CA ALA A 669 -14.70 11.19 17.66
C ALA A 669 -13.89 9.93 17.87
N TYR A 670 -14.41 9.00 18.69
CA TYR A 670 -13.71 7.74 18.88
C TYR A 670 -13.63 6.95 17.58
N VAL A 671 -14.72 6.91 16.82
CA VAL A 671 -14.73 6.17 15.56
C VAL A 671 -13.72 6.77 14.60
N ILE A 672 -13.74 8.10 14.45
CA ILE A 672 -12.86 8.76 13.50
C ILE A 672 -11.40 8.58 13.92
N LEU A 673 -11.13 8.72 15.22
CA LEU A 673 -9.77 8.58 15.71
C LEU A 673 -9.29 7.14 15.60
N THR A 674 -10.16 6.17 15.85
CA THR A 674 -9.76 4.77 15.74
C THR A 674 -9.47 4.42 14.29
N TYR A 675 -10.28 4.91 13.35
CA TYR A 675 -10.00 4.63 11.94
C TYR A 675 -8.76 5.39 11.48
N ILE A 676 -8.51 6.58 12.02
CA ILE A 676 -7.26 7.27 11.77
C ILE A 676 -6.09 6.44 12.28
N LEU A 677 -6.25 5.84 13.47
CA LEU A 677 -5.19 5.02 14.05
C LEU A 677 -4.93 3.78 13.20
N LEU A 678 -5.99 3.09 12.77
CA LEU A 678 -5.81 1.92 11.93
C LEU A 678 -5.18 2.30 10.59
N LEU A 679 -5.58 3.43 10.04
CA LEU A 679 -5.00 3.94 8.81
C LEU A 679 -3.53 4.24 8.98
N ASN A 680 -3.15 4.85 10.11
CA ASN A 680 -1.75 5.15 10.36
C ASN A 680 -0.93 3.89 10.63
N MET A 681 -1.54 2.87 11.25
CA MET A 681 -0.86 1.59 11.39
C MET A 681 -0.56 1.01 10.02
N LEU A 682 -1.59 0.98 9.16
CA LEU A 682 -1.41 0.49 7.78
C LEU A 682 -0.27 1.28 7.14
N ILE A 683 -0.32 2.60 7.20
CA ILE A 683 0.67 3.45 6.53
C ILE A 683 2.06 3.16 7.05
N ALA A 684 2.21 3.04 8.37
CA ALA A 684 3.54 2.80 8.95
C ALA A 684 4.07 1.45 8.52
N LEU A 685 3.21 0.44 8.43
CA LEU A 685 3.65 -0.88 7.99
C LEU A 685 3.96 -0.88 6.50
N MET A 686 3.19 -0.15 5.69
CA MET A 686 3.44 -0.09 4.26
C MET A 686 4.67 0.73 3.92
N GLY A 687 5.09 1.62 4.81
CA GLY A 687 6.34 2.34 4.60
C GLY A 687 7.56 1.45 4.71
N GLU A 688 7.43 0.28 5.32
CA GLU A 688 8.53 -0.67 5.49
C GLU A 688 8.48 -1.82 4.48
N THR A 689 7.63 -1.72 3.45
CA THR A 689 7.47 -2.79 2.48
C THR A 689 8.34 -2.65 1.25
N VAL A 690 9.25 -1.67 1.20
CA VAL A 690 10.07 -1.45 0.02
C VAL A 690 11.27 -2.39 0.11
N ASN A 691 11.07 -3.64 -0.31
CA ASN A 691 12.09 -4.70 -0.38
C ASN A 691 12.66 -5.08 0.99
N LYS A 692 12.14 -4.55 2.09
CA LYS A 692 12.71 -4.78 3.41
C LYS A 692 12.07 -5.98 4.10
N ILE A 693 10.75 -5.94 4.30
CA ILE A 693 10.06 -7.00 5.04
C ILE A 693 10.15 -8.32 4.28
N ALA A 694 9.99 -8.27 2.95
CA ALA A 694 10.06 -9.51 2.17
C ALA A 694 11.44 -10.15 2.28
N GLN A 695 12.50 -9.36 2.18
CA GLN A 695 13.85 -9.90 2.29
C GLN A 695 14.10 -10.44 3.69
N GLU A 696 13.64 -9.72 4.71
CA GLU A 696 13.80 -10.20 6.08
C GLU A 696 13.08 -11.52 6.28
N SER A 697 11.89 -11.66 5.72
CA SER A 697 11.13 -12.90 5.90
C SER A 697 11.76 -14.07 5.15
N LYS A 698 12.30 -13.82 3.95
CA LYS A 698 13.02 -14.89 3.26
C LYS A 698 14.25 -15.31 4.05
N ASN A 699 14.96 -14.33 4.63
CA ASN A 699 16.12 -14.65 5.45
C ASN A 699 15.74 -15.48 6.67
N ILE A 700 14.65 -15.12 7.33
CA ILE A 700 14.21 -15.87 8.50
C ILE A 700 13.78 -17.27 8.10
N TRP A 701 13.17 -17.41 6.92
CA TRP A 701 12.84 -18.75 6.43
C TRP A 701 14.09 -19.60 6.27
N LYS A 702 15.14 -19.03 5.66
CA LYS A 702 16.39 -19.76 5.51
C LYS A 702 16.96 -20.14 6.87
N LEU A 703 16.92 -19.20 7.82
CA LEU A 703 17.44 -19.47 9.16
C LEU A 703 16.66 -20.57 9.86
N GLN A 704 15.33 -20.56 9.73
CA GLN A 704 14.54 -21.61 10.36
C GLN A 704 14.81 -22.96 9.72
N ARG A 705 15.01 -22.99 8.40
CA ARG A 705 15.41 -24.23 7.75
C ARG A 705 16.72 -24.75 8.33
N ALA A 706 17.70 -23.86 8.49
CA ALA A 706 18.98 -24.27 9.08
C ALA A 706 18.82 -24.75 10.51
N ILE A 707 17.99 -24.06 11.30
CA ILE A 707 17.77 -24.45 12.69
C ILE A 707 17.12 -25.82 12.75
N THR A 708 16.13 -26.06 11.90
CA THR A 708 15.50 -27.37 11.85
C THR A 708 16.50 -28.46 11.50
N ILE A 709 17.39 -28.18 10.53
CA ILE A 709 18.39 -29.17 10.15
C ILE A 709 19.32 -29.45 11.33
N LEU A 710 19.76 -28.41 12.02
CA LEU A 710 20.67 -28.60 13.14
C LEU A 710 20.01 -29.37 14.27
N ASP A 711 18.76 -29.04 14.60
CA ASP A 711 18.08 -29.75 15.68
C ASP A 711 17.87 -31.22 15.33
N THR A 712 17.46 -31.50 14.09
CA THR A 712 17.25 -32.87 13.69
C THR A 712 18.56 -33.66 13.70
N GLU A 713 19.65 -33.04 13.24
CA GLU A 713 20.94 -33.71 13.28
C GLU A 713 21.40 -33.92 14.72
N LYS A 714 21.08 -32.99 15.62
CA LYS A 714 21.43 -33.19 17.02
C LYS A 714 20.68 -34.37 17.62
N SER A 715 19.41 -34.55 17.26
CA SER A 715 18.65 -35.68 17.79
C SER A 715 19.09 -36.98 17.14
N PHE A 716 19.11 -37.03 15.80
CA PHE A 716 19.48 -38.24 15.02
C PHE A 716 18.68 -39.52 15.28
N LEU A 717 18.13 -39.71 16.48
CA LEU A 717 17.33 -40.89 16.84
C LEU A 717 17.74 -42.22 16.22
N LYS A 718 19.04 -42.51 16.17
CA LYS A 718 19.51 -43.73 15.53
C LYS A 718 20.84 -44.14 16.13
N CYS A 719 21.25 -43.48 17.21
CA CYS A 719 22.55 -43.73 17.82
C CYS A 719 23.67 -43.70 16.79
N MET A 720 23.49 -42.93 15.72
CA MET A 720 24.49 -42.79 14.65
C MET A 720 24.53 -41.32 14.26
N ARG A 721 25.73 -40.74 14.30
CA ARG A 721 25.90 -39.31 14.11
C ARG A 721 26.42 -38.92 12.73
N LYS A 722 27.07 -39.84 12.02
CA LYS A 722 27.74 -39.48 10.78
C LYS A 722 26.71 -39.20 9.68
N ALA A 723 26.80 -38.01 9.08
CA ALA A 723 25.92 -37.60 7.99
C ALA A 723 26.71 -36.83 6.94
N PHE A 724 27.97 -37.19 6.75
CA PHE A 724 28.83 -36.49 5.80
C PHE A 724 28.60 -37.02 4.39
N ARG A 725 28.89 -36.18 3.39
CA ARG A 725 28.55 -36.48 2.00
C ARG A 725 29.58 -37.39 1.34
N SER A 726 30.83 -36.93 1.22
CA SER A 726 31.85 -37.64 0.46
C SER A 726 32.79 -38.48 1.32
N GLY A 727 32.88 -38.20 2.62
CA GLY A 727 33.76 -38.95 3.47
C GLY A 727 35.21 -38.48 3.37
N LYS A 728 36.10 -39.31 3.93
CA LYS A 728 37.52 -39.01 3.98
C LYS A 728 38.18 -39.43 2.67
N LEU A 729 38.10 -38.55 1.68
CA LEU A 729 38.72 -38.79 0.39
C LEU A 729 40.21 -38.43 0.45
N ASP A 740 47.30 -39.31 4.32
CA ASP A 740 46.53 -38.54 3.36
C ASP A 740 45.69 -37.47 4.06
N ASP A 741 45.04 -36.61 3.27
CA ASP A 741 44.24 -35.50 3.80
C ASP A 741 42.82 -35.98 4.02
N TYR A 742 42.49 -36.32 5.26
CA TYR A 742 41.14 -36.74 5.65
C TYR A 742 40.39 -35.51 6.15
N ARG A 743 39.83 -34.75 5.20
CA ARG A 743 39.21 -33.46 5.48
C ARG A 743 37.69 -33.50 5.41
N TRP A 744 37.07 -34.68 5.39
CA TRP A 744 35.63 -34.82 5.28
C TRP A 744 35.08 -34.04 4.09
N CYS A 745 35.45 -34.45 2.87
CA CYS A 745 35.14 -33.67 1.69
C CYS A 745 33.63 -33.60 1.45
N PHE A 746 33.24 -32.58 0.69
CA PHE A 746 31.85 -32.38 0.26
C PHE A 746 31.90 -32.01 -1.22
N ARG A 747 31.36 -32.88 -2.07
CA ARG A 747 31.44 -32.68 -3.51
C ARG A 747 30.30 -31.76 -3.96
N VAL A 748 30.66 -30.65 -4.62
CA VAL A 748 29.70 -29.74 -5.24
C VAL A 748 29.99 -29.69 -6.72
N ASP A 749 28.95 -29.85 -7.53
CA ASP A 749 29.08 -29.87 -8.99
C ASP A 749 28.44 -28.64 -9.62
N SER B 286 -0.40 21.63 -47.88
CA SER B 286 -1.61 20.85 -48.12
C SER B 286 -2.71 21.21 -47.12
N VAL B 287 -2.30 21.57 -45.90
CA VAL B 287 -3.23 21.90 -44.83
C VAL B 287 -3.17 23.40 -44.50
N GLY B 288 -2.75 24.23 -45.44
CA GLY B 288 -2.75 25.67 -45.24
C GLY B 288 -1.66 26.18 -44.34
N ASN B 289 -0.73 25.33 -43.91
CA ASN B 289 0.30 25.69 -42.94
C ASN B 289 1.57 26.14 -43.67
N THR B 290 2.59 26.46 -42.87
CA THR B 290 3.92 26.82 -43.36
C THR B 290 4.95 25.89 -42.73
N VAL B 291 6.23 26.19 -42.95
CA VAL B 291 7.31 25.32 -42.50
C VAL B 291 7.34 25.25 -40.97
N LEU B 292 6.97 26.34 -40.30
CA LEU B 292 7.05 26.38 -38.84
C LEU B 292 6.14 25.34 -38.20
N HIS B 293 4.95 25.14 -38.76
CA HIS B 293 4.03 24.14 -38.20
C HIS B 293 4.61 22.74 -38.34
N ALA B 294 5.13 22.40 -39.52
CA ALA B 294 5.71 21.09 -39.71
C ALA B 294 6.92 20.88 -38.80
N LEU B 295 7.74 21.92 -38.61
CA LEU B 295 8.86 21.80 -37.70
C LEU B 295 8.40 21.60 -36.27
N VAL B 296 7.33 22.28 -35.86
CA VAL B 296 6.76 22.06 -34.54
C VAL B 296 6.31 20.61 -34.40
N GLU B 297 5.74 20.04 -35.47
CA GLU B 297 5.30 18.65 -35.43
C GLU B 297 6.45 17.65 -35.24
N VAL B 298 7.69 18.07 -35.51
CA VAL B 298 8.81 17.14 -35.41
C VAL B 298 9.06 16.73 -33.95
N ALA B 299 8.90 17.68 -33.03
CA ALA B 299 9.32 17.45 -31.65
C ALA B 299 8.51 16.33 -31.00
N ASP B 300 9.18 15.58 -30.12
CA ASP B 300 8.54 14.56 -29.29
C ASP B 300 8.92 14.74 -27.83
N ASN B 301 9.24 15.97 -27.43
CA ASN B 301 9.57 16.30 -26.03
C ASN B 301 10.78 15.51 -25.55
N THR B 302 11.79 15.40 -26.40
CA THR B 302 13.08 14.83 -26.05
C THR B 302 14.15 15.88 -26.23
N VAL B 303 15.29 15.69 -25.56
CA VAL B 303 16.32 16.71 -25.52
C VAL B 303 16.88 16.97 -26.92
N ASP B 304 17.19 15.91 -27.66
CA ASP B 304 17.84 16.07 -28.96
C ASP B 304 16.89 16.68 -29.97
N ASN B 305 15.66 16.16 -30.05
CA ASN B 305 14.71 16.71 -30.99
C ASN B 305 14.27 18.12 -30.58
N THR B 306 14.20 18.39 -29.28
CA THR B 306 13.90 19.75 -28.84
C THR B 306 14.99 20.72 -29.27
N LYS B 307 16.26 20.34 -29.10
CA LYS B 307 17.35 21.20 -29.55
C LYS B 307 17.34 21.38 -31.06
N PHE B 308 17.08 20.31 -31.80
CA PHE B 308 17.01 20.40 -33.25
C PHE B 308 15.91 21.37 -33.68
N VAL B 309 14.72 21.22 -33.10
CA VAL B 309 13.61 22.10 -33.44
C VAL B 309 13.92 23.53 -33.03
N THR B 310 14.56 23.71 -31.88
CA THR B 310 14.94 25.05 -31.43
C THR B 310 15.86 25.73 -32.44
N SER B 311 16.92 25.04 -32.85
CA SER B 311 17.87 25.61 -33.79
C SER B 311 17.20 25.92 -35.13
N MET B 312 16.43 24.96 -35.65
CA MET B 312 15.79 25.18 -36.95
C MET B 312 14.77 26.31 -36.88
N TYR B 313 14.00 26.39 -35.79
CA TYR B 313 13.00 27.44 -35.65
C TYR B 313 13.67 28.81 -35.57
N ASN B 314 14.75 28.92 -34.80
CA ASN B 314 15.46 30.20 -34.70
C ASN B 314 16.03 30.60 -36.06
N GLU B 315 16.67 29.67 -36.76
CA GLU B 315 17.27 30.01 -38.06
C GLU B 315 16.20 30.36 -39.09
N ILE B 316 15.08 29.64 -39.09
CA ILE B 316 14.00 29.93 -40.03
C ILE B 316 13.43 31.32 -39.76
N LEU B 317 13.20 31.65 -38.50
CA LEU B 317 12.68 32.98 -38.18
C LEU B 317 13.66 34.08 -38.61
N ILE B 318 14.95 33.88 -38.32
CA ILE B 318 15.94 34.90 -38.67
C ILE B 318 16.01 35.09 -40.17
N LEU B 319 16.07 33.99 -40.92
CA LEU B 319 16.17 34.08 -42.37
C LEU B 319 14.90 34.65 -42.98
N GLY B 320 13.73 34.28 -42.45
CA GLY B 320 12.50 34.86 -42.96
C GLY B 320 12.43 36.35 -42.72
N ALA B 321 12.88 36.80 -41.54
CA ALA B 321 12.90 38.24 -41.27
C ALA B 321 13.86 38.95 -42.22
N LYS B 322 15.01 38.33 -42.52
CA LYS B 322 15.94 38.94 -43.45
C LYS B 322 15.41 38.94 -44.87
N LEU B 323 14.59 37.95 -45.23
CA LEU B 323 14.03 37.87 -46.58
C LEU B 323 12.77 38.70 -46.73
N HIS B 324 11.91 38.69 -45.71
CA HIS B 324 10.64 39.42 -45.71
C HIS B 324 10.50 40.17 -44.40
N PRO B 325 11.20 41.30 -44.26
CA PRO B 325 11.11 42.06 -42.99
C PRO B 325 9.72 42.58 -42.68
N THR B 326 8.85 42.72 -43.68
CA THR B 326 7.53 43.30 -43.48
C THR B 326 6.48 42.30 -43.04
N LEU B 327 6.77 40.99 -43.09
CA LEU B 327 5.80 39.96 -42.79
C LEU B 327 5.99 39.42 -41.38
N LYS B 328 4.86 39.09 -40.74
CA LYS B 328 4.86 38.44 -39.43
C LYS B 328 4.90 36.93 -39.68
N LEU B 329 6.06 36.32 -39.40
CA LEU B 329 6.28 34.94 -39.81
C LEU B 329 5.42 33.95 -39.01
N GLU B 330 5.18 34.24 -37.73
CA GLU B 330 4.49 33.32 -36.85
C GLU B 330 2.97 33.49 -36.84
N GLU B 331 2.43 34.46 -37.59
CA GLU B 331 1.01 34.73 -37.59
C GLU B 331 0.23 33.91 -38.62
N ILE B 332 0.91 33.13 -39.45
CA ILE B 332 0.21 32.31 -40.43
C ILE B 332 -0.49 31.16 -39.72
N THR B 333 -1.78 30.99 -40.00
CA THR B 333 -2.61 29.96 -39.40
C THR B 333 -2.94 28.89 -40.42
N ASN B 334 -3.02 27.65 -39.96
CA ASN B 334 -3.36 26.51 -40.83
C ASN B 334 -4.88 26.46 -40.98
N ARG B 335 -5.38 25.39 -41.62
CA ARG B 335 -6.82 25.22 -41.80
C ARG B 335 -7.55 25.13 -40.46
N LYS B 336 -6.87 24.71 -39.40
CA LYS B 336 -7.46 24.66 -38.07
C LYS B 336 -7.39 26.00 -37.34
N GLY B 337 -6.80 27.03 -37.94
CA GLY B 337 -6.71 28.31 -37.30
C GLY B 337 -5.63 28.43 -36.24
N LEU B 338 -4.62 27.57 -36.29
CA LEU B 338 -3.58 27.50 -35.27
C LEU B 338 -2.28 28.07 -35.81
N THR B 339 -1.67 28.97 -35.04
CA THR B 339 -0.33 29.44 -35.31
C THR B 339 0.67 28.38 -34.87
N PRO B 340 1.94 28.50 -35.26
CA PRO B 340 2.94 27.54 -34.76
C PRO B 340 3.05 27.54 -33.25
N LEU B 341 2.84 28.69 -32.60
CA LEU B 341 2.80 28.70 -31.14
C LEU B 341 1.55 28.00 -30.64
N ALA B 342 0.39 28.29 -31.23
CA ALA B 342 -0.83 27.60 -30.86
C ALA B 342 -0.76 26.12 -31.20
N LEU B 343 -0.06 25.77 -32.28
CA LEU B 343 0.10 24.36 -32.62
C LEU B 343 0.97 23.65 -31.59
N ALA B 344 2.09 24.28 -31.21
CA ALA B 344 2.96 23.68 -30.20
C ALA B 344 2.23 23.52 -28.88
N ALA B 345 1.41 24.51 -28.51
CA ALA B 345 0.65 24.42 -27.27
C ALA B 345 -0.42 23.33 -27.36
N SER B 346 -1.18 23.31 -28.45
CA SER B 346 -2.28 22.36 -28.58
C SER B 346 -1.76 20.94 -28.80
N SER B 347 -0.61 20.78 -29.43
CA SER B 347 -0.06 19.47 -29.73
C SER B 347 0.69 18.83 -28.57
N GLY B 348 0.83 19.54 -27.45
CA GLY B 348 1.53 18.97 -26.31
C GLY B 348 3.03 18.94 -26.47
N LYS B 349 3.60 19.84 -27.26
CA LYS B 349 5.05 19.92 -27.47
C LYS B 349 5.58 20.93 -26.46
N ILE B 350 5.90 20.43 -25.26
CA ILE B 350 6.21 21.33 -24.15
C ILE B 350 7.57 22.02 -24.37
N GLY B 351 8.56 21.30 -24.91
CA GLY B 351 9.86 21.92 -25.10
C GLY B 351 9.82 23.05 -26.11
N VAL B 352 9.12 22.85 -27.23
CA VAL B 352 9.03 23.89 -28.25
C VAL B 352 8.28 25.09 -27.71
N LEU B 353 7.19 24.86 -26.98
CA LEU B 353 6.44 25.95 -26.37
C LEU B 353 7.31 26.72 -25.38
N ALA B 354 8.07 25.99 -24.55
CA ALA B 354 8.93 26.65 -23.57
C ALA B 354 9.99 27.50 -24.27
N TYR B 355 10.58 27.01 -25.35
CA TYR B 355 11.55 27.81 -26.08
C TYR B 355 10.90 29.05 -26.67
N ILE B 356 9.75 28.88 -27.34
CA ILE B 356 9.15 30.00 -28.06
C ILE B 356 8.71 31.09 -27.10
N LEU B 357 8.02 30.72 -26.02
CA LEU B 357 7.48 31.73 -25.11
C LEU B 357 8.58 32.52 -24.42
N GLN B 358 9.74 31.90 -24.19
CA GLN B 358 10.87 32.54 -23.52
C GLN B 358 11.97 32.95 -24.49
N ARG B 359 11.67 33.03 -25.79
CA ARG B 359 12.70 33.34 -26.77
C ARG B 359 13.23 34.76 -26.56
N GLU B 360 14.56 34.89 -26.53
CA GLU B 360 15.24 36.17 -26.33
C GLU B 360 16.42 36.27 -27.28
N ILE B 361 16.62 37.46 -27.84
CA ILE B 361 17.62 37.70 -28.87
C ILE B 361 18.47 38.89 -28.45
N HIS B 362 19.78 38.76 -28.60
CA HIS B 362 20.77 39.76 -28.17
C HIS B 362 21.75 40.08 -29.29
N GLU B 363 21.24 40.31 -30.50
CA GLU B 363 22.06 40.67 -31.64
C GLU B 363 21.28 41.66 -32.51
N PRO B 364 21.96 42.49 -33.30
CA PRO B 364 21.24 43.44 -34.15
C PRO B 364 20.53 42.74 -35.31
N GLU B 365 19.55 43.44 -35.87
CA GLU B 365 18.72 43.02 -36.99
C GLU B 365 17.75 41.89 -36.63
N CYS B 366 17.69 41.45 -35.36
CA CYS B 366 16.87 40.32 -34.96
C CYS B 366 16.11 40.52 -33.66
N ARG B 367 16.31 41.64 -32.95
CA ARG B 367 15.64 41.82 -31.66
C ARG B 367 14.12 41.86 -31.82
N HIS B 368 13.63 42.30 -32.97
CA HIS B 368 12.18 42.36 -33.20
C HIS B 368 11.52 40.99 -33.23
N LEU B 369 12.28 39.90 -33.35
CA LEU B 369 11.73 38.55 -33.34
C LEU B 369 11.62 37.94 -31.96
N SER B 370 12.09 38.62 -30.92
CA SER B 370 12.09 38.07 -29.57
C SER B 370 10.76 38.37 -28.87
N ARG B 371 10.49 37.59 -27.82
CA ARG B 371 9.32 37.77 -26.97
C ARG B 371 9.68 38.15 -25.54
N LYS B 372 10.74 37.57 -24.99
CA LYS B 372 11.21 37.92 -23.66
C LYS B 372 12.25 39.03 -23.77
N PHE B 373 12.15 40.01 -22.89
CA PHE B 373 13.07 41.14 -22.83
C PHE B 373 13.50 41.35 -21.38
N THR B 374 14.80 41.31 -21.14
CA THR B 374 15.34 41.47 -19.79
C THR B 374 15.49 42.95 -19.48
N GLU B 375 14.96 43.38 -18.34
CA GLU B 375 15.03 44.76 -17.89
C GLU B 375 16.06 44.97 -16.80
N TRP B 376 16.20 44.01 -15.88
CA TRP B 376 17.24 44.03 -14.86
C TRP B 376 17.87 42.66 -14.74
N ALA B 377 19.17 42.63 -14.44
CA ALA B 377 19.92 41.39 -14.26
C ALA B 377 20.72 41.49 -12.96
N TYR B 378 20.20 40.91 -11.89
CA TYR B 378 20.89 40.74 -10.62
C TYR B 378 21.30 39.28 -10.48
N GLY B 379 22.01 38.99 -9.38
CA GLY B 379 22.49 37.65 -9.13
C GLY B 379 21.36 36.64 -9.01
N PRO B 380 20.53 36.77 -7.97
CA PRO B 380 19.40 35.84 -7.80
C PRO B 380 18.11 36.26 -8.49
N VAL B 381 18.02 37.49 -8.98
CA VAL B 381 16.80 38.04 -9.57
C VAL B 381 17.10 38.52 -10.97
N HIS B 382 16.25 38.14 -11.92
CA HIS B 382 16.31 38.64 -13.30
C HIS B 382 14.92 39.13 -13.66
N SER B 383 14.77 40.45 -13.81
CA SER B 383 13.47 41.06 -14.09
C SER B 383 13.34 41.22 -15.59
N SER B 384 12.32 40.56 -16.16
CA SER B 384 12.15 40.47 -17.61
C SER B 384 10.70 40.71 -17.99
N LEU B 385 10.51 41.21 -19.21
CA LEU B 385 9.20 41.49 -19.78
C LEU B 385 8.88 40.43 -20.83
N TYR B 386 7.80 39.68 -20.61
CA TYR B 386 7.30 38.70 -21.55
C TYR B 386 6.22 39.32 -22.43
N ASP B 387 6.03 38.72 -23.60
CA ASP B 387 5.03 39.16 -24.57
C ASP B 387 3.75 38.38 -24.33
N LEU B 388 2.68 39.08 -23.95
CA LEU B 388 1.37 38.45 -23.78
C LEU B 388 0.62 38.29 -25.09
N SER B 389 1.12 38.83 -26.20
CA SER B 389 0.42 38.68 -27.47
C SER B 389 0.31 37.20 -27.84
N CYS B 390 -0.90 36.82 -28.26
CA CYS B 390 -1.31 35.47 -28.64
C CYS B 390 -1.48 34.53 -27.44
N ILE B 391 -1.16 34.96 -26.22
CA ILE B 391 -1.36 34.12 -25.04
C ILE B 391 -2.73 34.39 -24.41
N ASP B 392 -3.09 35.68 -24.28
CA ASP B 392 -4.42 36.02 -23.78
C ASP B 392 -5.48 35.93 -24.87
N THR B 393 -5.12 36.23 -26.12
CA THR B 393 -6.08 36.19 -27.21
C THR B 393 -5.34 36.14 -28.54
N CYS B 394 -5.84 35.30 -29.45
CA CYS B 394 -5.52 35.37 -30.87
C CYS B 394 -6.75 35.73 -31.70
N GLU B 395 -7.89 36.01 -31.05
CA GLU B 395 -9.21 36.22 -31.63
C GLU B 395 -9.86 34.92 -32.11
N LYS B 396 -9.13 33.82 -32.14
CA LYS B 396 -9.73 32.49 -32.34
C LYS B 396 -9.28 31.48 -31.28
N ASN B 397 -7.96 31.35 -31.11
CA ASN B 397 -7.38 30.27 -30.29
C ASN B 397 -6.12 30.79 -29.61
N SER B 398 -6.22 31.12 -28.32
CA SER B 398 -5.07 31.56 -27.55
C SER B 398 -4.30 30.37 -26.98
N VAL B 399 -3.10 30.64 -26.46
CA VAL B 399 -2.25 29.58 -25.93
C VAL B 399 -2.89 28.94 -24.70
N LEU B 400 -3.38 29.76 -23.78
CA LEU B 400 -4.02 29.23 -22.58
C LEU B 400 -5.27 28.45 -22.93
N GLU B 401 -6.04 28.93 -23.92
CA GLU B 401 -7.26 28.23 -24.32
C GLU B 401 -6.93 26.85 -24.87
N VAL B 402 -5.96 26.76 -25.77
CA VAL B 402 -5.64 25.46 -26.36
C VAL B 402 -5.02 24.52 -25.34
N ILE B 403 -4.23 25.05 -24.40
CA ILE B 403 -3.67 24.19 -23.36
C ILE B 403 -4.78 23.64 -22.47
N ALA B 404 -5.68 24.52 -22.03
CA ALA B 404 -6.72 24.11 -21.08
C ALA B 404 -7.77 23.23 -21.74
N TYR B 405 -8.19 23.57 -22.96
CA TYR B 405 -9.31 22.93 -23.62
C TYR B 405 -8.87 21.87 -24.63
N SER B 406 -7.67 21.31 -24.47
CA SER B 406 -7.25 20.22 -25.33
C SER B 406 -7.99 18.94 -24.97
N SER B 407 -7.86 17.94 -25.84
CA SER B 407 -8.56 16.68 -25.67
C SER B 407 -8.06 15.85 -24.49
N SER B 408 -6.92 16.22 -23.89
CA SER B 408 -6.26 15.52 -22.79
C SER B 408 -5.50 14.29 -23.26
N GLU B 409 -5.55 13.94 -24.55
CA GLU B 409 -4.81 12.82 -25.09
C GLU B 409 -3.43 13.23 -25.63
N THR B 410 -3.05 14.49 -25.49
CA THR B 410 -1.78 14.97 -26.00
C THR B 410 -0.65 14.50 -25.08
N PRO B 411 0.60 14.47 -25.59
CA PRO B 411 1.69 13.87 -24.79
C PRO B 411 1.93 14.54 -23.44
N ASN B 412 2.25 15.83 -23.43
CA ASN B 412 2.65 16.52 -22.21
C ASN B 412 2.08 17.95 -22.16
N ARG B 413 0.78 18.10 -22.45
CA ARG B 413 0.14 19.38 -22.19
C ARG B 413 0.07 19.68 -20.70
N HIS B 414 0.18 18.65 -19.86
CA HIS B 414 -0.11 18.79 -18.43
C HIS B 414 0.84 19.76 -17.75
N ASP B 415 2.13 19.71 -18.10
CA ASP B 415 3.14 20.54 -17.47
C ASP B 415 3.38 21.85 -18.21
N MET B 416 2.63 22.12 -19.28
CA MET B 416 2.81 23.38 -20.01
C MET B 416 2.46 24.58 -19.15
N LEU B 417 1.55 24.43 -18.20
CA LEU B 417 1.18 25.53 -17.32
C LEU B 417 2.31 25.91 -16.35
N LEU B 418 3.33 25.07 -16.20
CA LEU B 418 4.49 25.40 -15.37
C LEU B 418 5.52 26.25 -16.11
N VAL B 419 5.34 26.48 -17.41
CA VAL B 419 6.24 27.38 -18.12
C VAL B 419 6.09 28.79 -17.56
N GLU B 420 7.23 29.42 -17.27
CA GLU B 420 7.33 30.63 -16.46
C GLU B 420 6.33 31.73 -16.84
N PRO B 421 6.28 32.19 -18.10
CA PRO B 421 5.26 33.21 -18.43
C PRO B 421 3.84 32.73 -18.18
N LEU B 422 3.53 31.48 -18.49
CA LEU B 422 2.16 31.00 -18.32
C LEU B 422 1.83 30.81 -16.85
N ASN B 423 2.75 30.23 -16.07
CA ASN B 423 2.49 30.04 -14.66
C ASN B 423 2.34 31.37 -13.94
N ARG B 424 3.21 32.34 -14.24
CA ARG B 424 3.10 33.63 -13.58
C ARG B 424 1.86 34.38 -14.04
N LEU B 425 1.48 34.27 -15.32
CA LEU B 425 0.27 34.93 -15.78
C LEU B 425 -0.97 34.34 -15.11
N LEU B 426 -1.05 33.02 -15.00
CA LEU B 426 -2.21 32.41 -14.37
C LEU B 426 -2.26 32.73 -12.89
N GLN B 427 -1.12 32.71 -12.20
CA GLN B 427 -1.12 33.07 -10.79
C GLN B 427 -1.51 34.53 -10.59
N ASP B 428 -1.05 35.41 -11.48
CA ASP B 428 -1.42 36.81 -11.39
C ASP B 428 -2.92 37.00 -11.60
N LYS B 429 -3.49 36.31 -12.60
CA LYS B 429 -4.93 36.40 -12.83
C LYS B 429 -5.71 35.85 -11.64
N TRP B 430 -5.22 34.77 -11.04
CA TRP B 430 -5.87 34.22 -9.85
C TRP B 430 -5.86 35.23 -8.71
N ASP B 431 -4.67 35.68 -8.31
CA ASP B 431 -4.57 36.54 -7.14
C ASP B 431 -5.20 37.90 -7.39
N ARG B 432 -5.28 38.35 -8.64
CA ARG B 432 -5.78 39.69 -8.93
C ARG B 432 -7.29 39.76 -8.74
N PHE B 433 -8.05 39.07 -9.60
CA PHE B 433 -9.51 39.18 -9.61
C PHE B 433 -10.24 37.84 -9.66
N VAL B 434 -9.62 36.76 -10.15
CA VAL B 434 -10.38 35.52 -10.34
C VAL B 434 -10.61 34.81 -9.01
N LYS B 435 -9.69 34.94 -8.06
CA LYS B 435 -9.83 34.27 -6.77
C LYS B 435 -11.12 34.70 -6.07
N ARG B 436 -11.37 36.01 -6.02
CA ARG B 436 -12.59 36.50 -5.38
C ARG B 436 -13.83 36.06 -6.13
N ILE B 437 -13.78 36.10 -7.46
CA ILE B 437 -14.94 35.71 -8.26
C ILE B 437 -15.25 34.22 -8.06
N PHE B 438 -14.22 33.39 -8.04
CA PHE B 438 -14.41 31.96 -7.85
C PHE B 438 -14.98 31.66 -6.47
N TYR B 439 -14.44 32.31 -5.43
CA TYR B 439 -14.98 32.09 -4.09
C TYR B 439 -16.42 32.61 -4.00
N PHE B 440 -16.73 33.71 -4.68
CA PHE B 440 -18.10 34.19 -4.73
C PHE B 440 -19.01 33.18 -5.41
N ASN B 441 -18.57 32.59 -6.51
CA ASN B 441 -19.37 31.58 -7.19
C ASN B 441 -19.58 30.36 -6.31
N PHE B 442 -18.55 29.95 -5.58
CA PHE B 442 -18.69 28.82 -4.66
C PHE B 442 -19.67 29.15 -3.54
N PHE B 443 -19.59 30.36 -3.01
CA PHE B 443 -20.54 30.79 -1.98
C PHE B 443 -21.97 30.81 -2.53
N VAL B 444 -22.15 31.31 -3.75
CA VAL B 444 -23.47 31.35 -4.35
C VAL B 444 -23.99 29.95 -4.57
N TYR B 445 -23.12 29.04 -5.00
CA TYR B 445 -23.55 27.65 -5.15
C TYR B 445 -23.91 27.04 -3.82
N CYS B 446 -23.18 27.37 -2.76
CA CYS B 446 -23.54 26.90 -1.43
C CYS B 446 -24.91 27.42 -1.02
N LEU B 447 -25.19 28.70 -1.29
CA LEU B 447 -26.51 29.24 -0.99
C LEU B 447 -27.58 28.54 -1.81
N TYR B 448 -27.30 28.31 -3.09
CA TYR B 448 -28.25 27.62 -3.96
C TYR B 448 -28.56 26.22 -3.45
N MET B 449 -27.52 25.49 -3.05
CA MET B 449 -27.73 24.13 -2.56
C MET B 449 -28.41 24.12 -1.20
N ILE B 450 -28.12 25.10 -0.34
CA ILE B 450 -28.80 25.17 0.94
C ILE B 450 -30.28 25.49 0.72
N ILE B 451 -30.58 26.41 -0.19
CA ILE B 451 -31.97 26.74 -0.50
C ILE B 451 -32.68 25.54 -1.10
N PHE B 452 -32.01 24.83 -2.00
CA PHE B 452 -32.59 23.64 -2.60
C PHE B 452 -32.85 22.57 -1.55
N THR B 453 -31.89 22.36 -0.64
CA THR B 453 -32.06 21.39 0.42
C THR B 453 -33.23 21.75 1.33
N ALA B 454 -33.35 23.04 1.68
CA ALA B 454 -34.47 23.46 2.51
C ALA B 454 -35.80 23.27 1.78
N ALA B 455 -35.87 23.67 0.51
CA ALA B 455 -37.12 23.57 -0.23
C ALA B 455 -37.53 22.12 -0.45
N ALA B 456 -36.57 21.25 -0.71
CA ALA B 456 -36.87 19.84 -0.93
C ALA B 456 -37.19 19.13 0.38
N TYR B 457 -36.47 19.47 1.45
CA TYR B 457 -36.72 18.87 2.75
C TYR B 457 -38.13 19.18 3.23
N TYR B 458 -38.55 20.44 3.08
CA TYR B 458 -39.87 20.89 3.50
C TYR B 458 -40.91 20.80 2.39
N ARG B 459 -40.72 19.88 1.44
CA ARG B 459 -41.73 19.66 0.43
C ARG B 459 -43.02 19.17 1.10
N PRO B 460 -44.19 19.56 0.58
CA PRO B 460 -45.43 19.02 1.17
C PRO B 460 -45.57 17.54 0.85
N VAL B 461 -46.29 16.84 1.72
CA VAL B 461 -46.47 15.40 1.62
C VAL B 461 -47.88 15.04 1.16
N GLU B 462 -48.63 16.00 0.62
CA GLU B 462 -49.91 15.70 0.02
C GLU B 462 -49.70 15.02 -1.33
N GLY B 463 -50.75 14.38 -1.83
CA GLY B 463 -50.65 13.66 -3.09
C GLY B 463 -50.85 14.55 -4.29
N LEU B 464 -50.41 14.04 -5.46
CA LEU B 464 -50.73 14.61 -6.75
C LEU B 464 -50.37 16.08 -6.89
N PRO B 465 -49.10 16.42 -7.08
CA PRO B 465 -48.73 17.82 -7.36
C PRO B 465 -49.41 18.35 -8.61
N PRO B 466 -49.28 19.65 -8.91
CA PRO B 466 -48.64 20.72 -8.14
C PRO B 466 -49.46 21.08 -6.91
N TYR B 467 -48.80 21.68 -5.91
CA TYR B 467 -49.42 22.00 -4.64
C TYR B 467 -49.81 23.47 -4.60
N LYS B 468 -51.00 23.74 -4.07
CA LYS B 468 -51.50 25.10 -4.02
C LYS B 468 -50.77 25.89 -2.95
N LEU B 469 -50.36 27.11 -3.30
CA LEU B 469 -49.66 27.96 -2.36
C LEU B 469 -50.60 28.38 -1.24
N LYS B 470 -50.14 28.25 0.00
CA LYS B 470 -50.90 28.64 1.17
C LYS B 470 -50.45 30.02 1.64
N ASN B 471 -51.35 30.69 2.37
CA ASN B 471 -51.07 32.05 2.82
C ASN B 471 -50.06 32.10 3.97
N THR B 472 -49.72 30.96 4.56
CA THR B 472 -48.72 30.94 5.62
C THR B 472 -47.35 31.30 5.04
N VAL B 473 -46.56 32.03 5.83
CA VAL B 473 -45.27 32.54 5.36
C VAL B 473 -44.31 31.41 5.05
N GLY B 474 -44.42 30.29 5.76
CA GLY B 474 -43.54 29.16 5.49
C GLY B 474 -43.68 28.64 4.07
N ASP B 475 -44.90 28.65 3.54
CA ASP B 475 -45.09 28.19 2.17
C ASP B 475 -44.64 29.23 1.16
N TYR B 476 -44.69 30.51 1.51
CA TYR B 476 -44.07 31.53 0.65
C TYR B 476 -42.57 31.31 0.57
N PHE B 477 -41.92 31.04 1.71
CA PHE B 477 -40.50 30.73 1.66
C PHE B 477 -40.24 29.45 0.87
N ARG B 478 -41.11 28.45 1.04
CA ARG B 478 -40.94 27.19 0.32
C ARG B 478 -41.02 27.39 -1.19
N VAL B 479 -42.05 28.11 -1.65
CA VAL B 479 -42.19 28.30 -3.09
C VAL B 479 -41.09 29.21 -3.62
N THR B 480 -40.65 30.20 -2.84
CA THR B 480 -39.51 31.00 -3.26
C THR B 480 -38.26 30.14 -3.41
N GLY B 481 -38.02 29.23 -2.46
CA GLY B 481 -36.89 28.34 -2.56
C GLY B 481 -36.99 27.40 -3.76
N GLU B 482 -38.20 26.90 -4.03
CA GLU B 482 -38.39 26.04 -5.19
C GLU B 482 -38.15 26.81 -6.49
N ILE B 483 -38.62 28.05 -6.56
CA ILE B 483 -38.41 28.85 -7.76
C ILE B 483 -36.92 29.13 -7.95
N LEU B 484 -36.21 29.44 -6.86
CA LEU B 484 -34.78 29.66 -6.96
C LEU B 484 -34.05 28.38 -7.37
N SER B 485 -34.49 27.23 -6.85
CA SER B 485 -33.86 25.97 -7.21
C SER B 485 -34.05 25.67 -8.69
N VAL B 486 -35.27 25.85 -9.20
CA VAL B 486 -35.52 25.63 -10.61
C VAL B 486 -34.77 26.64 -11.46
N SER B 487 -34.66 27.88 -10.98
CA SER B 487 -33.88 28.88 -11.71
C SER B 487 -32.42 28.47 -11.81
N GLY B 488 -31.83 27.99 -10.71
CA GLY B 488 -30.48 27.50 -10.77
C GLY B 488 -30.34 26.30 -11.68
N GLY B 489 -31.34 25.41 -11.68
CA GLY B 489 -31.31 24.29 -12.59
C GLY B 489 -31.33 24.73 -14.04
N VAL B 490 -32.17 25.71 -14.37
CA VAL B 490 -32.23 26.24 -15.73
C VAL B 490 -30.90 26.88 -16.10
N TYR B 491 -30.31 27.61 -15.15
CA TYR B 491 -29.00 28.23 -15.38
C TYR B 491 -27.95 27.18 -15.71
N PHE B 492 -27.87 26.12 -14.89
CA PHE B 492 -26.87 25.09 -15.15
C PHE B 492 -27.16 24.32 -16.43
N PHE B 493 -28.45 24.14 -16.76
CA PHE B 493 -28.82 23.49 -18.01
C PHE B 493 -28.32 24.28 -19.22
N PHE B 494 -28.59 25.59 -19.23
CA PHE B 494 -28.16 26.39 -20.36
C PHE B 494 -26.65 26.57 -20.38
N ARG B 495 -26.01 26.65 -19.22
CA ARG B 495 -24.55 26.71 -19.20
C ARG B 495 -23.94 25.40 -19.71
N GLY B 496 -24.55 24.26 -19.40
CA GLY B 496 -24.07 23.01 -19.95
C GLY B 496 -24.22 22.95 -21.45
N ILE B 497 -25.36 23.40 -21.96
CA ILE B 497 -25.54 23.43 -23.42
C ILE B 497 -24.53 24.36 -24.06
N GLN B 498 -24.33 25.54 -23.46
CA GLN B 498 -23.34 26.48 -23.97
C GLN B 498 -21.96 25.85 -24.01
N TYR B 499 -21.58 25.16 -22.94
CA TYR B 499 -20.28 24.51 -22.89
C TYR B 499 -20.15 23.44 -23.97
N PHE B 500 -21.16 22.59 -24.11
CA PHE B 500 -21.08 21.51 -25.08
C PHE B 500 -21.09 22.03 -26.51
N LEU B 501 -21.76 23.16 -26.76
CA LEU B 501 -21.70 23.76 -28.08
C LEU B 501 -20.34 24.40 -28.34
N GLN B 502 -19.75 25.03 -27.31
CA GLN B 502 -18.46 25.68 -27.50
C GLN B 502 -17.34 24.66 -27.70
N ARG B 503 -17.39 23.54 -26.98
CA ARG B 503 -16.36 22.53 -27.07
C ARG B 503 -16.66 21.47 -28.10
N ARG B 504 -17.92 21.06 -28.23
CA ARG B 504 -18.33 19.94 -29.07
C ARG B 504 -17.48 18.70 -28.77
N PRO B 505 -17.68 18.05 -27.63
CA PRO B 505 -16.89 16.84 -27.33
C PRO B 505 -17.15 15.74 -28.36
N SER B 506 -16.12 14.92 -28.57
CA SER B 506 -16.15 13.91 -29.63
C SER B 506 -17.09 12.76 -29.35
N LEU B 507 -17.65 12.66 -28.13
CA LEU B 507 -18.48 11.55 -27.65
C LEU B 507 -17.67 10.29 -27.38
N LYS B 508 -16.34 10.31 -27.53
CA LYS B 508 -15.45 9.26 -27.09
C LYS B 508 -14.54 9.71 -25.95
N SER B 509 -14.20 10.99 -25.93
CA SER B 509 -13.54 11.64 -24.79
C SER B 509 -14.52 12.48 -23.99
N LEU B 510 -15.80 12.13 -24.03
CA LEU B 510 -16.83 12.96 -23.40
C LEU B 510 -16.64 13.02 -21.89
N PHE B 511 -16.32 11.90 -21.25
CA PHE B 511 -16.22 11.85 -19.80
C PHE B 511 -14.82 12.11 -19.28
N VAL B 512 -13.78 11.81 -20.05
CA VAL B 512 -12.42 12.00 -19.55
C VAL B 512 -12.13 13.48 -19.35
N ASP B 513 -12.67 14.34 -20.22
CA ASP B 513 -12.65 15.78 -20.04
C ASP B 513 -14.07 16.29 -20.19
N SER B 514 -14.41 17.32 -19.41
CA SER B 514 -15.77 17.82 -19.22
C SER B 514 -16.57 16.96 -18.26
N TYR B 515 -15.90 16.21 -17.39
CA TYR B 515 -16.60 15.41 -16.37
C TYR B 515 -17.45 16.30 -15.48
N SER B 516 -16.87 17.40 -14.99
CA SER B 516 -17.58 18.28 -14.07
C SER B 516 -18.78 18.93 -14.76
N GLU B 517 -18.59 19.40 -16.00
CA GLU B 517 -19.71 19.99 -16.72
C GLU B 517 -20.80 18.97 -17.00
N ILE B 518 -20.42 17.73 -17.27
CA ILE B 518 -21.42 16.68 -17.47
C ILE B 518 -22.20 16.45 -16.20
N LEU B 519 -21.52 16.42 -15.05
CA LEU B 519 -22.24 16.22 -13.80
C LEU B 519 -23.18 17.38 -13.50
N PHE B 520 -22.73 18.62 -13.74
CA PHE B 520 -23.63 19.76 -13.52
C PHE B 520 -24.81 19.70 -14.48
N PHE B 521 -24.58 19.33 -15.73
CA PHE B 521 -25.66 19.24 -16.69
C PHE B 521 -26.64 18.14 -16.34
N VAL B 522 -26.14 17.00 -15.87
CA VAL B 522 -27.05 15.91 -15.49
C VAL B 522 -27.84 16.29 -14.25
N GLN B 523 -27.22 17.02 -13.31
CA GLN B 523 -27.97 17.52 -12.16
C GLN B 523 -29.09 18.45 -12.61
N SER B 524 -28.80 19.35 -13.56
CA SER B 524 -29.84 20.23 -14.07
C SER B 524 -30.90 19.45 -14.85
N LEU B 525 -30.51 18.39 -15.55
CA LEU B 525 -31.48 17.56 -16.25
C LEU B 525 -32.43 16.89 -15.26
N PHE B 526 -31.89 16.39 -14.16
CA PHE B 526 -32.75 15.81 -13.12
C PHE B 526 -33.68 16.88 -12.55
N MET B 527 -33.17 18.10 -12.36
CA MET B 527 -34.02 19.18 -11.87
C MET B 527 -35.16 19.47 -12.83
N LEU B 528 -34.87 19.54 -14.12
CA LEU B 528 -35.90 19.89 -15.08
C LEU B 528 -36.88 18.75 -15.31
N VAL B 529 -36.41 17.50 -15.25
CA VAL B 529 -37.32 16.37 -15.27
C VAL B 529 -38.21 16.39 -14.04
N SER B 530 -37.67 16.80 -12.89
CA SER B 530 -38.48 16.96 -11.70
C SER B 530 -39.53 18.03 -11.91
N VAL B 531 -39.17 19.14 -12.56
CA VAL B 531 -40.17 20.19 -12.82
C VAL B 531 -41.28 19.64 -13.72
N VAL B 532 -40.91 18.90 -14.76
CA VAL B 532 -41.90 18.36 -15.70
C VAL B 532 -42.83 17.39 -14.97
N LEU B 533 -42.26 16.50 -14.16
CA LEU B 533 -43.09 15.54 -13.42
C LEU B 533 -43.95 16.26 -12.38
N TYR B 534 -43.42 17.31 -11.77
CA TYR B 534 -44.18 18.07 -10.78
C TYR B 534 -45.42 18.68 -11.41
N PHE B 535 -45.26 19.32 -12.57
CA PHE B 535 -46.41 19.89 -13.25
C PHE B 535 -47.21 18.86 -14.04
N SER B 536 -46.66 17.67 -14.26
CA SER B 536 -47.39 16.56 -14.85
C SER B 536 -48.22 15.77 -13.83
N GLN B 537 -48.25 16.20 -12.57
CA GLN B 537 -49.04 15.55 -11.53
C GLN B 537 -48.54 14.13 -11.25
N ARG B 538 -47.23 13.98 -11.12
CA ARG B 538 -46.60 12.72 -10.75
C ARG B 538 -45.78 12.93 -9.49
N LYS B 539 -45.98 12.06 -8.49
CA LYS B 539 -45.11 12.06 -7.33
C LYS B 539 -43.68 11.67 -7.67
N GLU B 540 -43.47 11.03 -8.82
CA GLU B 540 -42.13 10.65 -9.29
C GLU B 540 -41.20 11.84 -9.45
N TYR B 541 -41.71 13.08 -9.43
CA TYR B 541 -40.82 14.23 -9.41
C TYR B 541 -39.85 14.15 -8.24
N VAL B 542 -40.30 13.62 -7.10
CA VAL B 542 -39.40 13.49 -5.96
C VAL B 542 -38.24 12.57 -6.32
N ALA B 543 -38.53 11.50 -7.05
CA ALA B 543 -37.48 10.58 -7.50
C ALA B 543 -36.42 11.33 -8.29
N SER B 544 -36.83 12.28 -9.13
CA SER B 544 -35.85 13.08 -9.83
C SER B 544 -35.17 14.06 -8.87
N MET B 545 -35.97 14.72 -8.04
CA MET B 545 -35.46 15.87 -7.29
C MET B 545 -34.33 15.46 -6.35
N VAL B 546 -34.52 14.34 -5.65
CA VAL B 546 -33.51 13.90 -4.69
C VAL B 546 -32.20 13.61 -5.40
N PHE B 547 -32.25 13.05 -6.63
CA PHE B 547 -31.01 12.84 -7.34
C PHE B 547 -30.33 14.16 -7.64
N SER B 548 -31.09 15.14 -8.12
CA SER B 548 -30.50 16.45 -8.36
C SER B 548 -30.05 17.08 -7.05
N LEU B 549 -30.70 16.73 -5.94
CA LEU B 549 -30.18 17.17 -4.67
C LEU B 549 -28.84 16.52 -4.37
N ALA B 550 -28.79 15.19 -4.48
CA ALA B 550 -27.56 14.48 -4.12
C ALA B 550 -26.41 14.90 -5.01
N MET B 551 -26.63 14.85 -6.33
CA MET B 551 -25.64 15.31 -7.28
C MET B 551 -25.22 16.72 -6.98
N GLY B 552 -26.19 17.59 -6.67
CA GLY B 552 -25.88 18.97 -6.39
C GLY B 552 -24.87 19.10 -5.27
N TRP B 553 -25.09 18.37 -4.17
CA TRP B 553 -24.14 18.46 -3.08
C TRP B 553 -22.79 17.89 -3.49
N THR B 554 -22.80 16.76 -4.19
CA THR B 554 -21.52 16.22 -4.63
C THR B 554 -20.87 17.10 -5.67
N ASN B 555 -21.66 17.91 -6.39
CA ASN B 555 -21.04 18.80 -7.35
C ASN B 555 -20.26 19.93 -6.69
N MET B 556 -20.40 20.10 -5.36
CA MET B 556 -19.51 21.02 -4.68
C MET B 556 -18.05 20.61 -4.78
N LEU B 557 -17.77 19.33 -5.04
CA LEU B 557 -16.39 18.93 -5.26
C LEU B 557 -15.77 19.64 -6.45
N TYR B 558 -16.58 20.09 -7.42
CA TYR B 558 -16.04 20.87 -8.52
C TYR B 558 -15.33 22.11 -7.99
N TYR B 559 -15.92 22.76 -7.00
CA TYR B 559 -15.28 23.95 -6.43
C TYR B 559 -14.11 23.57 -5.55
N THR B 560 -14.07 22.33 -5.05
CA THR B 560 -12.93 21.90 -4.26
C THR B 560 -11.66 21.88 -5.12
N ARG B 561 -11.80 21.50 -6.38
CA ARG B 561 -10.70 21.64 -7.32
C ARG B 561 -10.40 23.12 -7.51
N GLY B 562 -9.13 23.48 -7.41
CA GLY B 562 -8.70 24.85 -7.24
C GLY B 562 -8.04 25.12 -5.90
N PHE B 563 -8.26 24.26 -4.93
CA PHE B 563 -7.46 24.21 -3.71
C PHE B 563 -6.33 23.22 -3.91
N GLN B 564 -5.12 23.59 -3.49
CA GLN B 564 -3.96 22.75 -3.74
C GLN B 564 -4.09 21.40 -3.05
N GLN B 565 -4.57 21.37 -1.82
CA GLN B 565 -4.64 20.15 -1.03
C GLN B 565 -5.97 19.44 -1.17
N MET B 566 -7.07 20.19 -1.14
CA MET B 566 -8.39 19.57 -1.15
C MET B 566 -8.81 19.10 -2.54
N GLY B 567 -8.34 19.79 -3.59
CA GLY B 567 -8.79 19.45 -4.94
C GLY B 567 -8.26 18.12 -5.44
N ILE B 568 -7.13 17.67 -4.90
CA ILE B 568 -6.55 16.41 -5.31
C ILE B 568 -7.50 15.26 -5.01
N TYR B 569 -8.22 15.36 -3.90
CA TYR B 569 -9.19 14.32 -3.54
C TYR B 569 -10.30 14.21 -4.57
N ALA B 570 -10.86 15.34 -5.00
CA ALA B 570 -11.92 15.30 -6.00
C ALA B 570 -11.39 14.81 -7.34
N VAL B 571 -10.17 15.21 -7.69
CA VAL B 571 -9.56 14.71 -8.92
C VAL B 571 -9.41 13.19 -8.86
N MET B 572 -8.94 12.67 -7.73
CA MET B 572 -8.81 11.23 -7.57
C MET B 572 -10.16 10.53 -7.64
N ILE B 573 -11.22 11.14 -7.10
CA ILE B 573 -12.54 10.53 -7.22
C ILE B 573 -12.97 10.46 -8.67
N GLU B 574 -12.78 11.55 -9.42
CA GLU B 574 -13.13 11.56 -10.82
C GLU B 574 -12.39 10.48 -11.60
N LYS B 575 -11.07 10.40 -11.38
CA LYS B 575 -10.28 9.39 -12.09
C LYS B 575 -10.67 7.98 -11.68
N MET B 576 -10.93 7.77 -10.39
CA MET B 576 -11.34 6.45 -9.93
C MET B 576 -12.65 6.02 -10.58
N ILE B 577 -13.60 6.94 -10.66
CA ILE B 577 -14.90 6.59 -11.25
C ILE B 577 -14.75 6.30 -12.74
N LEU B 578 -14.03 7.17 -13.46
CA LEU B 578 -14.00 7.03 -14.91
C LEU B 578 -13.11 5.88 -15.35
N ARG B 579 -11.98 5.68 -14.67
CA ARG B 579 -10.95 4.76 -15.11
C ARG B 579 -11.13 3.36 -14.52
N ASP B 580 -11.22 3.28 -13.20
CA ASP B 580 -11.10 2.01 -12.48
C ASP B 580 -12.44 1.41 -12.07
N LEU B 581 -13.48 2.22 -11.93
CA LEU B 581 -14.73 1.69 -11.41
C LEU B 581 -15.40 0.73 -12.38
N CYS B 582 -15.24 0.94 -13.69
CA CYS B 582 -15.94 0.10 -14.66
C CYS B 582 -15.52 -1.36 -14.54
N ARG B 583 -14.22 -1.63 -14.57
CA ARG B 583 -13.76 -3.01 -14.56
C ARG B 583 -14.06 -3.69 -13.23
N PHE B 584 -13.83 -2.98 -12.13
CA PHE B 584 -14.13 -3.56 -10.81
C PHE B 584 -15.61 -3.85 -10.67
N MET B 585 -16.46 -2.91 -11.09
CA MET B 585 -17.89 -3.12 -10.96
C MET B 585 -18.36 -4.25 -11.86
N PHE B 586 -17.78 -4.40 -13.04
CA PHE B 586 -18.16 -5.53 -13.89
C PHE B 586 -17.83 -6.84 -13.21
N VAL B 587 -16.59 -7.00 -12.74
CA VAL B 587 -16.21 -8.27 -12.13
C VAL B 587 -17.02 -8.52 -10.86
N TYR B 588 -17.17 -7.49 -10.03
CA TYR B 588 -17.92 -7.63 -8.79
C TYR B 588 -19.37 -8.01 -9.05
N LEU B 589 -20.01 -7.35 -10.03
CA LEU B 589 -21.38 -7.67 -10.35
C LEU B 589 -21.50 -9.06 -10.96
N VAL B 590 -20.50 -9.50 -11.70
CA VAL B 590 -20.52 -10.86 -12.22
C VAL B 590 -20.50 -11.87 -11.08
N PHE B 591 -19.62 -11.68 -10.10
CA PHE B 591 -19.59 -12.59 -8.95
C PHE B 591 -20.88 -12.50 -8.15
N LEU B 592 -21.35 -11.28 -7.89
CA LEU B 592 -22.56 -11.09 -7.10
C LEU B 592 -23.76 -11.73 -7.78
N PHE B 593 -23.91 -11.51 -9.08
CA PHE B 593 -25.05 -12.06 -9.80
C PHE B 593 -24.95 -13.58 -9.90
N GLY B 594 -23.75 -14.10 -10.17
CA GLY B 594 -23.60 -15.54 -10.24
C GLY B 594 -23.94 -16.23 -8.95
N PHE B 595 -23.40 -15.74 -7.83
CA PHE B 595 -23.69 -16.38 -6.57
C PHE B 595 -25.09 -16.09 -6.07
N SER B 596 -25.66 -14.93 -6.41
CA SER B 596 -27.04 -14.65 -6.06
C SER B 596 -27.98 -15.57 -6.83
N THR B 597 -27.70 -15.83 -8.10
CA THR B 597 -28.51 -16.78 -8.86
C THR B 597 -28.36 -18.18 -8.31
N ALA B 598 -27.14 -18.58 -7.93
CA ALA B 598 -26.95 -19.89 -7.33
C ALA B 598 -27.73 -20.00 -6.02
N VAL B 599 -27.68 -18.97 -5.19
CA VAL B 599 -28.34 -19.04 -3.89
C VAL B 599 -29.85 -19.01 -4.05
N VAL B 600 -30.37 -18.13 -4.90
CA VAL B 600 -31.82 -18.03 -5.07
C VAL B 600 -32.36 -19.29 -5.72
N THR B 601 -31.57 -19.93 -6.59
CA THR B 601 -31.97 -21.23 -7.11
C THR B 601 -31.98 -22.28 -6.00
N LEU B 602 -30.98 -22.25 -5.11
CA LEU B 602 -30.90 -23.25 -4.07
C LEU B 602 -32.06 -23.17 -3.09
N ILE B 603 -32.45 -21.96 -2.71
CA ILE B 603 -33.50 -21.78 -1.70
C ILE B 603 -34.87 -21.96 -2.35
N GLU B 604 -35.78 -22.54 -1.59
CA GLU B 604 -37.13 -22.81 -2.05
C GLU B 604 -38.09 -22.66 -0.87
N ASP B 605 -39.26 -22.11 -1.13
CA ASP B 605 -40.23 -21.86 -0.06
C ASP B 605 -40.68 -23.17 0.58
N GLY B 606 -40.83 -23.15 1.90
CA GLY B 606 -41.26 -24.32 2.64
C GLY B 606 -41.86 -23.95 3.98
N SER B 630 -40.23 -14.59 1.40
CA SER B 630 -39.05 -14.05 2.07
C SER B 630 -37.78 -14.60 1.42
N TYR B 631 -37.04 -13.70 0.76
CA TYR B 631 -35.77 -13.98 0.10
C TYR B 631 -35.90 -14.86 -1.13
N ASN B 632 -37.12 -15.25 -1.53
CA ASN B 632 -37.27 -16.12 -2.68
C ASN B 632 -37.03 -15.42 -4.00
N SER B 633 -36.88 -14.10 -3.99
CA SER B 633 -36.62 -13.33 -5.21
C SER B 633 -35.12 -13.17 -5.42
N LEU B 634 -34.76 -12.97 -6.69
CA LEU B 634 -33.35 -12.73 -7.02
C LEU B 634 -32.89 -11.39 -6.45
N TYR B 635 -33.77 -10.40 -6.41
CA TYR B 635 -33.40 -9.10 -5.88
C TYR B 635 -33.03 -9.18 -4.40
N SER B 636 -33.85 -9.87 -3.61
CA SER B 636 -33.57 -9.99 -2.18
C SER B 636 -32.26 -10.73 -1.92
N THR B 637 -32.01 -11.79 -2.68
CA THR B 637 -30.76 -12.52 -2.55
C THR B 637 -29.57 -11.64 -2.96
N CYS B 638 -29.74 -10.84 -4.01
CA CYS B 638 -28.68 -9.94 -4.41
C CYS B 638 -28.38 -8.93 -3.31
N LEU B 639 -29.41 -8.39 -2.67
CA LEU B 639 -29.18 -7.47 -1.56
C LEU B 639 -28.49 -8.18 -0.40
N GLU B 640 -28.91 -9.40 -0.08
CA GLU B 640 -28.31 -10.12 1.04
C GLU B 640 -26.85 -10.45 0.77
N LEU B 641 -26.50 -10.73 -0.48
CA LEU B 641 -25.09 -10.99 -0.80
C LEU B 641 -24.30 -9.68 -0.87
N PHE B 642 -24.93 -8.59 -1.31
CA PHE B 642 -24.26 -7.30 -1.27
C PHE B 642 -23.94 -6.90 0.16
N LYS B 643 -24.81 -7.26 1.10
CA LYS B 643 -24.59 -6.91 2.50
C LYS B 643 -23.26 -7.40 3.04
N PHE B 644 -22.73 -8.51 2.49
CA PHE B 644 -21.42 -8.99 2.92
C PHE B 644 -20.35 -7.96 2.62
N THR B 645 -20.47 -7.26 1.49
CA THR B 645 -19.47 -6.26 1.13
C THR B 645 -19.41 -5.13 2.13
N ILE B 646 -20.54 -4.77 2.74
CA ILE B 646 -20.60 -3.68 3.71
C ILE B 646 -20.52 -4.19 5.14
N GLY B 647 -20.07 -5.42 5.35
CA GLY B 647 -19.89 -5.92 6.70
C GLY B 647 -21.17 -6.20 7.44
N MET B 648 -22.28 -6.45 6.72
CA MET B 648 -23.58 -6.71 7.34
C MET B 648 -24.22 -7.96 6.76
N GLY B 649 -23.41 -8.90 6.25
CA GLY B 649 -23.95 -10.14 5.73
C GLY B 649 -24.27 -11.10 6.87
N ASP B 650 -25.52 -11.59 6.89
CA ASP B 650 -25.95 -12.42 8.01
C ASP B 650 -25.28 -13.78 7.98
N LEU B 651 -25.12 -14.37 6.79
CA LEU B 651 -24.56 -15.70 6.56
C LEU B 651 -25.52 -16.83 6.94
N GLU B 652 -26.65 -16.50 7.57
CA GLU B 652 -27.76 -17.43 7.77
C GLU B 652 -29.06 -16.69 7.55
N PHE B 653 -29.13 -15.90 6.46
CA PHE B 653 -30.28 -15.02 6.28
C PHE B 653 -31.56 -15.78 5.97
N THR B 654 -31.46 -17.06 5.62
CA THR B 654 -32.64 -17.88 5.40
C THR B 654 -32.31 -19.32 5.75
N GLU B 655 -33.37 -20.07 6.09
CA GLU B 655 -33.29 -21.52 6.23
C GLU B 655 -34.18 -22.24 5.22
N ASN B 656 -34.71 -21.51 4.23
CA ASN B 656 -35.65 -22.09 3.27
C ASN B 656 -34.87 -22.78 2.15
N TYR B 657 -34.22 -23.87 2.52
CA TYR B 657 -33.47 -24.67 1.56
C TYR B 657 -33.33 -26.08 2.08
N ASP B 658 -32.89 -26.91 1.15
CA ASP B 658 -32.37 -28.23 1.53
C ASP B 658 -30.87 -28.05 1.24
N PHE B 659 -30.03 -28.99 1.63
CA PHE B 659 -28.58 -28.93 1.43
C PHE B 659 -28.00 -27.66 2.05
N LYS B 660 -28.07 -27.61 3.39
CA LYS B 660 -27.49 -26.49 4.13
C LYS B 660 -26.00 -26.34 3.85
N ALA B 661 -25.31 -27.47 3.71
CA ALA B 661 -23.88 -27.43 3.41
C ALA B 661 -23.63 -26.71 2.09
N VAL B 662 -24.50 -26.92 1.10
CA VAL B 662 -24.31 -26.28 -0.19
C VAL B 662 -24.51 -24.77 -0.07
N PHE B 663 -25.55 -24.36 0.64
CA PHE B 663 -25.82 -22.94 0.85
C PHE B 663 -24.66 -22.26 1.55
N ILE B 664 -24.16 -22.87 2.62
CA ILE B 664 -23.08 -22.27 3.39
C ILE B 664 -21.80 -22.27 2.57
N ILE B 665 -21.54 -23.32 1.80
CA ILE B 665 -20.35 -23.34 0.95
C ILE B 665 -20.43 -22.24 -0.10
N LEU B 666 -21.61 -22.04 -0.70
CA LEU B 666 -21.77 -20.97 -1.67
C LEU B 666 -21.52 -19.61 -1.03
N LEU B 667 -22.08 -19.36 0.15
CA LEU B 667 -21.89 -18.07 0.79
C LEU B 667 -20.44 -17.86 1.20
N LEU B 668 -19.78 -18.91 1.72
CA LEU B 668 -18.38 -18.77 2.10
C LEU B 668 -17.51 -18.54 0.88
N ALA B 669 -17.78 -19.24 -0.21
CA ALA B 669 -17.03 -19.01 -1.44
C ALA B 669 -17.24 -17.59 -1.95
N TYR B 670 -18.48 -17.10 -1.86
CA TYR B 670 -18.74 -15.72 -2.27
C TYR B 670 -17.99 -14.73 -1.40
N VAL B 671 -17.98 -14.96 -0.10
CA VAL B 671 -17.28 -14.06 0.83
C VAL B 671 -15.79 -14.05 0.52
N ILE B 672 -15.19 -15.23 0.39
CA ILE B 672 -13.75 -15.32 0.15
C ILE B 672 -13.41 -14.70 -1.20
N LEU B 673 -14.22 -14.99 -2.22
CA LEU B 673 -13.97 -14.43 -3.54
C LEU B 673 -14.16 -12.92 -3.54
N THR B 674 -15.16 -12.41 -2.83
CA THR B 674 -15.40 -10.97 -2.80
C THR B 674 -14.26 -10.25 -2.09
N TYR B 675 -13.74 -10.84 -1.02
CA TYR B 675 -12.60 -10.20 -0.35
C TYR B 675 -11.35 -10.33 -1.20
N ILE B 676 -11.23 -11.41 -1.98
CA ILE B 676 -10.16 -11.48 -2.99
C ILE B 676 -10.33 -10.37 -4.02
N LEU B 677 -11.57 -10.11 -4.44
CA LEU B 677 -11.83 -9.03 -5.40
C LEU B 677 -11.40 -7.69 -4.83
N LEU B 678 -11.83 -7.38 -3.60
CA LEU B 678 -11.47 -6.10 -3.00
C LEU B 678 -9.96 -5.99 -2.80
N LEU B 679 -9.33 -7.09 -2.40
CA LEU B 679 -7.89 -7.10 -2.22
C LEU B 679 -7.17 -6.86 -3.53
N ASN B 680 -7.66 -7.46 -4.62
CA ASN B 680 -7.04 -7.28 -5.92
C ASN B 680 -7.26 -5.88 -6.45
N MET B 681 -8.44 -5.29 -6.20
CA MET B 681 -8.65 -3.89 -6.57
C MET B 681 -7.65 -3.00 -5.85
N LEU B 682 -7.53 -3.20 -4.54
CA LEU B 682 -6.54 -2.44 -3.73
C LEU B 682 -5.18 -2.59 -4.37
N ILE B 683 -4.75 -3.83 -4.61
CA ILE B 683 -3.41 -4.11 -5.13
C ILE B 683 -3.21 -3.42 -6.48
N ALA B 684 -4.20 -3.51 -7.36
CA ALA B 684 -4.08 -2.91 -8.67
C ALA B 684 -3.95 -1.40 -8.58
N LEU B 685 -4.68 -0.78 -7.67
CA LEU B 685 -4.60 0.66 -7.50
C LEU B 685 -3.30 1.07 -6.83
N MET B 686 -2.79 0.26 -5.91
CA MET B 686 -1.53 0.56 -5.23
C MET B 686 -0.33 0.33 -6.14
N GLY B 687 -0.47 -0.49 -7.18
CA GLY B 687 0.60 -0.64 -8.14
C GLY B 687 0.87 0.61 -8.95
N GLU B 688 -0.09 1.53 -9.01
CA GLU B 688 0.04 2.78 -9.75
C GLU B 688 0.29 3.98 -8.85
N THR B 689 0.69 3.77 -7.59
CA THR B 689 0.94 4.86 -6.66
C THR B 689 2.38 5.34 -6.66
N VAL B 690 3.25 4.78 -7.51
CA VAL B 690 4.65 5.18 -7.52
C VAL B 690 4.79 6.39 -8.42
N ASN B 691 4.50 7.57 -7.88
CA ASN B 691 4.62 8.87 -8.53
C ASN B 691 3.69 9.06 -9.73
N LYS B 692 2.81 8.10 -10.03
CA LYS B 692 1.94 8.19 -11.21
C LYS B 692 0.62 8.89 -10.88
N ILE B 693 -0.14 8.34 -9.93
CA ILE B 693 -1.44 8.91 -9.60
C ILE B 693 -1.29 10.32 -9.02
N ALA B 694 -0.33 10.49 -8.11
CA ALA B 694 -0.14 11.79 -7.46
C ALA B 694 0.23 12.87 -8.48
N GLN B 695 1.16 12.56 -9.37
CA GLN B 695 1.59 13.55 -10.36
C GLN B 695 0.45 13.89 -11.32
N GLU B 696 -0.29 12.88 -11.76
CA GLU B 696 -1.43 13.14 -12.63
C GLU B 696 -2.48 13.98 -11.93
N SER B 697 -2.69 13.75 -10.64
CA SER B 697 -3.68 14.53 -9.91
C SER B 697 -3.24 15.98 -9.74
N LYS B 698 -1.95 16.21 -9.45
CA LYS B 698 -1.45 17.58 -9.37
C LYS B 698 -1.57 18.27 -10.72
N ASN B 699 -1.28 17.54 -11.80
CA ASN B 699 -1.37 18.11 -13.13
C ASN B 699 -2.81 18.50 -13.46
N ILE B 700 -3.76 17.61 -13.16
CA ILE B 700 -5.15 17.90 -13.44
C ILE B 700 -5.64 19.03 -12.56
N TRP B 701 -5.11 19.14 -11.34
CA TRP B 701 -5.43 20.30 -10.50
C TRP B 701 -4.98 21.60 -11.17
N LYS B 702 -3.76 21.63 -11.68
CA LYS B 702 -3.28 22.82 -12.38
C LYS B 702 -4.15 23.12 -13.59
N LEU B 703 -4.54 22.09 -14.32
CA LEU B 703 -5.41 22.28 -15.48
C LEU B 703 -6.76 22.87 -15.07
N GLN B 704 -7.33 22.39 -13.97
CA GLN B 704 -8.62 22.92 -13.53
C GLN B 704 -8.48 24.36 -13.06
N ARG B 705 -7.37 24.70 -12.42
CA ARG B 705 -7.13 26.10 -12.06
C ARG B 705 -7.08 26.97 -13.30
N ALA B 706 -6.36 26.53 -14.34
CA ALA B 706 -6.29 27.28 -15.58
C ALA B 706 -7.65 27.41 -16.24
N ILE B 707 -8.45 26.33 -16.22
CA ILE B 707 -9.77 26.35 -16.82
C ILE B 707 -10.67 27.34 -16.08
N THR B 708 -10.58 27.35 -14.75
CA THR B 708 -11.35 28.31 -13.96
C THR B 708 -10.98 29.75 -14.33
N ILE B 709 -9.67 30.01 -14.46
CA ILE B 709 -9.22 31.35 -14.82
C ILE B 709 -9.77 31.74 -16.18
N LEU B 710 -9.68 30.83 -17.15
CA LEU B 710 -10.15 31.13 -18.50
C LEU B 710 -11.65 31.37 -18.53
N ASP B 711 -12.43 30.55 -17.83
CA ASP B 711 -13.87 30.75 -17.83
C ASP B 711 -14.25 32.08 -17.17
N THR B 712 -13.61 32.40 -16.04
CA THR B 712 -13.90 33.66 -15.38
C THR B 712 -13.54 34.85 -16.26
N GLU B 713 -12.40 34.77 -16.95
CA GLU B 713 -12.02 35.84 -17.86
C GLU B 713 -12.99 35.93 -19.03
N LYS B 714 -13.52 34.78 -19.49
CA LYS B 714 -14.49 34.80 -20.56
C LYS B 714 -15.76 35.51 -20.14
N SER B 715 -16.19 35.31 -18.88
CA SER B 715 -17.40 35.98 -18.41
C SER B 715 -17.14 37.47 -18.16
N PHE B 716 -16.10 37.77 -17.38
CA PHE B 716 -15.75 39.17 -16.99
C PHE B 716 -16.83 40.02 -16.32
N LEU B 717 -18.11 39.72 -16.54
CA LEU B 717 -19.24 40.46 -15.94
C LEU B 717 -19.04 41.95 -15.66
N LYS B 718 -18.46 42.69 -16.59
CA LYS B 718 -18.17 44.10 -16.35
C LYS B 718 -18.12 44.83 -17.67
N CYS B 719 -18.49 44.15 -18.77
CA CYS B 719 -18.40 44.72 -20.11
C CYS B 719 -17.01 45.31 -20.38
N MET B 720 -15.98 44.75 -19.73
CA MET B 720 -14.60 45.19 -19.88
C MET B 720 -13.72 43.95 -19.91
N ARG B 721 -12.93 43.82 -20.98
CA ARG B 721 -12.13 42.61 -21.22
C ARG B 721 -10.66 42.77 -20.84
N LYS B 722 -10.18 43.99 -20.62
CA LYS B 722 -8.76 44.22 -20.40
C LYS B 722 -8.35 43.68 -19.02
N ALA B 723 -7.37 42.78 -19.02
CA ALA B 723 -6.83 42.21 -17.78
C ALA B 723 -5.32 42.02 -17.87
N PHE B 724 -4.64 42.84 -18.67
CA PHE B 724 -3.20 42.70 -18.87
C PHE B 724 -2.44 43.35 -17.72
N ARG B 725 -1.20 42.89 -17.52
CA ARG B 725 -0.43 43.31 -16.34
C ARG B 725 0.24 44.67 -16.55
N SER B 726 1.15 44.75 -17.52
CA SER B 726 1.99 45.94 -17.70
C SER B 726 1.50 46.88 -18.79
N GLY B 727 0.68 46.40 -19.72
CA GLY B 727 0.19 47.25 -20.79
C GLY B 727 1.22 47.41 -21.90
N LYS B 728 0.94 48.40 -22.75
CA LYS B 728 1.78 48.68 -23.92
C LYS B 728 2.94 49.59 -23.50
N LEU B 729 3.99 48.95 -22.99
CA LEU B 729 5.20 49.67 -22.61
C LEU B 729 6.03 50.04 -23.83
N ASP B 740 6.77 52.73 -30.93
CA ASP B 740 7.37 51.79 -30.00
C ASP B 740 6.74 50.41 -30.13
N ASP B 741 7.29 49.44 -29.41
CA ASP B 741 6.83 48.05 -29.48
C ASP B 741 5.71 47.87 -28.45
N TYR B 742 4.46 47.83 -28.94
CA TYR B 742 3.29 47.62 -28.09
C TYR B 742 2.99 46.13 -28.07
N ARG B 743 3.69 45.42 -27.20
CA ARG B 743 3.66 43.96 -27.15
C ARG B 743 2.93 43.41 -25.93
N TRP B 744 2.13 44.23 -25.25
CA TRP B 744 1.40 43.82 -24.04
C TRP B 744 2.32 43.13 -23.04
N CYS B 745 3.25 43.92 -22.52
CA CYS B 745 4.32 43.37 -21.69
C CYS B 745 3.77 42.77 -20.40
N PHE B 746 4.53 41.85 -19.83
CA PHE B 746 4.22 41.21 -18.55
C PHE B 746 5.53 41.10 -17.77
N ARG B 747 5.63 41.82 -16.66
CA ARG B 747 6.87 41.85 -15.89
C ARG B 747 6.92 40.68 -14.93
N VAL B 748 8.02 39.91 -15.00
CA VAL B 748 8.30 38.82 -14.08
C VAL B 748 9.63 39.11 -13.40
N ASP B 749 9.64 38.98 -12.08
CA ASP B 749 10.81 39.32 -11.27
C ASP B 749 11.36 38.10 -10.55
N SER C 286 22.93 -36.37 -30.44
CA SER C 286 22.38 -37.39 -29.57
C SER C 286 20.86 -37.32 -29.50
N VAL C 287 20.33 -36.11 -29.57
CA VAL C 287 18.89 -35.85 -29.50
C VAL C 287 18.34 -35.43 -30.85
N GLY C 288 19.02 -35.79 -31.94
CA GLY C 288 18.52 -35.48 -33.27
C GLY C 288 18.70 -34.05 -33.71
N ASN C 289 19.33 -33.21 -32.88
CA ASN C 289 19.44 -31.78 -33.17
C ASN C 289 20.73 -31.48 -33.92
N THR C 290 20.93 -30.20 -34.23
CA THR C 290 22.13 -29.71 -34.90
C THR C 290 22.73 -28.57 -34.07
N VAL C 291 23.74 -27.89 -34.63
CA VAL C 291 24.45 -26.86 -33.88
C VAL C 291 23.54 -25.68 -33.54
N LEU C 292 22.54 -25.40 -34.38
CA LEU C 292 21.68 -24.25 -34.15
C LEU C 292 20.86 -24.41 -32.89
N HIS C 293 20.41 -25.63 -32.58
CA HIS C 293 19.70 -25.85 -31.32
C HIS C 293 20.63 -25.61 -30.13
N ALA C 294 21.88 -26.04 -30.24
CA ALA C 294 22.85 -25.75 -29.18
C ALA C 294 23.06 -24.25 -29.01
N LEU C 295 23.11 -23.51 -30.14
CA LEU C 295 23.20 -22.06 -30.06
C LEU C 295 22.00 -21.47 -29.33
N VAL C 296 20.81 -21.99 -29.62
CA VAL C 296 19.61 -21.55 -28.90
C VAL C 296 19.76 -21.81 -27.41
N GLU C 297 20.31 -22.98 -27.06
CA GLU C 297 20.47 -23.32 -25.64
C GLU C 297 21.49 -22.43 -24.95
N VAL C 298 22.52 -21.98 -25.67
CA VAL C 298 23.59 -21.20 -25.04
C VAL C 298 23.04 -19.86 -24.54
N ALA C 299 22.19 -19.21 -25.32
CA ALA C 299 21.74 -17.86 -24.99
C ALA C 299 20.96 -17.84 -23.68
N ASP C 300 21.15 -16.77 -22.91
CA ASP C 300 20.46 -16.57 -21.64
C ASP C 300 19.85 -15.18 -21.54
N ASN C 301 19.53 -14.55 -22.68
CA ASN C 301 18.84 -13.26 -22.70
C ASN C 301 19.67 -12.17 -22.01
N THR C 302 20.97 -12.18 -22.24
CA THR C 302 21.87 -11.09 -21.86
C THR C 302 22.53 -10.54 -23.10
N VAL C 303 22.98 -9.28 -23.02
CA VAL C 303 23.41 -8.56 -24.22
C VAL C 303 24.62 -9.23 -24.84
N ASP C 304 25.62 -9.57 -24.01
CA ASP C 304 26.86 -10.11 -24.55
C ASP C 304 26.67 -11.53 -25.08
N ASN C 305 25.98 -12.37 -24.32
CA ASN C 305 25.73 -13.73 -24.80
C ASN C 305 24.78 -13.72 -25.99
N THR C 306 23.82 -12.79 -26.02
CA THR C 306 22.95 -12.68 -27.18
C THR C 306 23.74 -12.31 -28.43
N LYS C 307 24.65 -11.33 -28.32
CA LYS C 307 25.46 -10.96 -29.47
C LYS C 307 26.38 -12.11 -29.89
N PHE C 308 26.95 -12.82 -28.92
CA PHE C 308 27.82 -13.95 -29.22
C PHE C 308 27.08 -15.03 -29.99
N VAL C 309 25.90 -15.41 -29.48
CA VAL C 309 25.09 -16.43 -30.14
C VAL C 309 24.63 -15.94 -31.50
N THR C 310 24.27 -14.66 -31.62
CA THR C 310 23.83 -14.12 -32.90
C THR C 310 24.96 -14.18 -33.93
N SER C 311 26.17 -13.79 -33.54
CA SER C 311 27.31 -13.84 -34.46
C SER C 311 27.57 -15.26 -34.92
N MET C 312 27.59 -16.21 -33.97
CA MET C 312 27.83 -17.60 -34.35
C MET C 312 26.73 -18.12 -35.26
N TYR C 313 25.47 -17.78 -34.96
CA TYR C 313 24.34 -18.23 -35.77
C TYR C 313 24.45 -17.69 -37.19
N ASN C 314 24.76 -16.40 -37.33
CA ASN C 314 24.86 -15.79 -38.65
C ASN C 314 26.00 -16.41 -39.45
N GLU C 315 27.18 -16.53 -38.84
CA GLU C 315 28.32 -17.07 -39.56
C GLU C 315 28.10 -18.52 -39.95
N ILE C 316 27.52 -19.31 -39.05
CA ILE C 316 27.27 -20.72 -39.35
C ILE C 316 26.25 -20.85 -40.47
N LEU C 317 25.19 -20.02 -40.45
CA LEU C 317 24.22 -20.07 -41.53
C LEU C 317 24.86 -19.70 -42.87
N ILE C 318 25.68 -18.65 -42.89
CA ILE C 318 26.30 -18.22 -44.14
C ILE C 318 27.22 -19.32 -44.68
N LEU C 319 28.05 -19.89 -43.80
CA LEU C 319 28.97 -20.92 -44.24
C LEU C 319 28.23 -22.18 -44.68
N GLY C 320 27.17 -22.56 -43.97
CA GLY C 320 26.37 -23.70 -44.39
C GLY C 320 25.75 -23.51 -45.75
N ALA C 321 25.25 -22.29 -46.01
CA ALA C 321 24.70 -22.01 -47.34
C ALA C 321 25.77 -22.09 -48.41
N LYS C 322 26.97 -21.61 -48.09
CA LYS C 322 28.05 -21.69 -49.08
C LYS C 322 28.52 -23.12 -49.30
N LEU C 323 28.43 -23.97 -48.27
CA LEU C 323 28.88 -25.35 -48.38
C LEU C 323 27.80 -26.25 -48.97
N HIS C 324 26.55 -26.05 -48.58
CA HIS C 324 25.41 -26.86 -49.04
C HIS C 324 24.29 -25.92 -49.47
N PRO C 325 24.41 -25.33 -50.66
CA PRO C 325 23.36 -24.39 -51.11
C PRO C 325 21.99 -25.05 -51.28
N THR C 326 21.93 -26.37 -51.47
CA THR C 326 20.69 -27.06 -51.74
C THR C 326 19.91 -27.44 -50.48
N LEU C 327 20.51 -27.35 -49.30
CA LEU C 327 19.88 -27.77 -48.06
C LEU C 327 19.27 -26.58 -47.33
N LYS C 328 18.15 -26.84 -46.65
CA LYS C 328 17.50 -25.86 -45.79
C LYS C 328 18.10 -26.03 -44.39
N LEU C 329 18.93 -25.08 -43.98
CA LEU C 329 19.74 -25.24 -42.78
C LEU C 329 18.89 -25.26 -41.51
N GLU C 330 17.84 -24.44 -41.46
CA GLU C 330 17.06 -24.24 -40.24
C GLU C 330 15.87 -25.18 -40.13
N GLU C 331 15.65 -26.07 -41.10
CA GLU C 331 14.47 -26.93 -41.11
C GLU C 331 14.70 -28.27 -40.41
N ILE C 332 15.92 -28.55 -39.94
CA ILE C 332 16.16 -29.81 -39.25
C ILE C 332 15.54 -29.77 -37.87
N THR C 333 14.72 -30.77 -37.56
CA THR C 333 14.02 -30.86 -36.29
C THR C 333 14.68 -31.90 -35.40
N ASN C 334 14.67 -31.63 -34.10
CA ASN C 334 15.21 -32.56 -33.12
C ASN C 334 14.19 -33.67 -32.84
N ARG C 335 14.48 -34.51 -31.86
CA ARG C 335 13.54 -35.59 -31.50
C ARG C 335 12.20 -35.06 -31.02
N LYS C 336 12.16 -33.82 -30.53
CA LYS C 336 10.91 -33.19 -30.12
C LYS C 336 10.17 -32.53 -31.27
N GLY C 337 10.72 -32.56 -32.48
CA GLY C 337 10.06 -31.95 -33.62
C GLY C 337 10.18 -30.45 -33.69
N LEU C 338 11.17 -29.86 -33.03
CA LEU C 338 11.33 -28.42 -32.94
C LEU C 338 12.51 -27.98 -33.81
N THR C 339 12.26 -26.96 -34.63
CA THR C 339 13.32 -26.28 -35.35
C THR C 339 14.05 -25.34 -34.40
N PRO C 340 15.23 -24.84 -34.79
CA PRO C 340 15.91 -23.85 -33.94
C PRO C 340 15.06 -22.61 -33.67
N LEU C 341 14.26 -22.18 -34.64
CA LEU C 341 13.33 -21.09 -34.39
C LEU C 341 12.25 -21.52 -33.40
N ALA C 342 11.69 -22.71 -33.60
CA ALA C 342 10.70 -23.22 -32.67
C ALA C 342 11.30 -23.48 -31.30
N LEU C 343 12.56 -23.94 -31.24
CA LEU C 343 13.20 -24.16 -29.96
C LEU C 343 13.44 -22.84 -29.24
N ALA C 344 13.90 -21.82 -29.95
CA ALA C 344 14.10 -20.51 -29.33
C ALA C 344 12.78 -19.95 -28.83
N ALA C 345 11.70 -20.14 -29.60
CA ALA C 345 10.39 -19.68 -29.17
C ALA C 345 9.93 -20.42 -27.93
N SER C 346 10.08 -21.75 -27.91
CA SER C 346 9.59 -22.55 -26.81
C SER C 346 10.49 -22.44 -25.58
N SER C 347 11.78 -22.19 -25.77
CA SER C 347 12.74 -22.17 -24.68
C SER C 347 12.81 -20.81 -23.97
N GLY C 348 12.08 -19.81 -24.44
CA GLY C 348 12.13 -18.50 -23.79
C GLY C 348 13.38 -17.72 -24.09
N LYS C 349 13.98 -17.92 -25.26
CA LYS C 349 15.21 -17.22 -25.67
C LYS C 349 14.78 -16.04 -26.53
N ILE C 350 14.76 -14.85 -25.92
CA ILE C 350 14.12 -13.71 -26.55
C ILE C 350 15.04 -13.07 -27.59
N GLY C 351 16.32 -12.93 -27.26
CA GLY C 351 17.25 -12.33 -28.21
C GLY C 351 17.39 -13.14 -29.48
N VAL C 352 17.48 -14.46 -29.34
CA VAL C 352 17.63 -15.33 -30.51
C VAL C 352 16.38 -15.24 -31.38
N LEU C 353 15.20 -15.30 -30.77
CA LEU C 353 13.96 -15.22 -31.52
C LEU C 353 13.83 -13.88 -32.23
N ALA C 354 14.14 -12.79 -31.53
CA ALA C 354 14.07 -11.47 -32.12
C ALA C 354 15.02 -11.33 -33.29
N TYR C 355 16.24 -11.85 -33.15
CA TYR C 355 17.19 -11.80 -34.25
C TYR C 355 16.69 -12.59 -35.45
N ILE C 356 16.23 -13.84 -35.21
CA ILE C 356 15.85 -14.71 -36.32
C ILE C 356 14.66 -14.13 -37.07
N LEU C 357 13.61 -13.74 -36.34
CA LEU C 357 12.39 -13.26 -36.99
C LEU C 357 12.63 -11.99 -37.79
N GLN C 358 13.55 -11.14 -37.33
CA GLN C 358 13.86 -9.87 -37.98
C GLN C 358 15.18 -9.92 -38.75
N ARG C 359 15.70 -11.10 -39.04
CA ARG C 359 16.98 -11.21 -39.71
C ARG C 359 16.90 -10.66 -41.13
N GLU C 360 17.86 -9.79 -41.47
CA GLU C 360 17.91 -9.15 -42.78
C GLU C 360 19.34 -9.14 -43.28
N ILE C 361 19.51 -9.37 -44.58
CA ILE C 361 20.82 -9.53 -45.21
C ILE C 361 20.88 -8.62 -46.42
N HIS C 362 22.00 -7.89 -46.57
CA HIS C 362 22.19 -6.90 -47.63
C HIS C 362 23.53 -7.12 -48.33
N GLU C 363 23.83 -8.36 -48.70
CA GLU C 363 25.05 -8.70 -49.42
C GLU C 363 24.75 -9.83 -50.40
N PRO C 364 25.53 -9.96 -51.47
CA PRO C 364 25.27 -11.05 -52.43
C PRO C 364 25.62 -12.41 -51.85
N GLU C 365 25.02 -13.44 -52.47
CA GLU C 365 25.19 -14.86 -52.12
C GLU C 365 24.58 -15.22 -50.77
N CYS C 366 23.86 -14.30 -50.13
CA CYS C 366 23.30 -14.55 -48.79
C CYS C 366 21.88 -14.04 -48.60
N ARG C 367 21.31 -13.31 -49.57
CA ARG C 367 19.97 -12.76 -49.37
C ARG C 367 18.92 -13.86 -49.18
N HIS C 368 19.16 -15.04 -49.75
CA HIS C 368 18.19 -16.13 -49.62
C HIS C 368 18.06 -16.66 -48.19
N LEU C 369 18.98 -16.29 -47.28
CA LEU C 369 18.90 -16.73 -45.88
C LEU C 369 18.12 -15.77 -44.99
N SER C 370 17.70 -14.61 -45.51
CA SER C 370 17.01 -13.63 -44.68
C SER C 370 15.52 -13.92 -44.61
N ARG C 371 14.88 -13.36 -43.59
CA ARG C 371 13.43 -13.41 -43.42
C ARG C 371 12.76 -12.06 -43.55
N LYS C 372 13.41 -10.99 -43.11
CA LYS C 372 12.90 -9.64 -43.28
C LYS C 372 13.43 -9.05 -44.58
N PHE C 373 12.56 -8.35 -45.31
CA PHE C 373 12.92 -7.65 -46.52
C PHE C 373 12.32 -6.25 -46.47
N THR C 374 13.13 -5.23 -46.69
CA THR C 374 12.67 -3.86 -46.61
C THR C 374 12.20 -3.39 -47.98
N GLU C 375 11.01 -2.81 -48.02
CA GLU C 375 10.42 -2.28 -49.26
C GLU C 375 10.57 -0.77 -49.37
N TRP C 376 10.40 -0.04 -48.27
CA TRP C 376 10.55 1.40 -48.25
C TRP C 376 11.31 1.80 -46.99
N ALA C 377 12.18 2.81 -47.12
CA ALA C 377 12.99 3.32 -46.03
C ALA C 377 12.87 4.84 -45.99
N TYR C 378 12.00 5.34 -45.13
CA TYR C 378 11.85 6.77 -44.85
C TYR C 378 12.40 7.07 -43.47
N GLY C 379 12.35 8.34 -43.09
CA GLY C 379 12.85 8.78 -41.81
C GLY C 379 12.18 8.10 -40.63
N PRO C 380 10.88 8.36 -40.44
CA PRO C 380 10.18 7.81 -39.27
C PRO C 380 9.57 6.43 -39.50
N VAL C 381 9.40 6.03 -40.77
CA VAL C 381 8.68 4.82 -41.13
C VAL C 381 9.53 4.00 -42.08
N HIS C 382 9.57 2.69 -41.84
CA HIS C 382 10.24 1.74 -42.72
C HIS C 382 9.28 0.58 -42.98
N SER C 383 8.90 0.39 -44.24
CA SER C 383 7.96 -0.65 -44.63
C SER C 383 8.72 -1.86 -45.14
N SER C 384 8.40 -3.03 -44.57
CA SER C 384 9.18 -4.24 -44.81
C SER C 384 8.29 -5.47 -44.83
N LEU C 385 8.77 -6.51 -45.51
CA LEU C 385 8.10 -7.80 -45.60
C LEU C 385 8.78 -8.80 -44.68
N TYR C 386 8.00 -9.44 -43.81
CA TYR C 386 8.45 -10.52 -42.96
C TYR C 386 8.01 -11.87 -43.53
N ASP C 387 8.70 -12.93 -43.11
CA ASP C 387 8.42 -14.29 -43.54
C ASP C 387 7.51 -14.95 -42.51
N LEU C 388 6.30 -15.33 -42.94
CA LEU C 388 5.38 -16.06 -42.08
C LEU C 388 5.63 -17.55 -42.06
N SER C 389 6.56 -18.06 -42.87
CA SER C 389 6.84 -19.49 -42.87
C SER C 389 7.33 -19.92 -41.49
N CYS C 390 6.76 -21.02 -41.00
CA CYS C 390 7.02 -21.62 -39.70
C CYS C 390 6.45 -20.83 -38.53
N ILE C 391 5.84 -19.67 -38.76
CA ILE C 391 5.19 -18.90 -37.68
C ILE C 391 3.72 -19.26 -37.57
N ASP C 392 3.02 -19.34 -38.70
CA ASP C 392 1.62 -19.75 -38.68
C ASP C 392 1.47 -21.26 -38.62
N THR C 393 2.40 -22.00 -39.23
CA THR C 393 2.32 -23.46 -39.19
C THR C 393 3.66 -24.06 -39.57
N CYS C 394 4.06 -25.10 -38.84
CA CYS C 394 5.13 -26.01 -39.24
C CYS C 394 4.59 -27.42 -39.50
N GLU C 395 3.27 -27.61 -39.42
CA GLU C 395 2.55 -28.88 -39.48
C GLU C 395 2.70 -29.71 -38.21
N LYS C 396 3.59 -29.33 -37.29
CA LYS C 396 3.62 -29.89 -35.95
C LYS C 396 3.61 -28.83 -34.85
N ASN C 397 4.52 -27.86 -34.94
CA ASN C 397 4.77 -26.90 -33.85
C ASN C 397 5.16 -25.56 -34.46
N SER C 398 4.24 -24.60 -34.48
CA SER C 398 4.53 -23.27 -34.97
C SER C 398 5.06 -22.38 -33.85
N VAL C 399 5.58 -21.20 -34.23
CA VAL C 399 6.17 -20.29 -33.26
C VAL C 399 5.10 -19.75 -32.31
N LEU C 400 3.98 -19.31 -32.86
CA LEU C 400 2.91 -18.78 -32.01
C LEU C 400 2.35 -19.87 -31.10
N GLU C 401 2.25 -21.09 -31.61
CA GLU C 401 1.75 -22.19 -30.78
C GLU C 401 2.67 -22.46 -29.60
N VAL C 402 3.97 -22.58 -29.84
CA VAL C 402 4.89 -22.89 -28.74
C VAL C 402 4.98 -21.72 -27.78
N ILE C 403 4.87 -20.48 -28.26
CA ILE C 403 4.89 -19.34 -27.34
C ILE C 403 3.64 -19.35 -26.46
N ALA C 404 2.47 -19.49 -27.07
CA ALA C 404 1.23 -19.41 -26.33
C ALA C 404 1.05 -20.60 -25.38
N TYR C 405 1.38 -21.80 -25.84
CA TYR C 405 1.16 -23.02 -25.09
C TYR C 405 2.40 -23.49 -24.35
N SER C 406 3.29 -22.56 -24.01
CA SER C 406 4.46 -22.89 -23.20
C SER C 406 4.04 -23.25 -21.79
N SER C 407 4.96 -23.91 -21.07
CA SER C 407 4.69 -24.36 -19.72
C SER C 407 4.62 -23.22 -18.71
N SER C 408 5.02 -22.00 -19.08
CA SER C 408 5.10 -20.81 -18.24
C SER C 408 6.27 -20.87 -17.25
N GLU C 409 7.10 -21.91 -17.30
CA GLU C 409 8.30 -21.99 -16.50
C GLU C 409 9.54 -21.49 -17.24
N THR C 410 9.37 -21.00 -18.48
CA THR C 410 10.49 -20.49 -19.24
C THR C 410 10.92 -19.13 -18.72
N PRO C 411 12.16 -18.68 -19.02
CA PRO C 411 12.65 -17.43 -18.42
C PRO C 411 11.79 -16.19 -18.65
N ASN C 412 11.61 -15.77 -19.89
CA ASN C 412 10.89 -14.52 -20.17
C ASN C 412 10.06 -14.62 -21.45
N ARG C 413 9.35 -15.74 -21.65
CA ARG C 413 8.48 -15.88 -22.81
C ARG C 413 7.42 -14.80 -22.89
N HIS C 414 7.10 -14.17 -21.76
CA HIS C 414 6.05 -13.18 -21.67
C HIS C 414 6.21 -12.05 -22.68
N ASP C 415 7.45 -11.64 -22.95
CA ASP C 415 7.72 -10.53 -23.85
C ASP C 415 7.90 -10.97 -25.31
N MET C 416 7.81 -12.27 -25.60
CA MET C 416 8.04 -12.73 -26.97
C MET C 416 7.00 -12.18 -27.93
N LEU C 417 5.80 -11.89 -27.45
CA LEU C 417 4.77 -11.31 -28.29
C LEU C 417 5.00 -9.84 -28.59
N LEU C 418 5.98 -9.19 -27.97
CA LEU C 418 6.33 -7.81 -28.30
C LEU C 418 7.25 -7.69 -29.50
N VAL C 419 7.76 -8.81 -30.02
CA VAL C 419 8.59 -8.77 -31.22
C VAL C 419 7.71 -8.36 -32.39
N GLU C 420 8.17 -7.37 -33.16
CA GLU C 420 7.43 -6.66 -34.19
C GLU C 420 6.61 -7.57 -35.12
N PRO C 421 7.22 -8.54 -35.80
CA PRO C 421 6.40 -9.43 -36.66
C PRO C 421 5.31 -10.16 -35.90
N LEU C 422 5.60 -10.66 -34.70
CA LEU C 422 4.59 -11.41 -33.98
C LEU C 422 3.51 -10.50 -33.43
N ASN C 423 3.91 -9.34 -32.90
CA ASN C 423 2.93 -8.40 -32.37
C ASN C 423 1.98 -7.91 -33.46
N ARG C 424 2.53 -7.55 -34.62
CA ARG C 424 1.69 -7.06 -35.69
C ARG C 424 0.88 -8.18 -36.32
N LEU C 425 1.42 -9.41 -36.38
CA LEU C 425 0.65 -10.53 -36.89
C LEU C 425 -0.55 -10.81 -36.00
N LEU C 426 -0.35 -10.82 -34.68
CA LEU C 426 -1.45 -11.09 -33.77
C LEU C 426 -2.48 -9.95 -33.79
N GLN C 427 -2.01 -8.70 -33.85
CA GLN C 427 -2.95 -7.59 -33.92
C GLN C 427 -3.75 -7.62 -35.21
N ASP C 428 -3.10 -7.99 -36.32
CA ASP C 428 -3.80 -8.09 -37.59
C ASP C 428 -4.84 -9.21 -37.55
N LYS C 429 -4.46 -10.37 -36.98
CA LYS C 429 -5.42 -11.46 -36.86
C LYS C 429 -6.59 -11.07 -35.98
N TRP C 430 -6.33 -10.32 -34.90
CA TRP C 430 -7.41 -9.84 -34.06
C TRP C 430 -8.35 -8.92 -34.85
N ASP C 431 -7.81 -7.82 -35.36
CA ASP C 431 -8.65 -6.82 -36.01
C ASP C 431 -9.33 -7.35 -37.26
N ARG C 432 -8.75 -8.36 -37.91
CA ARG C 432 -9.31 -8.84 -39.16
C ARG C 432 -10.58 -9.64 -38.93
N PHE C 433 -10.45 -10.80 -38.26
CA PHE C 433 -11.58 -11.72 -38.08
C PHE C 433 -11.74 -12.25 -36.66
N VAL C 434 -10.69 -12.35 -35.86
CA VAL C 434 -10.81 -12.99 -34.55
C VAL C 434 -11.61 -12.12 -33.59
N LYS C 435 -11.51 -10.79 -33.72
CA LYS C 435 -12.22 -9.90 -32.82
C LYS C 435 -13.73 -10.17 -32.84
N ARG C 436 -14.31 -10.20 -34.04
CA ARG C 436 -15.75 -10.45 -34.15
C ARG C 436 -16.11 -11.85 -33.65
N ILE C 437 -15.28 -12.84 -33.97
CA ILE C 437 -15.57 -14.21 -33.54
C ILE C 437 -15.54 -14.30 -32.01
N PHE C 438 -14.55 -13.67 -31.39
CA PHE C 438 -14.45 -13.70 -29.94
C PHE C 438 -15.63 -13.00 -29.29
N TYR C 439 -16.02 -11.83 -29.81
CA TYR C 439 -17.17 -11.14 -29.24
C TYR C 439 -18.44 -11.95 -29.44
N PHE C 440 -18.56 -12.64 -30.59
CA PHE C 440 -19.71 -13.50 -30.81
C PHE C 440 -19.72 -14.66 -29.81
N ASN C 441 -18.57 -15.25 -29.55
CA ASN C 441 -18.51 -16.33 -28.57
C ASN C 441 -18.87 -15.83 -27.17
N PHE C 442 -18.41 -14.64 -26.82
CA PHE C 442 -18.77 -14.06 -25.53
C PHE C 442 -20.27 -13.81 -25.45
N PHE C 443 -20.86 -13.28 -26.53
CA PHE C 443 -22.30 -13.08 -26.57
C PHE C 443 -23.06 -14.39 -26.44
N VAL C 444 -22.60 -15.43 -27.14
CA VAL C 444 -23.26 -16.72 -27.09
C VAL C 444 -23.15 -17.30 -25.68
N TYR C 445 -22.00 -17.13 -25.04
CA TYR C 445 -21.86 -17.59 -23.66
C TYR C 445 -22.79 -16.81 -22.73
N CYS C 446 -22.94 -15.51 -22.97
CA CYS C 446 -23.89 -14.73 -22.18
C CYS C 446 -25.31 -15.24 -22.37
N LEU C 447 -25.69 -15.56 -23.60
CA LEU C 447 -27.01 -16.13 -23.84
C LEU C 447 -27.16 -17.48 -23.15
N TYR C 448 -26.12 -18.31 -23.23
CA TYR C 448 -26.15 -19.62 -22.57
C TYR C 448 -26.32 -19.46 -21.06
N MET C 449 -25.59 -18.53 -20.46
CA MET C 449 -25.69 -18.33 -19.02
C MET C 449 -27.03 -17.70 -18.63
N ILE C 450 -27.58 -16.81 -19.45
CA ILE C 450 -28.89 -16.26 -19.15
C ILE C 450 -29.95 -17.35 -19.23
N ILE C 451 -29.86 -18.22 -20.25
CA ILE C 451 -30.81 -19.32 -20.38
C ILE C 451 -30.67 -20.29 -19.22
N PHE C 452 -29.44 -20.59 -18.83
CA PHE C 452 -29.20 -21.48 -17.70
C PHE C 452 -29.75 -20.87 -16.41
N THR C 453 -29.52 -19.57 -16.20
CA THR C 453 -30.04 -18.90 -15.02
C THR C 453 -31.56 -18.93 -15.00
N ALA C 454 -32.19 -18.68 -16.14
CA ALA C 454 -33.65 -18.72 -16.20
C ALA C 454 -34.18 -20.12 -15.93
N ALA C 455 -33.57 -21.13 -16.55
CA ALA C 455 -34.04 -22.50 -16.38
C ALA C 455 -33.85 -22.98 -14.95
N ALA C 456 -32.72 -22.62 -14.33
CA ALA C 456 -32.46 -23.06 -12.97
C ALA C 456 -33.32 -22.27 -11.97
N TYR C 457 -33.50 -20.97 -12.21
CA TYR C 457 -34.32 -20.15 -11.33
C TYR C 457 -35.75 -20.65 -11.30
N TYR C 458 -36.30 -20.97 -12.48
CA TYR C 458 -37.67 -21.45 -12.60
C TYR C 458 -37.75 -22.98 -12.55
N ARG C 459 -36.81 -23.63 -11.88
CA ARG C 459 -36.91 -25.06 -11.70
C ARG C 459 -38.16 -25.38 -10.88
N PRO C 460 -38.84 -26.49 -11.16
CA PRO C 460 -39.99 -26.86 -10.32
C PRO C 460 -39.53 -27.26 -8.93
N VAL C 461 -40.42 -27.06 -7.96
CA VAL C 461 -40.12 -27.31 -6.56
C VAL C 461 -40.82 -28.58 -6.06
N GLU C 462 -41.32 -29.42 -6.96
CA GLU C 462 -41.85 -30.71 -6.55
C GLU C 462 -40.70 -31.65 -6.20
N GLY C 463 -41.05 -32.74 -5.51
CA GLY C 463 -40.03 -33.68 -5.08
C GLY C 463 -39.66 -34.69 -6.15
N LEU C 464 -38.50 -35.32 -5.95
CA LEU C 464 -38.07 -36.50 -6.68
C LEU C 464 -38.10 -36.33 -8.20
N PRO C 465 -37.12 -35.66 -8.79
CA PRO C 465 -37.04 -35.59 -10.26
C PRO C 465 -36.94 -36.97 -10.89
N PRO C 466 -37.01 -37.06 -12.23
CA PRO C 466 -37.30 -36.01 -13.21
C PRO C 466 -38.75 -35.58 -13.17
N TYR C 467 -39.04 -34.38 -13.66
CA TYR C 467 -40.36 -33.80 -13.57
C TYR C 467 -41.09 -33.95 -14.90
N LYS C 468 -42.37 -34.33 -14.81
CA LYS C 468 -43.18 -34.44 -16.02
C LYS C 468 -43.53 -33.05 -16.52
N LEU C 469 -43.58 -32.92 -17.85
CA LEU C 469 -43.84 -31.63 -18.45
C LEU C 469 -45.32 -31.24 -18.29
N LYS C 470 -45.58 -29.95 -18.48
CA LYS C 470 -46.91 -29.40 -18.48
C LYS C 470 -47.17 -28.74 -19.83
N ASN C 471 -48.44 -28.71 -20.23
CA ASN C 471 -48.79 -28.14 -21.52
C ASN C 471 -48.68 -26.62 -21.55
N THR C 472 -48.49 -25.97 -20.41
CA THR C 472 -48.29 -24.54 -20.39
C THR C 472 -46.98 -24.18 -21.11
N VAL C 473 -47.01 -23.08 -21.85
CA VAL C 473 -45.88 -22.70 -22.69
C VAL C 473 -44.64 -22.41 -21.84
N GLY C 474 -44.85 -21.90 -20.62
CA GLY C 474 -43.71 -21.62 -19.75
C GLY C 474 -42.91 -22.86 -19.42
N ASP C 475 -43.56 -24.01 -19.30
CA ASP C 475 -42.84 -25.23 -19.01
C ASP C 475 -42.09 -25.75 -20.22
N TYR C 476 -42.63 -25.54 -21.42
CA TYR C 476 -41.87 -25.87 -22.62
C TYR C 476 -40.64 -24.97 -22.76
N PHE C 477 -40.78 -23.68 -22.43
CA PHE C 477 -39.60 -22.82 -22.41
C PHE C 477 -38.60 -23.29 -21.36
N ARG C 478 -39.10 -23.73 -20.20
CA ARG C 478 -38.21 -24.21 -19.14
C ARG C 478 -37.43 -25.43 -19.59
N VAL C 479 -38.11 -26.43 -20.16
CA VAL C 479 -37.39 -27.63 -20.57
C VAL C 479 -36.48 -27.33 -21.76
N THR C 480 -36.87 -26.42 -22.65
CA THR C 480 -35.97 -26.02 -23.72
C THR C 480 -34.71 -25.38 -23.16
N GLY C 481 -34.87 -24.51 -22.16
CA GLY C 481 -33.71 -23.91 -21.52
C GLY C 481 -32.83 -24.94 -20.83
N GLU C 482 -33.45 -25.92 -20.18
CA GLU C 482 -32.68 -26.99 -19.54
C GLU C 482 -31.91 -27.81 -20.58
N ILE C 483 -32.56 -28.12 -21.70
CA ILE C 483 -31.89 -28.88 -22.75
C ILE C 483 -30.72 -28.09 -23.31
N LEU C 484 -30.91 -26.79 -23.53
CA LEU C 484 -29.81 -25.95 -24.01
C LEU C 484 -28.70 -25.86 -22.98
N SER C 485 -29.04 -25.79 -21.70
CA SER C 485 -28.03 -25.72 -20.65
C SER C 485 -27.20 -27.01 -20.61
N VAL C 486 -27.87 -28.16 -20.68
CA VAL C 486 -27.15 -29.43 -20.69
C VAL C 486 -26.33 -29.57 -21.96
N SER C 487 -26.85 -29.08 -23.09
CA SER C 487 -26.09 -29.11 -24.33
C SER C 487 -24.81 -28.29 -24.21
N GLY C 488 -24.91 -27.09 -23.64
CA GLY C 488 -23.71 -26.30 -23.41
C GLY C 488 -22.75 -26.96 -22.45
N GLY C 489 -23.29 -27.62 -21.42
CA GLY C 489 -22.43 -28.37 -20.52
C GLY C 489 -21.68 -29.49 -21.20
N VAL C 490 -22.38 -30.23 -22.07
CA VAL C 490 -21.74 -31.30 -22.84
C VAL C 490 -20.68 -30.72 -23.76
N TYR C 491 -20.99 -29.58 -24.39
CA TYR C 491 -20.02 -28.91 -25.26
C TYR C 491 -18.76 -28.54 -24.50
N PHE C 492 -18.91 -27.91 -23.32
CA PHE C 492 -17.74 -27.53 -22.55
C PHE C 492 -17.00 -28.75 -22.01
N PHE C 493 -17.73 -29.81 -21.68
CA PHE C 493 -17.10 -31.04 -21.23
C PHE C 493 -16.19 -31.62 -22.31
N PHE C 494 -16.72 -31.74 -23.53
CA PHE C 494 -15.91 -32.31 -24.60
C PHE C 494 -14.81 -31.36 -25.04
N ARG C 495 -15.04 -30.05 -24.99
CA ARG C 495 -13.95 -29.12 -25.29
C ARG C 495 -12.86 -29.19 -24.24
N GLY C 496 -13.22 -29.40 -22.98
CA GLY C 496 -12.22 -29.58 -21.94
C GLY C 496 -11.41 -30.83 -22.16
N ILE C 497 -12.08 -31.95 -22.50
CA ILE C 497 -11.35 -33.17 -22.79
C ILE C 497 -10.43 -32.98 -23.98
N GLN C 498 -10.93 -32.32 -25.03
CA GLN C 498 -10.12 -32.05 -26.21
C GLN C 498 -8.89 -31.24 -25.84
N TYR C 499 -9.06 -30.20 -25.02
CA TYR C 499 -7.94 -29.39 -24.59
C TYR C 499 -6.92 -30.21 -23.81
N PHE C 500 -7.40 -31.00 -22.85
CA PHE C 500 -6.47 -31.77 -22.02
C PHE C 500 -5.76 -32.84 -22.82
N LEU C 501 -6.40 -33.42 -23.82
CA LEU C 501 -5.74 -34.42 -24.65
C LEU C 501 -4.73 -33.78 -25.58
N GLN C 502 -5.06 -32.62 -26.15
CA GLN C 502 -4.15 -31.97 -27.08
C GLN C 502 -2.96 -31.34 -26.37
N ARG C 503 -3.18 -30.79 -25.18
CA ARG C 503 -2.12 -30.13 -24.43
C ARG C 503 -1.34 -31.11 -23.56
N ARG C 504 -2.02 -32.11 -22.98
CA ARG C 504 -1.42 -33.05 -22.03
C ARG C 504 -0.69 -32.30 -20.92
N PRO C 505 -1.41 -31.65 -20.00
CA PRO C 505 -0.72 -30.97 -18.89
C PRO C 505 0.07 -31.95 -18.04
N SER C 506 1.17 -31.44 -17.48
CA SER C 506 2.13 -32.28 -16.76
C SER C 506 1.62 -32.77 -15.41
N LEU C 507 0.48 -32.25 -14.93
CA LEU C 507 -0.08 -32.49 -13.60
C LEU C 507 0.69 -31.79 -12.48
N LYS C 508 1.75 -31.05 -12.80
CA LYS C 508 2.43 -30.16 -11.86
C LYS C 508 2.17 -28.70 -12.17
N SER C 509 2.04 -28.36 -13.45
CA SER C 509 1.58 -27.05 -13.89
C SER C 509 0.14 -27.10 -14.40
N LEU C 510 -0.64 -28.06 -13.90
CA LEU C 510 -2.01 -28.23 -14.37
C LEU C 510 -2.85 -26.99 -14.11
N PHE C 511 -2.71 -26.40 -12.91
CA PHE C 511 -3.46 -25.20 -12.56
C PHE C 511 -2.72 -23.91 -12.86
N VAL C 512 -1.39 -23.94 -12.97
CA VAL C 512 -0.64 -22.72 -13.26
C VAL C 512 -1.02 -22.19 -14.64
N ASP C 513 -1.07 -23.07 -15.63
CA ASP C 513 -1.66 -22.82 -16.93
C ASP C 513 -3.01 -23.54 -16.96
N SER C 514 -3.78 -23.34 -18.02
CA SER C 514 -5.03 -24.06 -18.21
C SER C 514 -6.05 -23.78 -17.10
N TYR C 515 -5.88 -22.69 -16.36
CA TYR C 515 -6.79 -22.40 -15.25
C TYR C 515 -8.21 -22.19 -15.75
N SER C 516 -8.37 -21.36 -16.79
CA SER C 516 -9.70 -21.10 -17.33
C SER C 516 -10.30 -22.38 -17.92
N GLU C 517 -9.48 -23.18 -18.60
CA GLU C 517 -9.97 -24.44 -19.15
C GLU C 517 -10.41 -25.39 -18.03
N ILE C 518 -9.66 -25.43 -16.93
CA ILE C 518 -10.06 -26.27 -15.81
C ILE C 518 -11.37 -25.79 -15.21
N LEU C 519 -11.54 -24.47 -15.07
CA LEU C 519 -12.79 -23.96 -14.52
C LEU C 519 -13.96 -24.28 -15.43
N PHE C 520 -13.80 -24.12 -16.74
CA PHE C 520 -14.87 -24.48 -17.65
C PHE C 520 -15.19 -25.97 -17.59
N PHE C 521 -14.15 -26.80 -17.51
CA PHE C 521 -14.37 -28.24 -17.45
C PHE C 521 -15.06 -28.63 -16.15
N VAL C 522 -14.67 -28.02 -15.02
CA VAL C 522 -15.30 -28.35 -13.75
C VAL C 522 -16.74 -27.86 -13.73
N GLN C 523 -17.02 -26.71 -14.34
CA GLN C 523 -18.40 -26.26 -14.47
C GLN C 523 -19.22 -27.27 -15.28
N SER C 524 -18.65 -27.78 -16.36
CA SER C 524 -19.36 -28.79 -17.14
C SER C 524 -19.50 -30.10 -16.36
N LEU C 525 -18.52 -30.44 -15.54
CA LEU C 525 -18.63 -31.63 -14.69
C LEU C 525 -19.77 -31.49 -13.70
N PHE C 526 -19.90 -30.31 -13.09
CA PHE C 526 -21.02 -30.08 -12.20
C PHE C 526 -22.34 -30.18 -12.96
N MET C 527 -22.39 -29.65 -14.18
CA MET C 527 -23.60 -29.76 -14.98
C MET C 527 -23.96 -31.23 -15.26
N LEU C 528 -22.97 -32.04 -15.62
CA LEU C 528 -23.26 -33.42 -15.96
C LEU C 528 -23.58 -34.26 -14.73
N VAL C 529 -22.93 -33.97 -13.60
CA VAL C 529 -23.32 -34.61 -12.35
C VAL C 529 -24.74 -34.22 -11.98
N SER C 530 -25.12 -32.97 -12.24
CA SER C 530 -26.49 -32.55 -12.03
C SER C 530 -27.44 -33.33 -12.92
N VAL C 531 -27.08 -33.56 -14.18
CA VAL C 531 -27.93 -34.35 -15.06
C VAL C 531 -28.10 -35.76 -14.51
N VAL C 532 -26.99 -36.37 -14.07
CA VAL C 532 -27.03 -37.73 -13.56
C VAL C 532 -27.92 -37.81 -12.32
N LEU C 533 -27.75 -36.86 -11.40
CA LEU C 533 -28.57 -36.85 -10.18
C LEU C 533 -30.03 -36.56 -10.51
N TYR C 534 -30.27 -35.71 -11.52
CA TYR C 534 -31.63 -35.39 -11.92
C TYR C 534 -32.35 -36.63 -12.42
N PHE C 535 -31.71 -37.40 -13.29
CA PHE C 535 -32.33 -38.62 -13.77
C PHE C 535 -32.18 -39.78 -12.79
N SER C 536 -31.32 -39.65 -11.78
CA SER C 536 -31.22 -40.65 -10.71
C SER C 536 -32.25 -40.44 -9.61
N GLN C 537 -33.16 -39.47 -9.75
CA GLN C 537 -34.21 -39.22 -8.76
C GLN C 537 -33.61 -38.77 -7.43
N ARG C 538 -32.68 -37.83 -7.50
CA ARG C 538 -32.11 -37.18 -6.32
C ARG C 538 -32.27 -35.67 -6.46
N LYS C 539 -32.77 -35.04 -5.40
CA LYS C 539 -32.87 -33.56 -5.41
C LYS C 539 -31.46 -32.96 -5.31
N GLU C 540 -30.46 -33.75 -4.89
CA GLU C 540 -29.09 -33.28 -4.81
C GLU C 540 -28.57 -32.76 -6.15
N TYR C 541 -29.27 -33.02 -7.26
CA TYR C 541 -28.88 -32.39 -8.51
C TYR C 541 -28.84 -30.88 -8.38
N VAL C 542 -29.74 -30.30 -7.56
CA VAL C 542 -29.72 -28.85 -7.37
C VAL C 542 -28.39 -28.43 -6.77
N ALA C 543 -27.89 -29.23 -5.81
CA ALA C 543 -26.60 -28.95 -5.21
C ALA C 543 -25.51 -28.85 -6.28
N SER C 544 -25.56 -29.72 -7.27
CA SER C 544 -24.59 -29.60 -8.36
C SER C 544 -24.92 -28.39 -9.22
N MET C 545 -26.19 -28.23 -9.59
CA MET C 545 -26.55 -27.27 -10.62
C MET C 545 -26.16 -25.87 -10.24
N VAL C 546 -26.47 -25.47 -8.99
CA VAL C 546 -26.18 -24.12 -8.55
C VAL C 546 -24.69 -23.87 -8.59
N PHE C 547 -23.86 -24.86 -8.24
CA PHE C 547 -22.43 -24.65 -8.32
C PHE C 547 -22.03 -24.39 -9.76
N SER C 548 -22.55 -25.20 -10.69
CA SER C 548 -22.29 -24.97 -12.09
C SER C 548 -22.75 -23.57 -12.49
N LEU C 549 -23.95 -23.20 -12.03
CA LEU C 549 -24.48 -21.88 -12.33
C LEU C 549 -23.52 -20.81 -11.82
N ALA C 550 -23.10 -20.93 -10.56
CA ALA C 550 -22.17 -19.96 -10.02
C ALA C 550 -20.90 -19.94 -10.83
N MET C 551 -20.35 -21.13 -11.10
CA MET C 551 -19.11 -21.21 -11.85
C MET C 551 -19.29 -20.60 -13.23
N GLY C 552 -20.45 -20.88 -13.85
CA GLY C 552 -20.69 -20.37 -15.18
C GLY C 552 -20.61 -18.86 -15.21
N TRP C 553 -21.23 -18.21 -14.23
CA TRP C 553 -21.19 -16.75 -14.23
C TRP C 553 -19.77 -16.26 -13.99
N THR C 554 -19.06 -16.89 -13.05
CA THR C 554 -17.69 -16.45 -12.82
C THR C 554 -16.80 -16.80 -14.02
N ASN C 555 -17.19 -17.80 -14.80
CA ASN C 555 -16.39 -18.11 -15.98
C ASN C 555 -16.50 -17.04 -17.05
N MET C 556 -17.44 -16.10 -16.93
CA MET C 556 -17.43 -14.96 -17.83
C MET C 556 -16.16 -14.15 -17.71
N LEU C 557 -15.45 -14.23 -16.58
CA LEU C 557 -14.17 -13.55 -16.48
C LEU C 557 -13.17 -14.05 -17.50
N TYR C 558 -13.32 -15.29 -17.99
CA TYR C 558 -12.45 -15.76 -19.06
C TYR C 558 -12.53 -14.85 -20.26
N TYR C 559 -13.73 -14.40 -20.60
CA TYR C 559 -13.87 -13.49 -21.74
C TYR C 559 -13.39 -12.09 -21.39
N THR C 560 -13.40 -11.74 -20.10
CA THR C 560 -12.83 -10.46 -19.71
C THR C 560 -11.34 -10.41 -19.98
N ARG C 561 -10.63 -11.51 -19.74
CA ARG C 561 -9.23 -11.59 -20.11
C ARG C 561 -9.08 -11.45 -21.61
N GLY C 562 -8.05 -10.72 -22.02
CA GLY C 562 -7.88 -10.29 -23.40
C GLY C 562 -8.22 -8.84 -23.63
N PHE C 563 -8.90 -8.20 -22.68
CA PHE C 563 -9.09 -6.75 -22.69
C PHE C 563 -7.96 -6.12 -21.88
N GLN C 564 -7.40 -5.03 -22.40
CA GLN C 564 -6.23 -4.43 -21.79
C GLN C 564 -6.51 -3.96 -20.37
N GLN C 565 -7.69 -3.37 -20.13
CA GLN C 565 -8.03 -2.81 -18.83
C GLN C 565 -8.82 -3.78 -17.96
N MET C 566 -9.85 -4.43 -18.50
CA MET C 566 -10.69 -5.28 -17.69
C MET C 566 -10.06 -6.64 -17.42
N GLY C 567 -9.25 -7.16 -18.36
CA GLY C 567 -8.69 -8.48 -18.19
C GLY C 567 -7.68 -8.58 -17.08
N ILE C 568 -7.04 -7.46 -16.72
CA ILE C 568 -6.03 -7.46 -15.66
C ILE C 568 -6.65 -7.90 -14.35
N TYR C 569 -7.89 -7.50 -14.10
CA TYR C 569 -8.55 -7.86 -12.85
C TYR C 569 -8.78 -9.37 -12.75
N ALA C 570 -9.26 -9.99 -13.83
CA ALA C 570 -9.46 -11.44 -13.82
C ALA C 570 -8.13 -12.17 -13.70
N VAL C 571 -7.08 -11.65 -14.36
CA VAL C 571 -5.76 -12.25 -14.23
C VAL C 571 -5.29 -12.20 -12.78
N MET C 572 -5.47 -11.05 -12.12
CA MET C 572 -5.07 -10.94 -10.73
C MET C 572 -5.87 -11.88 -9.84
N ILE C 573 -7.15 -12.07 -10.13
CA ILE C 573 -7.95 -13.03 -9.35
C ILE C 573 -7.36 -14.43 -9.49
N GLU C 574 -7.08 -14.83 -10.73
CA GLU C 574 -6.53 -16.15 -10.99
C GLU C 574 -5.21 -16.34 -10.26
N LYS C 575 -4.32 -15.35 -10.37
CA LYS C 575 -3.00 -15.48 -9.76
C LYS C 575 -3.09 -15.49 -8.24
N MET C 576 -3.98 -14.67 -7.66
CA MET C 576 -4.14 -14.69 -6.22
C MET C 576 -4.67 -16.02 -5.73
N ILE C 577 -5.67 -16.58 -6.44
CA ILE C 577 -6.23 -17.86 -6.01
C ILE C 577 -5.18 -18.96 -6.10
N LEU C 578 -4.42 -18.99 -7.19
CA LEU C 578 -3.47 -20.09 -7.38
C LEU C 578 -2.25 -19.94 -6.49
N ARG C 579 -1.74 -18.72 -6.35
CA ARG C 579 -0.44 -18.49 -5.72
C ARG C 579 -0.57 -18.10 -4.25
N ASP C 580 -1.35 -17.06 -3.96
CA ASP C 580 -1.32 -16.40 -2.65
C ASP C 580 -2.45 -16.81 -1.73
N LEU C 581 -3.38 -17.66 -2.19
CA LEU C 581 -4.51 -18.05 -1.36
C LEU C 581 -4.21 -19.25 -0.48
N CYS C 582 -3.31 -20.14 -0.90
CA CYS C 582 -3.06 -21.36 -0.15
C CYS C 582 -2.50 -21.04 1.23
N ARG C 583 -1.46 -20.20 1.29
CA ARG C 583 -0.82 -19.91 2.58
C ARG C 583 -1.76 -19.14 3.50
N PHE C 584 -2.49 -18.16 2.96
CA PHE C 584 -3.41 -17.39 3.78
C PHE C 584 -4.52 -18.27 4.31
N MET C 585 -5.10 -19.11 3.46
CA MET C 585 -6.17 -19.97 3.91
C MET C 585 -5.68 -20.98 4.94
N PHE C 586 -4.48 -21.51 4.77
CA PHE C 586 -3.96 -22.45 5.76
C PHE C 586 -3.80 -21.76 7.12
N VAL C 587 -3.13 -20.60 7.14
CA VAL C 587 -2.89 -19.95 8.42
C VAL C 587 -4.20 -19.49 9.04
N TYR C 588 -5.08 -18.90 8.23
CA TYR C 588 -6.37 -18.44 8.73
C TYR C 588 -7.19 -19.59 9.29
N LEU C 589 -7.24 -20.72 8.58
CA LEU C 589 -8.01 -21.86 9.07
C LEU C 589 -7.37 -22.47 10.31
N VAL C 590 -6.03 -22.41 10.42
CA VAL C 590 -5.39 -22.88 11.63
C VAL C 590 -5.81 -22.03 12.82
N PHE C 591 -5.77 -20.71 12.69
CA PHE C 591 -6.20 -19.85 13.78
C PHE C 591 -7.68 -20.03 14.08
N LEU C 592 -8.51 -20.09 13.03
CA LEU C 592 -9.95 -20.22 13.22
C LEU C 592 -10.29 -21.54 13.91
N PHE C 593 -9.67 -22.63 13.46
CA PHE C 593 -9.96 -23.93 14.04
C PHE C 593 -9.44 -24.01 15.47
N GLY C 594 -8.24 -23.50 15.72
CA GLY C 594 -7.71 -23.52 17.07
C GLY C 594 -8.57 -22.75 18.04
N PHE C 595 -8.96 -21.53 17.69
CA PHE C 595 -9.75 -20.73 18.61
C PHE C 595 -11.19 -21.21 18.69
N SER C 596 -11.74 -21.77 17.60
CA SER C 596 -13.07 -22.33 17.68
C SER C 596 -13.10 -23.59 18.51
N THR C 597 -12.05 -24.41 18.46
CA THR C 597 -11.96 -25.56 19.34
C THR C 597 -11.81 -25.13 20.80
N ALA C 598 -10.99 -24.10 21.04
CA ALA C 598 -10.88 -23.57 22.39
C ALA C 598 -12.22 -23.05 22.91
N VAL C 599 -12.95 -22.33 22.06
CA VAL C 599 -14.21 -21.74 22.49
C VAL C 599 -15.27 -22.82 22.70
N VAL C 600 -15.39 -23.76 21.76
CA VAL C 600 -16.41 -24.79 21.90
C VAL C 600 -16.09 -25.71 23.07
N THR C 601 -14.81 -25.91 23.38
CA THR C 601 -14.45 -26.62 24.60
C THR C 601 -14.86 -25.82 25.83
N LEU C 602 -14.66 -24.51 25.80
CA LEU C 602 -14.95 -23.69 26.97
C LEU C 602 -16.45 -23.66 27.27
N ILE C 603 -17.28 -23.53 26.24
CA ILE C 603 -18.72 -23.40 26.46
C ILE C 603 -19.33 -24.77 26.69
N GLU C 604 -20.34 -24.80 27.55
CA GLU C 604 -21.04 -26.04 27.90
C GLU C 604 -22.50 -25.70 28.17
N ASP C 605 -23.39 -26.61 27.77
CA ASP C 605 -24.82 -26.39 27.93
C ASP C 605 -25.18 -26.29 29.41
N GLY C 606 -26.08 -25.36 29.72
CA GLY C 606 -26.52 -25.16 31.09
C GLY C 606 -27.86 -24.46 31.16
N SER C 630 -27.55 -24.88 21.30
CA SER C 630 -27.15 -23.62 20.68
C SER C 630 -25.67 -23.37 20.87
N TYR C 631 -24.93 -23.40 19.77
CA TYR C 631 -23.49 -23.15 19.68
C TYR C 631 -22.65 -24.23 20.33
N ASN C 632 -23.25 -25.31 20.85
CA ASN C 632 -22.46 -26.35 21.48
C ASN C 632 -21.66 -27.19 20.49
N SER C 633 -21.88 -27.02 19.20
CA SER C 633 -21.16 -27.74 18.17
C SER C 633 -19.94 -26.96 17.72
N LEU C 634 -18.96 -27.69 17.20
CA LEU C 634 -17.76 -27.05 16.67
C LEU C 634 -18.08 -26.25 15.41
N TYR C 635 -19.03 -26.73 14.61
CA TYR C 635 -19.40 -26.03 13.39
C TYR C 635 -19.98 -24.66 13.69
N SER C 636 -20.90 -24.59 14.65
CA SER C 636 -21.52 -23.31 15.00
C SER C 636 -20.49 -22.32 15.53
N THR C 637 -19.57 -22.80 16.37
CA THR C 637 -18.52 -21.93 16.88
C THR C 637 -17.60 -21.46 15.76
N CYS C 638 -17.30 -22.34 14.81
CA CYS C 638 -16.49 -21.94 13.67
C CYS C 638 -17.18 -20.86 12.85
N LEU C 639 -18.49 -20.99 12.64
CA LEU C 639 -19.23 -19.94 11.95
C LEU C 639 -19.22 -18.64 12.73
N GLU C 640 -19.42 -18.71 14.04
CA GLU C 640 -19.44 -17.50 14.85
C GLU C 640 -18.09 -16.80 14.87
N LEU C 641 -17.00 -17.56 14.85
CA LEU C 641 -15.69 -16.94 14.77
C LEU C 641 -15.38 -16.43 13.37
N PHE C 642 -15.85 -17.11 12.33
CA PHE C 642 -15.69 -16.61 10.98
C PHE C 642 -16.43 -15.28 10.80
N LYS C 643 -17.56 -15.12 11.49
CA LYS C 643 -18.33 -13.89 11.40
C LYS C 643 -17.51 -12.65 11.75
N PHE C 644 -16.52 -12.79 12.64
CA PHE C 644 -15.65 -11.66 12.95
C PHE C 644 -14.91 -11.17 11.71
N THR C 645 -14.52 -12.09 10.83
CA THR C 645 -13.80 -11.70 9.63
C THR C 645 -14.65 -10.83 8.73
N ILE C 646 -15.97 -11.04 8.70
CA ILE C 646 -16.87 -10.27 7.85
C ILE C 646 -17.53 -9.13 8.61
N GLY C 647 -17.01 -8.75 9.77
CA GLY C 647 -17.54 -7.62 10.49
C GLY C 647 -18.90 -7.86 11.12
N MET C 648 -19.24 -9.12 11.39
CA MET C 648 -20.51 -9.49 11.99
C MET C 648 -20.34 -10.40 13.20
N GLY C 649 -19.18 -10.32 13.86
CA GLY C 649 -18.96 -11.11 15.06
C GLY C 649 -19.63 -10.48 16.25
N ASP C 650 -20.45 -11.27 16.95
CA ASP C 650 -21.24 -10.73 18.05
C ASP C 650 -20.37 -10.40 19.25
N LEU C 651 -19.40 -11.25 19.56
CA LEU C 651 -18.49 -11.14 20.70
C LEU C 651 -19.16 -11.49 22.03
N GLU C 652 -20.47 -11.72 22.03
CA GLU C 652 -21.19 -12.29 23.16
C GLU C 652 -22.25 -13.25 22.61
N PHE C 653 -21.86 -14.09 21.65
CA PHE C 653 -22.84 -14.91 20.96
C PHE C 653 -23.43 -15.99 21.86
N THR C 654 -22.80 -16.27 23.00
CA THR C 654 -23.34 -17.21 23.96
C THR C 654 -22.94 -16.78 25.36
N GLU C 655 -23.74 -17.19 26.34
CA GLU C 655 -23.40 -17.09 27.75
C GLU C 655 -23.27 -18.46 28.41
N ASN C 656 -23.26 -19.54 27.63
CA ASN C 656 -23.24 -20.89 28.17
C ASN C 656 -21.80 -21.31 28.45
N TYR C 657 -21.24 -20.67 29.48
CA TYR C 657 -19.87 -20.99 29.88
C TYR C 657 -19.67 -20.59 31.34
N ASP C 658 -18.63 -21.17 31.92
CA ASP C 658 -17.97 -20.60 33.08
C ASP C 658 -16.75 -19.82 32.60
N PHE C 659 -16.23 -18.97 33.48
CA PHE C 659 -15.04 -18.20 33.16
C PHE C 659 -15.28 -17.28 31.96
N LYS C 660 -16.23 -16.35 32.10
CA LYS C 660 -16.49 -15.36 31.06
C LYS C 660 -15.22 -14.63 30.65
N ALA C 661 -14.34 -14.35 31.61
CA ALA C 661 -13.08 -13.68 31.28
C ALA C 661 -12.28 -14.50 30.28
N VAL C 662 -12.28 -15.82 30.43
CA VAL C 662 -11.52 -16.67 29.52
C VAL C 662 -12.13 -16.63 28.13
N PHE C 663 -13.46 -16.72 28.05
CA PHE C 663 -14.15 -16.68 26.76
C PHE C 663 -13.87 -15.36 26.04
N ILE C 664 -13.98 -14.25 26.76
CA ILE C 664 -13.77 -12.95 26.13
C ILE C 664 -12.30 -12.76 25.75
N ILE C 665 -11.38 -13.25 26.58
CA ILE C 665 -9.97 -13.17 26.24
C ILE C 665 -9.67 -13.98 24.98
N LEU C 666 -10.26 -15.17 24.88
CA LEU C 666 -10.07 -15.98 23.67
C LEU C 666 -10.61 -15.26 22.44
N LEU C 667 -11.80 -14.70 22.53
CA LEU C 667 -12.38 -14.02 21.38
C LEU C 667 -11.59 -12.78 21.01
N LEU C 668 -11.14 -12.01 22.00
CA LEU C 668 -10.34 -10.82 21.71
C LEU C 668 -9.00 -11.20 21.09
N ALA C 669 -8.37 -12.25 21.60
CA ALA C 669 -7.12 -12.71 21.01
C ALA C 669 -7.34 -13.18 19.57
N TYR C 670 -8.46 -13.87 19.34
CA TYR C 670 -8.77 -14.30 17.97
C TYR C 670 -8.98 -13.10 17.06
N VAL C 671 -9.70 -12.10 17.54
CA VAL C 671 -9.95 -10.91 16.73
C VAL C 671 -8.64 -10.20 16.39
N ILE C 672 -7.80 -9.98 17.40
CA ILE C 672 -6.55 -9.27 17.18
C ILE C 672 -5.65 -10.07 16.26
N LEU C 673 -5.56 -11.37 16.48
CA LEU C 673 -4.73 -12.22 15.64
C LEU C 673 -5.26 -12.27 14.21
N THR C 674 -6.57 -12.34 14.03
CA THR C 674 -7.14 -12.40 12.69
C THR C 674 -6.91 -11.10 11.94
N TYR C 675 -7.00 -9.97 12.64
CA TYR C 675 -6.71 -8.71 11.97
C TYR C 675 -5.23 -8.55 11.69
N ILE C 676 -4.38 -9.13 12.55
CA ILE C 676 -2.96 -9.23 12.24
C ILE C 676 -2.76 -10.07 10.99
N LEU C 677 -3.50 -11.17 10.86
CA LEU C 677 -3.41 -12.02 9.67
C LEU C 677 -3.80 -11.27 8.42
N LEU C 678 -4.94 -10.58 8.45
CA LEU C 678 -5.38 -9.83 7.28
C LEU C 678 -4.39 -8.73 6.94
N LEU C 679 -3.86 -8.06 7.97
CA LEU C 679 -2.87 -7.02 7.76
C LEU C 679 -1.59 -7.58 7.14
N ASN C 680 -1.17 -8.76 7.58
CA ASN C 680 0.04 -9.37 7.03
C ASN C 680 -0.18 -9.88 5.62
N MET C 681 -1.37 -10.37 5.32
CA MET C 681 -1.69 -10.72 3.93
C MET C 681 -1.58 -9.49 3.04
N LEU C 682 -2.20 -8.39 3.49
CA LEU C 682 -2.13 -7.11 2.74
C LEU C 682 -0.65 -6.77 2.53
N ILE C 683 0.13 -6.77 3.60
CA ILE C 683 1.53 -6.34 3.54
C ILE C 683 2.30 -7.23 2.57
N ALA C 684 2.10 -8.54 2.65
CA ALA C 684 2.82 -9.47 1.78
C ALA C 684 2.46 -9.23 0.32
N LEU C 685 1.19 -8.94 0.05
CA LEU C 685 0.78 -8.70 -1.33
C LEU C 685 1.25 -7.34 -1.82
N MET C 686 1.33 -6.34 -0.94
CA MET C 686 1.82 -5.02 -1.32
C MET C 686 3.33 -5.00 -1.46
N GLY C 687 4.04 -5.96 -0.88
CA GLY C 687 5.46 -6.07 -1.12
C GLY C 687 5.80 -6.48 -2.54
N GLU C 688 4.85 -7.05 -3.26
CA GLU C 688 5.04 -7.48 -4.65
C GLU C 688 4.44 -6.51 -5.66
N THR C 689 4.05 -5.31 -5.22
CA THR C 689 3.47 -4.31 -6.12
C THR C 689 4.52 -3.44 -6.82
N VAL C 690 5.80 -3.68 -6.59
CA VAL C 690 6.82 -2.85 -7.21
C VAL C 690 7.11 -3.42 -8.60
N ASN C 691 6.27 -3.07 -9.56
CA ASN C 691 6.40 -3.39 -10.98
C ASN C 691 6.29 -4.88 -11.29
N LYS C 692 6.03 -5.73 -10.30
CA LYS C 692 5.98 -7.17 -10.56
C LYS C 692 4.58 -7.61 -10.99
N ILE C 693 3.58 -7.36 -10.14
CA ILE C 693 2.23 -7.84 -10.42
C ILE C 693 1.67 -7.17 -11.68
N ALA C 694 1.89 -5.86 -11.83
CA ALA C 694 1.38 -5.14 -12.99
C ALA C 694 1.98 -5.70 -14.28
N GLN C 695 3.30 -5.89 -14.30
CA GLN C 695 3.94 -6.42 -15.50
C GLN C 695 3.46 -7.83 -15.80
N GLU C 696 3.35 -8.67 -14.76
CA GLU C 696 2.87 -10.03 -14.96
C GLU C 696 1.45 -10.04 -15.53
N SER C 697 0.59 -9.16 -15.02
CA SER C 697 -0.79 -9.16 -15.49
C SER C 697 -0.90 -8.65 -16.92
N LYS C 698 -0.13 -7.61 -17.28
CA LYS C 698 -0.12 -7.18 -18.68
C LYS C 698 0.38 -8.28 -19.59
N ASN C 699 1.40 -8.99 -19.15
CA ASN C 699 1.96 -10.08 -19.94
C ASN C 699 0.94 -11.20 -20.14
N ILE C 700 0.24 -11.59 -19.08
CA ILE C 700 -0.78 -12.63 -19.19
C ILE C 700 -1.91 -12.16 -20.09
N TRP C 701 -2.24 -10.86 -20.05
CA TRP C 701 -3.23 -10.33 -20.97
C TRP C 701 -2.80 -10.53 -22.44
N LYS C 702 -1.55 -10.19 -22.74
CA LYS C 702 -1.03 -10.41 -24.09
C LYS C 702 -1.08 -11.89 -24.47
N LEU C 703 -0.71 -12.75 -23.54
CA LEU C 703 -0.73 -14.19 -23.80
C LEU C 703 -2.14 -14.68 -24.04
N GLN C 704 -3.12 -14.16 -23.30
CA GLN C 704 -4.50 -14.57 -23.52
C GLN C 704 -4.99 -14.13 -24.89
N ARG C 705 -4.61 -12.93 -25.33
CA ARG C 705 -4.97 -12.53 -26.69
C ARG C 705 -4.36 -13.47 -27.72
N ALA C 706 -3.09 -13.84 -27.52
CA ALA C 706 -2.46 -14.78 -28.45
C ALA C 706 -3.17 -16.14 -28.44
N ILE C 707 -3.51 -16.64 -27.26
CA ILE C 707 -4.17 -17.94 -27.15
C ILE C 707 -5.54 -17.90 -27.81
N THR C 708 -6.29 -16.82 -27.59
CA THR C 708 -7.59 -16.66 -28.23
C THR C 708 -7.44 -16.66 -29.75
N ILE C 709 -6.44 -15.95 -30.27
CA ILE C 709 -6.24 -15.91 -31.71
C ILE C 709 -5.92 -17.30 -32.24
N LEU C 710 -5.05 -18.02 -31.54
CA LEU C 710 -4.66 -19.35 -31.99
C LEU C 710 -5.85 -20.31 -31.96
N ASP C 711 -6.64 -20.29 -30.89
CA ASP C 711 -7.79 -21.19 -30.82
C ASP C 711 -8.82 -20.86 -31.90
N THR C 712 -9.09 -19.58 -32.13
CA THR C 712 -10.04 -19.20 -33.17
C THR C 712 -9.55 -19.61 -34.55
N GLU C 713 -8.25 -19.43 -34.81
CA GLU C 713 -7.68 -19.86 -36.09
C GLU C 713 -7.74 -21.38 -36.22
N LYS C 714 -7.56 -22.10 -35.12
CA LYS C 714 -7.67 -23.56 -35.17
C LYS C 714 -9.09 -23.97 -35.54
N SER C 715 -10.10 -23.30 -35.01
CA SER C 715 -11.47 -23.64 -35.34
C SER C 715 -11.84 -23.19 -36.75
N PHE C 716 -11.63 -21.90 -37.05
CA PHE C 716 -11.97 -21.30 -38.37
C PHE C 716 -13.41 -21.41 -38.85
N LEU C 717 -14.17 -22.41 -38.38
CA LEU C 717 -15.58 -22.61 -38.74
C LEU C 717 -16.01 -22.19 -40.15
N LYS C 718 -15.23 -22.53 -41.17
CA LYS C 718 -15.53 -22.11 -42.53
C LYS C 718 -14.92 -23.08 -43.50
N CYS C 719 -14.36 -24.18 -43.00
CA CYS C 719 -13.63 -25.14 -43.84
C CYS C 719 -12.60 -24.45 -44.74
N MET C 720 -12.08 -23.31 -44.29
CA MET C 720 -11.09 -22.53 -45.02
C MET C 720 -10.05 -22.03 -44.03
N ARG C 721 -8.79 -22.33 -44.28
CA ARG C 721 -7.71 -22.03 -43.35
C ARG C 721 -6.90 -20.79 -43.72
N LYS C 722 -7.12 -20.21 -44.90
CA LYS C 722 -6.29 -19.09 -45.36
C LYS C 722 -6.58 -17.84 -44.53
N ALA C 723 -5.56 -17.35 -43.84
CA ALA C 723 -5.66 -16.14 -43.04
C ALA C 723 -4.40 -15.27 -43.14
N PHE C 724 -3.68 -15.38 -44.26
CA PHE C 724 -2.43 -14.64 -44.43
C PHE C 724 -2.71 -13.23 -44.93
N ARG C 725 -1.80 -12.31 -44.61
CA ARG C 725 -2.01 -10.89 -44.91
C ARG C 725 -1.65 -10.57 -46.36
N SER C 726 -0.37 -10.72 -46.73
CA SER C 726 0.12 -10.27 -48.02
C SER C 726 0.17 -11.36 -49.08
N GLY C 727 0.18 -12.62 -48.68
CA GLY C 727 0.25 -13.70 -49.65
C GLY C 727 1.66 -13.93 -50.15
N LYS C 728 1.74 -14.70 -51.24
CA LYS C 728 3.02 -15.08 -51.83
C LYS C 728 3.47 -13.98 -52.79
N LEU C 729 4.05 -12.93 -52.22
CA LEU C 729 4.59 -11.83 -53.01
C LEU C 729 5.98 -12.18 -53.54
N ASP C 740 10.41 -19.28 -57.48
CA ASP C 740 10.47 -17.96 -56.86
C ASP C 740 10.36 -18.11 -55.34
N ASP C 741 10.49 -17.00 -54.61
CA ASP C 741 10.48 -17.00 -53.16
C ASP C 741 9.04 -16.89 -52.67
N TYR C 742 8.37 -18.05 -52.60
CA TYR C 742 7.00 -18.13 -52.10
C TYR C 742 7.05 -18.33 -50.58
N ARG C 743 7.25 -17.21 -49.87
CA ARG C 743 7.54 -17.23 -48.44
C ARG C 743 6.37 -16.74 -47.57
N TRP C 744 5.18 -16.58 -48.15
CA TRP C 744 4.03 -16.06 -47.42
C TRP C 744 4.36 -14.73 -46.72
N CYS C 745 4.62 -13.69 -47.51
CA CYS C 745 5.12 -12.44 -46.96
C CYS C 745 4.06 -11.79 -46.05
N PHE C 746 4.53 -10.89 -45.20
CA PHE C 746 3.69 -10.13 -44.27
C PHE C 746 4.19 -8.68 -44.28
N ARG C 747 3.39 -7.78 -44.83
CA ARG C 747 3.79 -6.40 -44.98
C ARG C 747 3.53 -5.63 -43.68
N VAL C 748 4.59 -5.04 -43.12
CA VAL C 748 4.52 -4.21 -41.93
C VAL C 748 4.97 -2.81 -42.31
N ASP C 749 4.15 -1.82 -42.00
CA ASP C 749 4.46 -0.41 -42.26
C ASP C 749 4.84 0.31 -40.98
N SER D 286 21.68 47.36 7.53
CA SER D 286 20.36 47.95 7.69
C SER D 286 19.58 47.27 8.81
N VAL D 287 19.80 45.98 8.98
CA VAL D 287 19.10 45.17 9.98
C VAL D 287 20.03 44.84 11.16
N GLY D 288 21.09 45.62 11.36
CA GLY D 288 21.96 45.42 12.49
C GLY D 288 22.93 44.26 12.37
N ASN D 289 22.94 43.56 11.23
CA ASN D 289 23.74 42.36 11.06
C ASN D 289 25.12 42.72 10.50
N THR D 290 25.94 41.69 10.29
CA THR D 290 27.27 41.85 9.72
C THR D 290 27.46 40.88 8.55
N VAL D 291 28.71 40.74 8.08
CA VAL D 291 28.97 39.92 6.90
C VAL D 291 28.63 38.47 7.15
N LEU D 292 28.88 37.98 8.37
CA LEU D 292 28.67 36.57 8.66
C LEU D 292 27.21 36.16 8.51
N HIS D 293 26.28 37.04 8.89
CA HIS D 293 24.87 36.75 8.70
C HIS D 293 24.52 36.66 7.22
N ALA D 294 25.08 37.56 6.41
CA ALA D 294 24.86 37.48 4.97
C ALA D 294 25.41 36.18 4.40
N LEU D 295 26.58 35.75 4.88
CA LEU D 295 27.15 34.48 4.44
C LEU D 295 26.22 33.33 4.80
N VAL D 296 25.62 33.38 5.99
CA VAL D 296 24.64 32.36 6.38
C VAL D 296 23.46 32.39 5.43
N GLU D 297 22.99 33.59 5.08
CA GLU D 297 21.83 33.70 4.19
C GLU D 297 22.13 33.18 2.79
N VAL D 298 23.39 33.28 2.35
CA VAL D 298 23.74 32.84 1.00
C VAL D 298 23.53 31.34 0.84
N ALA D 299 23.87 30.57 1.87
CA ALA D 299 23.81 29.12 1.78
C ALA D 299 22.37 28.65 1.54
N ASP D 300 22.23 27.61 0.71
CA ASP D 300 20.95 26.96 0.48
C ASP D 300 21.03 25.45 0.66
N ASN D 301 21.97 24.97 1.48
CA ASN D 301 22.10 23.55 1.81
C ASN D 301 22.37 22.71 0.57
N THR D 302 23.19 23.24 -0.34
CA THR D 302 23.72 22.49 -1.48
C THR D 302 25.24 22.44 -1.36
N VAL D 303 25.82 21.44 -2.02
CA VAL D 303 27.23 21.12 -1.79
C VAL D 303 28.12 22.29 -2.21
N ASP D 304 27.86 22.84 -3.41
CA ASP D 304 28.74 23.88 -3.94
C ASP D 304 28.56 25.19 -3.18
N ASN D 305 27.31 25.59 -2.93
CA ASN D 305 27.09 26.82 -2.18
C ASN D 305 27.53 26.66 -0.73
N THR D 306 27.37 25.47 -0.15
CA THR D 306 27.87 25.25 1.20
C THR D 306 29.39 25.38 1.25
N LYS D 307 30.09 24.80 0.28
CA LYS D 307 31.54 24.94 0.25
C LYS D 307 31.96 26.39 0.05
N PHE D 308 31.25 27.12 -0.83
CA PHE D 308 31.56 28.52 -1.05
C PHE D 308 31.38 29.34 0.22
N VAL D 309 30.25 29.13 0.91
CA VAL D 309 29.98 29.86 2.14
C VAL D 309 30.99 29.46 3.23
N THR D 310 31.36 28.19 3.28
CA THR D 310 32.35 27.74 4.26
C THR D 310 33.70 28.41 4.03
N SER D 311 34.14 28.46 2.78
CA SER D 311 35.42 29.10 2.46
C SER D 311 35.37 30.59 2.82
N MET D 312 34.28 31.28 2.45
CA MET D 312 34.18 32.69 2.76
C MET D 312 34.13 32.93 4.26
N TYR D 313 33.42 32.07 5.00
CA TYR D 313 33.34 32.20 6.45
C TYR D 313 34.71 32.02 7.10
N ASN D 314 35.46 31.00 6.67
CA ASN D 314 36.79 30.77 7.22
C ASN D 314 37.70 31.96 6.93
N GLU D 315 37.71 32.43 5.68
CA GLU D 315 38.62 33.49 5.31
C GLU D 315 38.27 34.81 5.99
N ILE D 316 36.98 35.14 6.08
CA ILE D 316 36.59 36.39 6.71
C ILE D 316 36.85 36.34 8.21
N LEU D 317 36.65 35.17 8.83
CA LEU D 317 36.99 35.07 10.25
C LEU D 317 38.49 35.25 10.49
N ILE D 318 39.32 34.63 9.65
CA ILE D 318 40.76 34.76 9.81
C ILE D 318 41.18 36.21 9.61
N LEU D 319 40.66 36.84 8.57
CA LEU D 319 41.03 38.23 8.28
C LEU D 319 40.55 39.16 9.39
N GLY D 320 39.33 38.95 9.89
CA GLY D 320 38.85 39.78 10.98
C GLY D 320 39.68 39.63 12.24
N ALA D 321 40.12 38.40 12.54
CA ALA D 321 40.98 38.20 13.69
C ALA D 321 42.32 38.91 13.49
N LYS D 322 42.85 38.88 12.27
CA LYS D 322 44.11 39.57 12.02
C LYS D 322 43.94 41.08 12.05
N LEU D 323 42.77 41.60 11.71
CA LEU D 323 42.53 43.03 11.70
C LEU D 323 42.13 43.55 13.09
N HIS D 324 41.31 42.78 13.81
CA HIS D 324 40.82 43.15 15.13
C HIS D 324 40.97 41.96 16.06
N PRO D 325 42.20 41.69 16.52
CA PRO D 325 42.39 40.53 17.41
C PRO D 325 41.63 40.62 18.72
N THR D 326 41.25 41.83 19.16
CA THR D 326 40.60 42.01 20.45
C THR D 326 39.10 41.80 20.40
N LEU D 327 38.49 41.73 19.21
CA LEU D 327 37.05 41.64 19.07
C LEU D 327 36.61 40.20 18.82
N LYS D 328 35.44 39.86 19.34
CA LYS D 328 34.81 38.56 19.09
C LYS D 328 33.93 38.71 17.86
N LEU D 329 34.36 38.10 16.75
CA LEU D 329 33.73 38.35 15.47
C LEU D 329 32.31 37.80 15.40
N GLU D 330 32.06 36.63 16.00
CA GLU D 330 30.79 35.95 15.87
C GLU D 330 29.76 36.34 16.93
N GLU D 331 30.10 37.26 17.84
CA GLU D 331 29.20 37.65 18.92
C GLU D 331 28.29 38.81 18.56
N ILE D 332 28.44 39.41 17.39
CA ILE D 332 27.57 40.51 16.99
C ILE D 332 26.20 39.95 16.62
N THR D 333 25.16 40.51 17.23
CA THR D 333 23.78 40.10 17.00
C THR D 333 23.05 41.13 16.15
N ASN D 334 22.13 40.66 15.33
CA ASN D 334 21.31 41.54 14.50
C ASN D 334 20.17 42.10 15.34
N ARG D 335 19.23 42.80 14.69
CA ARG D 335 18.09 43.36 15.41
C ARG D 335 17.22 42.29 16.05
N LYS D 336 17.27 41.06 15.55
CA LYS D 336 16.54 39.94 16.12
C LYS D 336 17.28 39.27 17.26
N GLY D 337 18.49 39.72 17.60
CA GLY D 337 19.26 39.12 18.68
C GLY D 337 19.92 37.81 18.33
N LEU D 338 20.14 37.55 17.04
CA LEU D 338 20.69 36.28 16.57
C LEU D 338 22.14 36.47 16.15
N THR D 339 23.01 35.61 16.67
CA THR D 339 24.38 35.52 16.17
C THR D 339 24.38 34.77 14.84
N PRO D 340 25.48 34.84 14.08
CA PRO D 340 25.54 34.06 12.84
C PRO D 340 25.35 32.57 13.05
N LEU D 341 25.85 32.03 14.15
CA LEU D 341 25.57 30.64 14.48
C LEU D 341 24.09 30.45 14.80
N ALA D 342 23.52 31.36 15.60
CA ALA D 342 22.11 31.29 15.89
C ALA D 342 21.26 31.52 14.65
N LEU D 343 21.72 32.38 13.73
CA LEU D 343 20.99 32.57 12.49
C LEU D 343 21.02 31.32 11.62
N ALA D 344 22.20 30.69 11.51
CA ALA D 344 22.29 29.45 10.73
C ALA D 344 21.42 28.37 11.33
N ALA D 345 21.38 28.29 12.65
CA ALA D 345 20.54 27.29 13.31
C ALA D 345 19.06 27.60 13.10
N SER D 346 18.66 28.85 13.31
CA SER D 346 17.26 29.23 13.19
C SER D 346 16.77 29.21 11.75
N SER D 347 17.64 29.51 10.80
CA SER D 347 17.26 29.60 9.40
C SER D 347 17.25 28.26 8.68
N GLY D 348 17.62 27.18 9.36
CA GLY D 348 17.63 25.87 8.72
C GLY D 348 18.77 25.67 7.75
N LYS D 349 19.88 26.38 7.93
CA LYS D 349 21.06 26.25 7.08
C LYS D 349 21.95 25.20 7.72
N ILE D 350 21.68 23.93 7.39
CA ILE D 350 22.32 22.83 8.11
C ILE D 350 23.79 22.73 7.78
N GLY D 351 24.19 22.99 6.53
CA GLY D 351 25.59 22.87 6.17
C GLY D 351 26.47 23.86 6.90
N VAL D 352 26.04 25.13 6.96
CA VAL D 352 26.83 26.15 7.64
C VAL D 352 26.89 25.84 9.14
N LEU D 353 25.78 25.40 9.71
CA LEU D 353 25.77 25.03 11.13
C LEU D 353 26.73 23.88 11.40
N ALA D 354 26.71 22.86 10.54
CA ALA D 354 27.60 21.72 10.72
C ALA D 354 29.06 22.15 10.62
N TYR D 355 29.38 23.02 9.66
CA TYR D 355 30.75 23.51 9.56
C TYR D 355 31.16 24.28 10.82
N ILE D 356 30.31 25.20 11.27
CA ILE D 356 30.69 26.08 12.37
C ILE D 356 30.88 25.27 13.65
N LEU D 357 29.91 24.41 13.97
CA LEU D 357 29.95 23.69 15.25
C LEU D 357 31.16 22.77 15.33
N GLN D 358 31.61 22.22 14.20
CA GLN D 358 32.75 21.33 14.14
C GLN D 358 34.01 22.00 13.62
N ARG D 359 34.04 23.33 13.58
CA ARG D 359 35.19 24.04 13.01
C ARG D 359 36.44 23.77 13.85
N GLU D 360 37.53 23.40 13.17
CA GLU D 360 38.80 23.08 13.80
C GLU D 360 39.93 23.70 12.99
N ILE D 361 40.93 24.23 13.70
CA ILE D 361 42.03 24.98 13.09
C ILE D 361 43.34 24.41 13.61
N HIS D 362 44.31 24.21 12.70
CA HIS D 362 45.59 23.59 12.99
C HIS D 362 46.74 24.42 12.40
N GLU D 363 46.70 25.72 12.63
CA GLU D 363 47.76 26.62 12.17
C GLU D 363 47.94 27.73 13.21
N PRO D 364 49.12 28.36 13.27
CA PRO D 364 49.32 29.43 14.25
C PRO D 364 48.54 30.68 13.89
N GLU D 365 48.32 31.51 14.92
CA GLU D 365 47.61 32.78 14.84
C GLU D 365 46.12 32.64 14.57
N CYS D 366 45.60 31.41 14.55
CA CYS D 366 44.18 31.17 14.23
C CYS D 366 43.50 30.14 15.12
N ARG D 367 44.22 29.45 16.01
CA ARG D 367 43.60 28.42 16.84
C ARG D 367 42.50 28.99 17.73
N HIS D 368 42.62 30.26 18.12
CA HIS D 368 41.61 30.87 18.97
C HIS D 368 40.25 31.02 18.30
N LEU D 369 40.16 30.86 16.98
CA LEU D 369 38.90 30.96 16.26
C LEU D 369 38.17 29.63 16.13
N SER D 370 38.77 28.52 16.58
CA SER D 370 38.16 27.22 16.43
C SER D 370 37.22 26.91 17.59
N ARG D 371 36.32 25.95 17.36
CA ARG D 371 35.41 25.44 18.38
C ARG D 371 35.67 23.99 18.74
N LYS D 372 35.95 23.15 17.75
CA LYS D 372 36.35 21.77 18.00
C LYS D 372 37.84 21.71 18.26
N PHE D 373 38.24 20.90 19.24
CA PHE D 373 39.63 20.69 19.59
C PHE D 373 39.87 19.20 19.77
N THR D 374 40.59 18.60 18.82
CA THR D 374 40.89 17.18 18.89
C THR D 374 42.08 16.97 19.81
N GLU D 375 41.90 16.11 20.81
CA GLU D 375 42.94 15.80 21.79
C GLU D 375 43.65 14.49 21.50
N TRP D 376 42.92 13.49 20.99
CA TRP D 376 43.51 12.22 20.58
C TRP D 376 42.92 11.79 19.25
N ALA D 377 43.76 11.15 18.43
CA ALA D 377 43.36 10.67 17.11
C ALA D 377 43.87 9.24 16.95
N TYR D 378 42.98 8.27 17.20
CA TYR D 378 43.23 6.86 16.97
C TYR D 378 42.49 6.42 15.71
N GLY D 379 42.67 5.15 15.35
CA GLY D 379 42.05 4.60 14.17
C GLY D 379 40.53 4.69 14.19
N PRO D 380 39.90 3.97 15.12
CA PRO D 380 38.42 3.93 15.14
C PRO D 380 37.79 5.05 15.95
N VAL D 381 38.56 5.68 16.84
CA VAL D 381 38.05 6.66 17.79
C VAL D 381 38.90 7.92 17.72
N HIS D 382 38.25 9.08 17.75
CA HIS D 382 38.91 10.37 17.82
C HIS D 382 38.28 11.15 18.97
N SER D 383 39.07 11.45 19.99
CA SER D 383 38.59 12.11 21.19
C SER D 383 38.85 13.61 21.07
N SER D 384 37.79 14.41 21.15
CA SER D 384 37.84 15.83 20.88
C SER D 384 36.97 16.59 21.87
N LEU D 385 37.28 17.88 22.02
CA LEU D 385 36.51 18.79 22.87
C LEU D 385 35.78 19.80 21.97
N TYR D 386 34.46 19.85 22.12
CA TYR D 386 33.63 20.85 21.46
C TYR D 386 33.32 21.99 22.41
N ASP D 387 33.00 23.15 21.83
CA ASP D 387 32.68 24.34 22.59
C ASP D 387 31.17 24.42 22.78
N LEU D 388 30.73 24.34 24.04
CA LEU D 388 29.31 24.49 24.36
C LEU D 388 28.86 25.95 24.42
N SER D 389 29.78 26.91 24.31
CA SER D 389 29.38 28.31 24.36
C SER D 389 28.43 28.62 23.21
N CYS D 390 27.35 29.32 23.54
CA CYS D 390 26.25 29.72 22.67
C CYS D 390 25.34 28.57 22.27
N ILE D 391 25.64 27.33 22.65
CA ILE D 391 24.77 26.19 22.35
C ILE D 391 23.77 25.96 23.49
N ASP D 392 24.26 25.99 24.73
CA ASP D 392 23.38 25.85 25.88
C ASP D 392 22.74 27.18 26.27
N THR D 393 23.41 28.29 26.04
CA THR D 393 22.85 29.59 26.37
C THR D 393 23.61 30.69 25.64
N CYS D 394 22.85 31.65 25.09
CA CYS D 394 23.37 32.95 24.69
C CYS D 394 22.80 34.07 25.55
N GLU D 395 22.01 33.73 26.58
CA GLU D 395 21.23 34.63 27.42
C GLU D 395 19.99 35.18 26.72
N LYS D 396 19.86 34.98 25.40
CA LYS D 396 18.60 35.25 24.71
C LYS D 396 18.14 34.08 23.85
N ASN D 397 19.03 33.56 22.98
CA ASN D 397 18.67 32.58 21.96
C ASN D 397 19.85 31.64 21.74
N SER D 398 19.76 30.43 22.30
CA SER D 398 20.79 29.42 22.10
C SER D 398 20.50 28.60 20.84
N VAL D 399 21.50 27.80 20.43
CA VAL D 399 21.38 27.02 19.20
C VAL D 399 20.28 25.97 19.34
N LEU D 400 20.28 25.24 20.46
CA LEU D 400 19.26 24.23 20.67
C LEU D 400 17.88 24.86 20.76
N GLU D 401 17.77 26.03 21.39
CA GLU D 401 16.48 26.70 21.51
C GLU D 401 15.94 27.09 20.14
N VAL D 402 16.78 27.69 19.30
CA VAL D 402 16.28 28.12 17.99
C VAL D 402 15.97 26.92 17.10
N ILE D 403 16.73 25.83 17.23
CA ILE D 403 16.44 24.64 16.44
C ILE D 403 15.10 24.04 16.87
N ALA D 404 14.90 23.89 18.18
CA ALA D 404 13.71 23.21 18.67
C ALA D 404 12.47 24.08 18.51
N TYR D 405 12.57 25.38 18.81
CA TYR D 405 11.41 26.26 18.89
C TYR D 405 11.21 27.07 17.61
N SER D 406 11.75 26.62 16.48
CA SER D 406 11.50 27.28 15.22
C SER D 406 10.09 26.93 14.72
N SER D 407 9.65 27.66 13.69
CA SER D 407 8.30 27.49 13.16
C SER D 407 8.09 26.16 12.45
N SER D 408 9.15 25.40 12.18
CA SER D 408 9.14 24.14 11.43
C SER D 408 8.94 24.33 9.94
N GLU D 409 8.82 25.57 9.46
CA GLU D 409 8.77 25.87 8.03
C GLU D 409 10.15 26.06 7.43
N THR D 410 11.22 25.95 8.22
CA THR D 410 12.57 26.12 7.73
C THR D 410 12.98 24.90 6.90
N PRO D 411 13.98 25.04 6.01
CA PRO D 411 14.31 23.93 5.10
C PRO D 411 14.64 22.60 5.77
N ASN D 412 15.69 22.56 6.60
CA ASN D 412 16.19 21.30 7.14
C ASN D 412 16.61 21.43 8.62
N ARG D 413 15.75 22.03 9.45
CA ARG D 413 15.97 21.94 10.90
C ARG D 413 15.92 20.51 11.39
N HIS D 414 15.25 19.62 10.65
CA HIS D 414 14.99 18.27 11.09
C HIS D 414 16.28 17.49 11.33
N ASP D 415 17.26 17.63 10.44
CA ASP D 415 18.51 16.89 10.53
C ASP D 415 19.59 17.63 11.29
N MET D 416 19.30 18.84 11.79
CA MET D 416 20.33 19.59 12.52
C MET D 416 20.71 18.92 13.82
N LEU D 417 19.77 18.19 14.45
CA LEU D 417 20.09 17.50 15.69
C LEU D 417 21.01 16.31 15.49
N LEU D 418 21.23 15.86 14.25
CA LEU D 418 22.18 14.80 13.97
C LEU D 418 23.62 15.28 13.89
N VAL D 419 23.85 16.59 13.95
CA VAL D 419 25.21 17.11 13.98
C VAL D 419 25.86 16.66 15.29
N GLU D 420 27.07 16.07 15.18
CA GLU D 420 27.77 15.36 16.23
C GLU D 420 27.74 16.06 17.60
N PRO D 421 28.21 17.31 17.72
CA PRO D 421 28.12 17.97 19.04
C PRO D 421 26.70 18.06 19.57
N LEU D 422 25.73 18.40 18.72
CA LEU D 422 24.36 18.55 19.19
C LEU D 422 23.75 17.20 19.53
N ASN D 423 23.97 16.19 18.69
CA ASN D 423 23.43 14.87 18.97
C ASN D 423 23.99 14.30 20.27
N ARG D 424 25.30 14.41 20.45
CA ARG D 424 25.90 13.88 21.66
C ARG D 424 25.50 14.69 22.88
N LEU D 425 25.37 16.02 22.74
CA LEU D 425 24.93 16.84 23.86
C LEU D 425 23.52 16.47 24.29
N LEU D 426 22.61 16.31 23.33
CA LEU D 426 21.24 15.96 23.68
C LEU D 426 21.15 14.56 24.27
N GLN D 427 21.91 13.61 23.72
CA GLN D 427 21.89 12.26 24.28
C GLN D 427 22.47 12.24 25.69
N ASP D 428 23.52 13.03 25.93
CA ASP D 428 24.10 13.12 27.27
C ASP D 428 23.13 13.75 28.25
N LYS D 429 22.44 14.81 27.83
CA LYS D 429 21.45 15.43 28.70
C LYS D 429 20.31 14.48 28.99
N TRP D 430 19.89 13.69 28.00
CA TRP D 430 18.85 12.68 28.24
C TRP D 430 19.31 11.66 29.27
N ASP D 431 20.41 10.96 28.97
CA ASP D 431 20.84 9.87 29.83
C ASP D 431 21.25 10.36 31.23
N ARG D 432 21.70 11.61 31.33
CA ARG D 432 22.19 12.10 32.61
C ARG D 432 21.06 12.32 33.60
N PHE D 433 20.17 13.28 33.31
CA PHE D 433 19.09 13.65 34.23
C PHE D 433 17.71 13.78 33.60
N VAL D 434 17.60 14.10 32.31
CA VAL D 434 16.29 14.38 31.74
C VAL D 434 15.46 13.11 31.60
N LYS D 435 16.11 11.97 31.36
CA LYS D 435 15.37 10.72 31.19
C LYS D 435 14.53 10.40 32.41
N ARG D 436 15.13 10.45 33.60
CA ARG D 436 14.40 10.15 34.83
C ARG D 436 13.31 11.18 35.07
N ILE D 437 13.59 12.46 34.81
CA ILE D 437 12.59 13.51 35.04
C ILE D 437 11.40 13.30 34.11
N PHE D 438 11.66 12.98 32.84
CA PHE D 438 10.59 12.76 31.89
C PHE D 438 9.75 11.56 32.28
N TYR D 439 10.39 10.46 32.67
CA TYR D 439 9.62 9.30 33.10
C TYR D 439 8.82 9.60 34.36
N PHE D 440 9.38 10.41 35.27
CA PHE D 440 8.64 10.82 36.45
C PHE D 440 7.43 11.66 36.07
N ASN D 441 7.60 12.58 35.13
CA ASN D 441 6.47 13.40 34.68
C ASN D 441 5.40 12.53 34.04
N PHE D 442 5.79 11.55 33.24
CA PHE D 442 4.82 10.65 32.64
C PHE D 442 4.09 9.84 33.70
N PHE D 443 4.83 9.36 34.71
CA PHE D 443 4.20 8.63 35.81
C PHE D 443 3.22 9.53 36.57
N VAL D 444 3.61 10.77 36.83
CA VAL D 444 2.72 11.69 37.54
C VAL D 444 1.48 11.98 36.72
N TYR D 445 1.64 12.12 35.41
CA TYR D 445 0.48 12.32 34.55
C TYR D 445 -0.42 11.09 34.56
N CYS D 446 0.17 9.90 34.59
CA CYS D 446 -0.63 8.68 34.70
C CYS D 446 -1.41 8.66 36.01
N LEU D 447 -0.77 9.07 37.11
CA LEU D 447 -1.49 9.13 38.39
C LEU D 447 -2.60 10.18 38.32
N TYR D 448 -2.31 11.33 37.72
CA TYR D 448 -3.31 12.38 37.59
C TYR D 448 -4.50 11.89 36.79
N MET D 449 -4.24 11.20 35.68
CA MET D 449 -5.34 10.72 34.85
C MET D 449 -6.10 9.58 35.52
N ILE D 450 -5.42 8.72 36.27
CA ILE D 450 -6.12 7.67 37.01
C ILE D 450 -7.01 8.28 38.08
N ILE D 451 -6.50 9.29 38.79
CA ILE D 451 -7.29 9.97 39.82
C ILE D 451 -8.48 10.68 39.18
N PHE D 452 -8.26 11.34 38.05
CA PHE D 452 -9.35 12.00 37.35
C PHE D 452 -10.39 11.00 36.89
N THR D 453 -9.95 9.88 36.34
CA THR D 453 -10.88 8.84 35.89
C THR D 453 -11.69 8.30 37.05
N ALA D 454 -11.04 8.06 38.19
CA ALA D 454 -11.76 7.56 39.35
C ALA D 454 -12.76 8.59 39.87
N ALA D 455 -12.34 9.85 39.98
CA ALA D 455 -13.22 10.89 40.50
C ALA D 455 -14.41 11.12 39.58
N ALA D 456 -14.17 11.11 38.27
CA ALA D 456 -15.26 11.33 37.32
C ALA D 456 -16.18 10.12 37.23
N TYR D 457 -15.60 8.92 37.26
CA TYR D 457 -16.39 7.69 37.21
C TYR D 457 -17.34 7.62 38.40
N TYR D 458 -16.84 7.93 39.59
CA TYR D 458 -17.62 7.89 40.82
C TYR D 458 -18.28 9.23 41.14
N ARG D 459 -18.56 10.04 40.13
CA ARG D 459 -19.28 11.28 40.36
C ARG D 459 -20.69 10.94 40.90
N PRO D 460 -21.24 11.74 41.80
CA PRO D 460 -22.61 11.48 42.24
C PRO D 460 -23.60 11.75 41.11
N VAL D 461 -24.73 11.06 41.19
CA VAL D 461 -25.76 11.13 40.15
C VAL D 461 -26.97 11.93 40.61
N GLU D 462 -26.85 12.67 41.70
CA GLU D 462 -27.91 13.58 42.11
C GLU D 462 -27.95 14.79 41.18
N GLY D 463 -29.05 15.53 41.24
CA GLY D 463 -29.22 16.68 40.37
C GLY D 463 -28.59 17.94 40.93
N LEU D 464 -28.38 18.90 40.04
CA LEU D 464 -28.04 20.28 40.40
C LEU D 464 -26.82 20.40 41.31
N PRO D 465 -25.61 20.27 40.77
CA PRO D 465 -24.41 20.51 41.59
C PRO D 465 -24.38 21.92 42.16
N PRO D 466 -23.41 22.23 43.04
CA PRO D 466 -22.40 21.36 43.64
C PRO D 466 -23.03 20.41 44.66
N TYR D 467 -22.34 19.31 44.95
CA TYR D 467 -22.87 18.26 45.80
C TYR D 467 -22.29 18.38 47.20
N LYS D 468 -23.14 18.24 48.20
CA LYS D 468 -22.70 18.25 49.58
C LYS D 468 -21.96 16.96 49.89
N LEU D 469 -20.92 17.08 50.72
CA LEU D 469 -20.10 15.93 51.04
C LEU D 469 -20.84 14.99 51.99
N LYS D 470 -20.35 13.76 52.06
CA LYS D 470 -20.83 12.75 52.98
C LYS D 470 -19.70 12.32 53.88
N ASN D 471 -20.04 11.88 55.09
CA ASN D 471 -19.03 11.47 56.06
C ASN D 471 -18.36 10.15 55.70
N THR D 472 -18.90 9.41 54.74
CA THR D 472 -18.25 8.18 54.29
C THR D 472 -16.90 8.49 53.66
N VAL D 473 -15.93 7.63 53.93
CA VAL D 473 -14.56 7.88 53.48
C VAL D 473 -14.46 7.89 51.97
N GLY D 474 -15.32 7.14 51.28
CA GLY D 474 -15.30 7.14 49.83
C GLY D 474 -15.59 8.50 49.24
N ASP D 475 -16.46 9.27 49.89
CA ASP D 475 -16.76 10.60 49.39
C ASP D 475 -15.60 11.57 49.65
N TYR D 476 -14.87 11.39 50.75
CA TYR D 476 -13.67 12.19 50.95
C TYR D 476 -12.61 11.86 49.91
N PHE D 477 -12.46 10.58 49.56
CA PHE D 477 -11.56 10.24 48.47
C PHE D 477 -12.05 10.85 47.16
N ARG D 478 -13.36 10.85 46.93
CA ARG D 478 -13.90 11.42 45.71
C ARG D 478 -13.61 12.91 45.61
N VAL D 479 -13.88 13.67 46.68
CA VAL D 479 -13.64 15.10 46.61
C VAL D 479 -12.14 15.40 46.56
N THR D 480 -11.31 14.59 47.22
CA THR D 480 -9.86 14.76 47.10
C THR D 480 -9.42 14.55 45.66
N GLY D 481 -9.95 13.51 45.00
CA GLY D 481 -9.62 13.28 43.62
C GLY D 481 -10.08 14.40 42.71
N GLU D 482 -11.27 14.95 42.99
CA GLU D 482 -11.77 16.08 42.21
C GLU D 482 -10.88 17.31 42.39
N ILE D 483 -10.46 17.56 43.64
CA ILE D 483 -9.59 18.70 43.89
C ILE D 483 -8.25 18.52 43.18
N LEU D 484 -7.70 17.30 43.22
CA LEU D 484 -6.45 17.04 42.51
C LEU D 484 -6.63 17.19 41.00
N SER D 485 -7.77 16.75 40.48
CA SER D 485 -8.02 16.87 39.04
C SER D 485 -8.11 18.33 38.63
N VAL D 486 -8.83 19.14 39.40
CA VAL D 486 -8.94 20.56 39.10
C VAL D 486 -7.58 21.24 39.25
N SER D 487 -6.79 20.83 40.25
CA SER D 487 -5.45 21.37 40.41
C SER D 487 -4.59 21.08 39.20
N GLY D 488 -4.63 19.84 38.71
CA GLY D 488 -3.89 19.51 37.50
C GLY D 488 -4.38 20.30 36.29
N GLY D 489 -5.69 20.50 36.20
CA GLY D 489 -6.23 21.30 35.12
C GLY D 489 -5.74 22.73 35.17
N VAL D 490 -5.71 23.32 36.37
CA VAL D 490 -5.19 24.67 36.53
C VAL D 490 -3.71 24.71 36.17
N TYR D 491 -2.95 23.70 36.59
CA TYR D 491 -1.53 23.63 36.26
C TYR D 491 -1.33 23.61 34.75
N PHE D 492 -2.07 22.75 34.04
CA PHE D 492 -1.92 22.69 32.59
C PHE D 492 -2.40 23.96 31.92
N PHE D 493 -3.43 24.60 32.48
CA PHE D 493 -3.91 25.89 31.97
C PHE D 493 -2.82 26.94 32.03
N PHE D 494 -2.17 27.08 33.19
CA PHE D 494 -1.15 28.09 33.32
C PHE D 494 0.11 27.73 32.55
N ARG D 495 0.45 26.44 32.45
CA ARG D 495 1.59 26.06 31.62
C ARG D 495 1.32 26.34 30.15
N GLY D 496 0.08 26.13 29.70
CA GLY D 496 -0.27 26.49 28.34
C GLY D 496 -0.17 27.98 28.10
N ILE D 497 -0.63 28.79 29.06
CA ILE D 497 -0.51 30.24 28.92
C ILE D 497 0.96 30.64 28.86
N GLN D 498 1.78 30.06 29.74
CA GLN D 498 3.20 30.37 29.73
C GLN D 498 3.83 30.00 28.40
N TYR D 499 3.48 28.83 27.86
CA TYR D 499 4.02 28.42 26.57
C TYR D 499 3.62 29.39 25.46
N PHE D 500 2.34 29.75 25.41
CA PHE D 500 1.88 30.63 24.34
C PHE D 500 2.46 32.04 24.48
N LEU D 501 2.70 32.50 25.71
CA LEU D 501 3.30 33.82 25.89
C LEU D 501 4.78 33.79 25.54
N GLN D 502 5.49 32.69 25.86
CA GLN D 502 6.91 32.62 25.57
C GLN D 502 7.16 32.42 24.08
N ARG D 503 6.32 31.64 23.40
CA ARG D 503 6.50 31.38 21.99
C ARG D 503 5.83 32.42 21.10
N ARG D 504 4.67 32.93 21.51
CA ARG D 504 3.85 33.82 20.70
C ARG D 504 3.62 33.23 19.31
N PRO D 505 2.82 32.15 19.19
CA PRO D 505 2.57 31.58 17.86
C PRO D 505 1.89 32.58 16.94
N SER D 506 2.18 32.44 15.64
CA SER D 506 1.73 33.41 14.65
C SER D 506 0.24 33.34 14.36
N LEU D 507 -0.47 32.32 14.86
CA LEU D 507 -1.87 32.02 14.59
C LEU D 507 -2.10 31.46 13.19
N LYS D 508 -1.04 31.27 12.39
CA LYS D 508 -1.10 30.54 11.13
C LYS D 508 -0.34 29.22 11.18
N SER D 509 0.74 29.17 11.98
CA SER D 509 1.42 27.93 12.33
C SER D 509 1.06 27.48 13.74
N LEU D 510 -0.09 27.91 14.25
CA LEU D 510 -0.45 27.62 15.63
C LEU D 510 -0.59 26.13 15.86
N PHE D 511 -1.21 25.41 14.93
CA PHE D 511 -1.43 23.98 15.07
C PHE D 511 -0.33 23.13 14.46
N VAL D 512 0.41 23.65 13.47
CA VAL D 512 1.47 22.86 12.85
C VAL D 512 2.57 22.55 13.86
N ASP D 513 2.94 23.53 14.67
CA ASP D 513 3.74 23.35 15.87
C ASP D 513 2.80 23.48 17.06
N SER D 514 3.31 23.25 18.26
CA SER D 514 2.54 23.46 19.49
C SER D 514 1.28 22.61 19.56
N TYR D 515 1.19 21.53 18.78
CA TYR D 515 -0.03 20.72 18.75
C TYR D 515 -0.30 20.09 20.10
N SER D 516 0.72 19.48 20.70
CA SER D 516 0.54 18.85 22.01
C SER D 516 0.22 19.89 23.07
N GLU D 517 0.87 21.04 23.02
CA GLU D 517 0.56 22.11 23.97
C GLU D 517 -0.87 22.60 23.80
N ILE D 518 -1.35 22.70 22.56
CA ILE D 518 -2.73 23.11 22.35
C ILE D 518 -3.68 22.07 22.91
N LEU D 519 -3.39 20.79 22.71
CA LEU D 519 -4.27 19.75 23.24
C LEU D 519 -4.30 19.77 24.76
N PHE D 520 -3.14 19.95 25.40
CA PHE D 520 -3.12 20.04 26.85
C PHE D 520 -3.88 21.26 27.33
N PHE D 521 -3.71 22.39 26.65
CA PHE D 521 -4.40 23.61 27.05
C PHE D 521 -5.91 23.47 26.88
N VAL D 522 -6.35 22.84 25.79
CA VAL D 522 -7.79 22.67 25.56
C VAL D 522 -8.37 21.69 26.57
N GLN D 523 -7.61 20.64 26.93
CA GLN D 523 -8.05 19.75 27.99
C GLN D 523 -8.24 20.50 29.29
N SER D 524 -7.29 21.38 29.62
CA SER D 524 -7.43 22.19 30.83
C SER D 524 -8.59 23.17 30.72
N LEU D 525 -8.84 23.71 29.52
CA LEU D 525 -9.98 24.59 29.32
C LEU D 525 -11.28 23.85 29.57
N PHE D 526 -11.39 22.62 29.09
CA PHE D 526 -12.58 21.82 29.37
C PHE D 526 -12.71 21.56 30.86
N MET D 527 -11.59 21.31 31.54
CA MET D 527 -11.64 21.10 32.99
C MET D 527 -12.15 22.35 33.69
N LEU D 528 -11.65 23.53 33.31
CA LEU D 528 -12.05 24.75 34.00
C LEU D 528 -13.48 25.14 33.66
N VAL D 529 -13.92 24.89 32.43
CA VAL D 529 -15.33 25.11 32.10
C VAL D 529 -16.19 24.16 32.90
N SER D 530 -15.72 22.93 33.11
CA SER D 530 -16.44 21.99 33.96
C SER D 530 -16.53 22.52 35.39
N VAL D 531 -15.46 23.10 35.90
CA VAL D 531 -15.51 23.67 37.24
C VAL D 531 -16.53 24.80 37.31
N VAL D 532 -16.53 25.68 36.30
CA VAL D 532 -17.46 26.81 36.27
C VAL D 532 -18.90 26.31 36.23
N LEU D 533 -19.18 25.33 35.36
CA LEU D 533 -20.53 24.79 35.26
C LEU D 533 -20.91 24.04 36.53
N TYR D 534 -19.95 23.37 37.17
CA TYR D 534 -20.22 22.65 38.40
C TYR D 534 -20.67 23.60 39.50
N PHE D 535 -19.95 24.71 39.68
CA PHE D 535 -20.34 25.69 40.68
C PHE D 535 -21.46 26.60 40.19
N SER D 536 -21.73 26.63 38.88
CA SER D 536 -22.88 27.36 38.35
C SER D 536 -24.19 26.57 38.44
N GLN D 537 -24.17 25.39 39.05
CA GLN D 537 -25.38 24.56 39.21
C GLN D 537 -25.94 24.12 37.86
N ARG D 538 -25.06 23.63 37.00
CA ARG D 538 -25.44 23.03 35.72
C ARG D 538 -24.87 21.63 35.64
N LYS D 539 -25.71 20.66 35.27
CA LYS D 539 -25.20 19.28 35.07
C LYS D 539 -24.34 19.24 33.80
N GLU D 540 -24.45 20.25 32.92
CA GLU D 540 -23.62 20.32 31.73
C GLU D 540 -22.13 20.30 32.03
N TYR D 541 -21.73 20.48 33.30
CA TYR D 541 -20.33 20.29 33.65
C TYR D 541 -19.84 18.91 33.24
N VAL D 542 -20.72 17.90 33.33
CA VAL D 542 -20.32 16.55 32.92
C VAL D 542 -19.95 16.55 31.45
N ALA D 543 -20.72 17.28 30.64
CA ALA D 543 -20.41 17.39 29.21
C ALA D 543 -19.00 17.91 29.00
N SER D 544 -18.58 18.88 29.82
CA SER D 544 -17.19 19.33 29.71
C SER D 544 -16.25 18.28 30.24
N MET D 545 -16.56 17.72 31.41
CA MET D 545 -15.59 16.91 32.14
C MET D 545 -15.17 15.70 31.35
N VAL D 546 -16.14 15.00 30.75
CA VAL D 546 -15.84 13.79 30.00
C VAL D 546 -14.93 14.13 28.82
N PHE D 547 -15.16 15.27 28.15
CA PHE D 547 -14.27 15.63 27.06
C PHE D 547 -12.86 15.81 27.57
N SER D 548 -12.72 16.54 28.69
CA SER D 548 -11.41 16.68 29.30
C SER D 548 -10.82 15.33 29.62
N LEU D 549 -11.66 14.45 30.20
CA LEU D 549 -11.19 13.11 30.54
C LEU D 549 -10.70 12.40 29.30
N ALA D 550 -11.51 12.43 28.23
CA ALA D 550 -11.10 11.79 26.99
C ALA D 550 -9.80 12.40 26.49
N MET D 551 -9.75 13.74 26.46
CA MET D 551 -8.56 14.41 25.97
C MET D 551 -7.37 14.05 26.83
N GLY D 552 -7.59 14.00 28.15
CA GLY D 552 -6.50 13.70 29.05
C GLY D 552 -5.86 12.36 28.72
N TRP D 553 -6.69 11.35 28.48
CA TRP D 553 -6.13 10.05 28.18
C TRP D 553 -5.42 10.07 26.85
N THR D 554 -6.01 10.73 25.84
CA THR D 554 -5.32 10.80 24.57
C THR D 554 -4.07 11.66 24.67
N ASN D 555 -4.03 12.58 25.62
CA ASN D 555 -2.83 13.39 25.76
C ASN D 555 -1.66 12.58 26.30
N MET D 556 -1.88 11.35 26.77
CA MET D 556 -0.76 10.50 27.09
C MET D 556 0.11 10.21 25.87
N LEU D 557 -0.44 10.32 24.66
CA LEU D 557 0.39 10.14 23.48
C LEU D 557 1.50 11.17 23.42
N TYR D 558 1.34 12.34 24.05
CA TYR D 558 2.44 13.30 24.09
C TYR D 558 3.67 12.68 24.74
N TYR D 559 3.48 11.92 25.81
CA TYR D 559 4.63 11.29 26.44
C TYR D 559 5.13 10.12 25.61
N THR D 560 4.28 9.54 24.77
CA THR D 560 4.75 8.49 23.88
C THR D 560 5.75 9.03 22.87
N ARG D 561 5.53 10.24 22.38
CA ARG D 561 6.52 10.89 21.54
C ARG D 561 7.81 11.09 22.33
N GLY D 562 8.94 10.90 21.66
CA GLY D 562 10.24 10.83 22.30
C GLY D 562 10.77 9.42 22.40
N PHE D 563 9.91 8.43 22.24
CA PHE D 563 10.33 7.04 22.09
C PHE D 563 10.50 6.74 20.61
N GLN D 564 11.62 6.09 20.25
CA GLN D 564 11.94 5.88 18.84
C GLN D 564 10.86 5.07 18.13
N GLN D 565 10.35 4.03 18.78
CA GLN D 565 9.36 3.15 18.17
C GLN D 565 7.93 3.56 18.50
N MET D 566 7.59 3.62 19.78
CA MET D 566 6.20 3.87 20.16
C MET D 566 5.74 5.28 19.81
N GLY D 567 6.66 6.25 19.73
CA GLY D 567 6.25 7.61 19.45
C GLY D 567 5.77 7.85 18.05
N ILE D 568 6.09 6.95 17.11
CA ILE D 568 5.82 7.21 15.69
C ILE D 568 4.33 7.40 15.46
N TYR D 569 3.51 6.52 16.03
CA TYR D 569 2.06 6.66 15.90
C TYR D 569 1.60 8.01 16.44
N ALA D 570 2.13 8.40 17.61
CA ALA D 570 1.75 9.67 18.20
C ALA D 570 2.12 10.83 17.27
N VAL D 571 3.22 10.70 16.54
CA VAL D 571 3.55 11.69 15.53
C VAL D 571 2.56 11.61 14.38
N MET D 572 2.37 10.41 13.83
CA MET D 572 1.66 10.28 12.57
C MET D 572 0.21 10.74 12.71
N ILE D 573 -0.42 10.36 13.82
CA ILE D 573 -1.80 10.76 14.07
C ILE D 573 -1.92 12.28 14.03
N GLU D 574 -0.98 12.97 14.70
CA GLU D 574 -1.01 14.43 14.71
C GLU D 574 -0.98 14.95 13.28
N LYS D 575 -0.03 14.44 12.48
CA LYS D 575 0.08 14.93 11.11
C LYS D 575 -1.19 14.63 10.34
N MET D 576 -1.75 13.44 10.53
CA MET D 576 -2.96 13.08 9.78
C MET D 576 -4.11 13.99 10.19
N ILE D 577 -4.18 14.37 11.46
CA ILE D 577 -5.24 15.28 11.88
C ILE D 577 -5.02 16.66 11.27
N LEU D 578 -3.77 17.11 11.22
CA LEU D 578 -3.50 18.48 10.79
C LEU D 578 -3.47 18.60 9.28
N ARG D 579 -2.89 17.60 8.61
CA ARG D 579 -2.62 17.68 7.18
C ARG D 579 -3.70 17.01 6.34
N ASP D 580 -4.00 15.74 6.63
CA ASP D 580 -4.78 14.89 5.72
C ASP D 580 -6.22 14.70 6.14
N LEU D 581 -6.63 15.21 7.30
CA LEU D 581 -7.99 14.98 7.77
C LEU D 581 -8.98 16.03 7.26
N CYS D 582 -8.55 17.26 7.06
CA CYS D 582 -9.47 18.32 6.66
C CYS D 582 -10.10 18.02 5.30
N ARG D 583 -9.27 17.69 4.31
CA ARG D 583 -9.80 17.46 2.96
C ARG D 583 -10.69 16.22 2.92
N PHE D 584 -10.26 15.14 3.58
CA PHE D 584 -11.08 13.93 3.58
C PHE D 584 -12.40 14.17 4.28
N MET D 585 -12.37 14.84 5.43
CA MET D 585 -13.61 15.09 6.16
C MET D 585 -14.52 16.01 5.37
N PHE D 586 -13.98 16.99 4.65
CA PHE D 586 -14.84 17.84 3.85
C PHE D 586 -15.54 17.04 2.76
N VAL D 587 -14.77 16.25 2.00
CA VAL D 587 -15.40 15.50 0.91
C VAL D 587 -16.38 14.47 1.46
N TYR D 588 -15.99 13.77 2.52
CA TYR D 588 -16.86 12.76 3.11
C TYR D 588 -18.15 13.37 3.64
N LEU D 589 -18.04 14.51 4.33
CA LEU D 589 -19.24 15.16 4.84
C LEU D 589 -20.10 15.72 3.73
N VAL D 590 -19.49 16.15 2.63
CA VAL D 590 -20.28 16.60 1.49
C VAL D 590 -21.10 15.44 0.93
N PHE D 591 -20.48 14.29 0.74
CA PHE D 591 -21.21 13.13 0.24
C PHE D 591 -22.27 12.67 1.24
N LEU D 592 -21.91 12.62 2.52
CA LEU D 592 -22.84 12.16 3.55
C LEU D 592 -24.03 13.10 3.64
N PHE D 593 -23.79 14.41 3.65
CA PHE D 593 -24.87 15.37 3.77
C PHE D 593 -25.73 15.38 2.51
N GLY D 594 -25.11 15.30 1.34
CA GLY D 594 -25.90 15.27 0.11
C GLY D 594 -26.81 14.07 0.04
N PHE D 595 -26.28 12.89 0.31
CA PHE D 595 -27.13 11.70 0.22
C PHE D 595 -28.09 11.61 1.40
N SER D 596 -27.72 12.14 2.57
CA SER D 596 -28.66 12.16 3.67
C SER D 596 -29.82 13.11 3.39
N THR D 597 -29.55 14.25 2.76
CA THR D 597 -30.62 15.15 2.37
C THR D 597 -31.49 14.52 1.29
N ALA D 598 -30.87 13.81 0.34
CA ALA D 598 -31.66 13.12 -0.67
C ALA D 598 -32.56 12.06 -0.05
N VAL D 599 -32.01 11.28 0.89
CA VAL D 599 -32.77 10.19 1.50
C VAL D 599 -33.87 10.74 2.39
N VAL D 600 -33.57 11.73 3.22
CA VAL D 600 -34.57 12.27 4.12
C VAL D 600 -35.67 12.99 3.34
N THR D 601 -35.32 13.59 2.21
CA THR D 601 -36.35 14.13 1.33
C THR D 601 -37.22 13.03 0.75
N LEU D 602 -36.60 11.92 0.35
CA LEU D 602 -37.34 10.84 -0.27
C LEU D 602 -38.33 10.20 0.70
N ILE D 603 -37.92 9.97 1.94
CA ILE D 603 -38.77 9.28 2.90
C ILE D 603 -39.79 10.26 3.48
N GLU D 604 -40.98 9.75 3.75
CA GLU D 604 -42.06 10.53 4.31
C GLU D 604 -42.90 9.63 5.21
N ASP D 605 -43.39 10.21 6.31
CA ASP D 605 -44.15 9.44 7.28
C ASP D 605 -45.45 8.95 6.65
N GLY D 606 -45.81 7.70 6.97
CA GLY D 606 -47.02 7.10 6.45
C GLY D 606 -47.50 5.94 7.31
N SER D 630 -39.81 8.43 13.19
CA SER D 630 -38.75 7.45 12.97
C SER D 630 -38.03 7.73 11.65
N TYR D 631 -36.80 8.24 11.76
CA TYR D 631 -35.90 8.55 10.64
C TYR D 631 -36.37 9.73 9.80
N ASN D 632 -37.47 10.38 10.14
CA ASN D 632 -37.95 11.50 9.35
C ASN D 632 -37.08 12.74 9.49
N SER D 633 -36.13 12.75 10.42
CA SER D 633 -35.24 13.88 10.62
C SER D 633 -33.97 13.71 9.80
N LEU D 634 -33.33 14.84 9.50
CA LEU D 634 -32.07 14.80 8.77
C LEU D 634 -30.97 14.19 9.63
N TYR D 635 -31.01 14.43 10.94
CA TYR D 635 -30.00 13.88 11.84
C TYR D 635 -30.03 12.36 11.84
N SER D 636 -31.22 11.77 11.95
CA SER D 636 -31.32 10.32 11.98
C SER D 636 -30.85 9.70 10.68
N THR D 637 -31.21 10.32 9.55
CA THR D 637 -30.73 9.82 8.26
C THR D 637 -29.21 9.95 8.14
N CYS D 638 -28.65 11.05 8.65
CA CYS D 638 -27.20 11.21 8.65
C CYS D 638 -26.53 10.11 9.47
N LEU D 639 -27.09 9.79 10.63
CA LEU D 639 -26.53 8.69 11.43
C LEU D 639 -26.65 7.37 10.69
N GLU D 640 -27.79 7.11 10.06
CA GLU D 640 -27.98 5.85 9.36
C GLU D 640 -27.04 5.71 8.17
N LEU D 641 -26.73 6.81 7.50
CA LEU D 641 -25.78 6.75 6.40
C LEU D 641 -24.35 6.66 6.91
N PHE D 642 -24.06 7.31 8.04
CA PHE D 642 -22.74 7.15 8.67
C PHE D 642 -22.50 5.71 9.07
N LYS D 643 -23.54 5.01 9.49
CA LYS D 643 -23.40 3.62 9.91
C LYS D 643 -22.79 2.74 8.82
N PHE D 644 -22.99 3.07 7.55
CA PHE D 644 -22.38 2.30 6.47
C PHE D 644 -20.86 2.37 6.56
N THR D 645 -20.32 3.52 6.96
CA THR D 645 -18.86 3.65 7.07
C THR D 645 -18.28 2.71 8.11
N ILE D 646 -19.03 2.44 9.18
CA ILE D 646 -18.55 1.57 10.25
C ILE D 646 -19.05 0.14 10.09
N GLY D 647 -19.53 -0.22 8.91
CA GLY D 647 -19.95 -1.59 8.67
C GLY D 647 -21.22 -1.99 9.37
N MET D 648 -22.09 -1.03 9.70
CA MET D 648 -23.34 -1.29 10.39
C MET D 648 -24.53 -0.63 9.70
N GLY D 649 -24.41 -0.40 8.39
CA GLY D 649 -25.51 0.19 7.64
C GLY D 649 -26.56 -0.87 7.32
N ASP D 650 -27.81 -0.58 7.70
CA ASP D 650 -28.86 -1.57 7.52
C ASP D 650 -29.22 -1.79 6.07
N LEU D 651 -29.26 -0.70 5.29
CA LEU D 651 -29.64 -0.68 3.87
C LEU D 651 -31.14 -0.85 3.65
N GLU D 652 -31.90 -1.15 4.70
CA GLU D 652 -33.36 -1.10 4.69
C GLU D 652 -33.84 -0.52 6.01
N PHE D 653 -33.21 0.56 6.46
CA PHE D 653 -33.49 1.07 7.79
C PHE D 653 -34.89 1.67 7.91
N THR D 654 -35.55 1.94 6.78
CA THR D 654 -36.93 2.41 6.81
C THR D 654 -37.63 1.91 5.57
N GLU D 655 -38.96 1.80 5.68
CA GLU D 655 -39.84 1.55 4.53
C GLU D 655 -40.78 2.73 4.29
N ASN D 656 -40.57 3.86 4.97
CA ASN D 656 -41.49 4.99 4.89
C ASN D 656 -41.12 5.85 3.67
N TYR D 657 -41.39 5.30 2.49
CA TYR D 657 -41.13 6.01 1.25
C TYR D 657 -41.99 5.44 0.15
N ASP D 658 -42.12 6.23 -0.90
CA ASP D 658 -42.47 5.74 -2.22
C ASP D 658 -41.18 5.58 -3.02
N PHE D 659 -41.28 4.85 -4.13
CA PHE D 659 -40.13 4.65 -5.00
C PHE D 659 -38.99 3.96 -4.26
N LYS D 660 -39.23 2.72 -3.81
CA LYS D 660 -38.19 1.94 -3.15
C LYS D 660 -36.95 1.81 -4.02
N ALA D 661 -37.13 1.72 -5.34
CA ALA D 661 -35.99 1.64 -6.24
C ALA D 661 -35.10 2.87 -6.10
N VAL D 662 -35.71 4.04 -5.94
CA VAL D 662 -34.94 5.27 -5.80
C VAL D 662 -34.16 5.27 -4.50
N PHE D 663 -34.81 4.87 -3.41
CA PHE D 663 -34.16 4.81 -2.10
C PHE D 663 -32.97 3.86 -2.14
N ILE D 664 -33.15 2.66 -2.70
CA ILE D 664 -32.08 1.68 -2.74
C ILE D 664 -30.97 2.13 -3.68
N ILE D 665 -31.32 2.76 -4.80
CA ILE D 665 -30.30 3.28 -5.70
C ILE D 665 -29.48 4.37 -5.00
N LEU D 666 -30.14 5.25 -4.25
CA LEU D 666 -29.41 6.29 -3.52
C LEU D 666 -28.47 5.67 -2.50
N LEU D 667 -28.95 4.68 -1.73
CA LEU D 667 -28.09 4.09 -0.72
C LEU D 667 -26.94 3.30 -1.34
N LEU D 668 -27.19 2.59 -2.43
CA LEU D 668 -26.11 1.87 -3.10
C LEU D 668 -25.09 2.83 -3.69
N ALA D 669 -25.55 3.93 -4.28
CA ALA D 669 -24.62 4.92 -4.79
C ALA D 669 -23.80 5.53 -3.66
N TYR D 670 -24.44 5.80 -2.52
CA TYR D 670 -23.70 6.32 -1.38
C TYR D 670 -22.66 5.33 -0.89
N VAL D 671 -23.02 4.05 -0.83
CA VAL D 671 -22.09 3.03 -0.37
C VAL D 671 -20.89 2.94 -1.31
N ILE D 672 -21.17 2.87 -2.61
CA ILE D 672 -20.09 2.73 -3.58
C ILE D 672 -19.20 3.96 -3.57
N LEU D 673 -19.82 5.15 -3.51
CA LEU D 673 -19.05 6.37 -3.49
C LEU D 673 -18.24 6.51 -2.21
N THR D 674 -18.82 6.13 -1.06
CA THR D 674 -18.08 6.21 0.19
C THR D 674 -16.90 5.26 0.21
N TYR D 675 -17.07 4.06 -0.35
CA TYR D 675 -15.93 3.15 -0.41
C TYR D 675 -14.90 3.64 -1.42
N ILE D 676 -15.34 4.32 -2.47
CA ILE D 676 -14.39 4.99 -3.35
C ILE D 676 -13.65 6.09 -2.60
N LEU D 677 -14.34 6.81 -1.72
CA LEU D 677 -13.71 7.86 -0.93
C LEU D 677 -12.64 7.27 -0.02
N LEU D 678 -12.99 6.22 0.71
CA LEU D 678 -12.02 5.60 1.61
C LEU D 678 -10.86 5.01 0.84
N LEU D 679 -11.15 4.40 -0.32
CA LEU D 679 -10.11 3.85 -1.17
C LEU D 679 -9.17 4.94 -1.67
N ASN D 680 -9.72 6.09 -2.08
CA ASN D 680 -8.89 7.18 -2.56
C ASN D 680 -8.10 7.84 -1.44
N MET D 681 -8.66 7.91 -0.23
CA MET D 681 -7.89 8.38 0.91
C MET D 681 -6.69 7.48 1.15
N LEU D 682 -6.95 6.18 1.18
CA LEU D 682 -5.86 5.18 1.35
C LEU D 682 -4.82 5.44 0.26
N ILE D 683 -5.25 5.50 -0.99
CA ILE D 683 -4.33 5.64 -2.12
C ILE D 683 -3.49 6.90 -1.99
N ALA D 684 -4.14 8.01 -1.65
CA ALA D 684 -3.43 9.28 -1.53
C ALA D 684 -2.40 9.23 -0.42
N LEU D 685 -2.74 8.58 0.70
CA LEU D 685 -1.80 8.48 1.80
C LEU D 685 -0.67 7.51 1.48
N MET D 686 -0.96 6.44 0.74
CA MET D 686 0.07 5.49 0.35
C MET D 686 0.99 6.05 -0.71
N GLY D 687 0.54 7.05 -1.47
CA GLY D 687 1.41 7.71 -2.43
C GLY D 687 2.55 8.47 -1.78
N GLU D 688 2.42 8.82 -0.50
CA GLU D 688 3.43 9.56 0.24
C GLU D 688 4.23 8.68 1.19
N THR D 689 4.20 7.35 1.02
CA THR D 689 4.92 6.44 1.89
C THR D 689 6.32 6.11 1.39
N VAL D 690 6.77 6.71 0.29
CA VAL D 690 8.09 6.41 -0.25
C VAL D 690 9.11 7.29 0.46
N ASN D 691 9.54 6.86 1.64
CA ASN D 691 10.57 7.49 2.47
C ASN D 691 10.19 8.88 2.97
N LYS D 692 8.97 9.35 2.72
CA LYS D 692 8.58 10.71 3.11
C LYS D 692 7.98 10.74 4.52
N ILE D 693 6.90 9.98 4.74
CA ILE D 693 6.21 10.01 6.03
C ILE D 693 7.11 9.44 7.13
N ALA D 694 7.78 8.32 6.85
CA ALA D 694 8.62 7.68 7.87
C ALA D 694 9.77 8.59 8.30
N GLN D 695 10.42 9.25 7.33
CA GLN D 695 11.51 10.15 7.66
C GLN D 695 11.02 11.34 8.48
N GLU D 696 9.86 11.89 8.11
CA GLU D 696 9.29 12.98 8.89
C GLU D 696 8.97 12.54 10.31
N SER D 697 8.47 11.30 10.47
CA SER D 697 8.17 10.82 11.81
C SER D 697 9.42 10.65 12.65
N LYS D 698 10.50 10.09 12.07
CA LYS D 698 11.75 9.98 12.82
C LYS D 698 12.29 11.35 13.20
N ASN D 699 12.23 12.29 12.25
CA ASN D 699 12.73 13.63 12.52
C ASN D 699 11.93 14.31 13.63
N ILE D 700 10.61 14.18 13.59
CA ILE D 700 9.77 14.80 14.61
C ILE D 700 10.01 14.13 15.96
N TRP D 701 10.30 12.83 15.97
CA TRP D 701 10.70 12.18 17.21
C TRP D 701 11.96 12.81 17.78
N LYS D 702 12.97 13.02 16.93
CA LYS D 702 14.20 13.68 17.40
C LYS D 702 13.91 15.08 17.92
N LEU D 703 13.06 15.82 17.21
CA LEU D 703 12.73 17.17 17.62
C LEU D 703 12.00 17.17 18.96
N GLN D 704 11.11 16.20 19.17
CA GLN D 704 10.41 16.12 20.45
C GLN D 704 11.37 15.79 21.58
N ARG D 705 12.37 14.92 21.33
CA ARG D 705 13.37 14.68 22.34
C ARG D 705 14.12 15.95 22.70
N ALA D 706 14.50 16.73 21.67
CA ALA D 706 15.19 17.99 21.92
C ALA D 706 14.32 18.96 22.71
N ILE D 707 13.04 19.06 22.35
CA ILE D 707 12.13 19.97 23.04
C ILE D 707 11.96 19.55 24.49
N THR D 708 11.81 18.25 24.72
CA THR D 708 11.68 17.75 26.09
C THR D 708 12.93 18.09 26.91
N ILE D 709 14.11 17.90 26.32
CA ILE D 709 15.35 18.20 27.04
C ILE D 709 15.41 19.69 27.38
N LEU D 710 15.06 20.53 26.40
CA LEU D 710 15.12 21.97 26.64
C LEU D 710 14.12 22.41 27.70
N ASP D 711 12.90 21.89 27.66
CA ASP D 711 11.91 22.26 28.68
C ASP D 711 12.36 21.81 30.07
N THR D 712 12.87 20.59 30.17
CA THR D 712 13.31 20.08 31.48
C THR D 712 14.48 20.90 32.00
N GLU D 713 15.43 21.25 31.12
CA GLU D 713 16.55 22.08 31.56
C GLU D 713 16.08 23.47 31.95
N LYS D 714 15.06 24.00 31.27
CA LYS D 714 14.51 25.29 31.65
C LYS D 714 13.90 25.24 33.04
N SER D 715 13.21 24.14 33.38
CA SER D 715 12.62 24.03 34.71
C SER D 715 13.69 23.75 35.77
N PHE D 716 14.52 22.72 35.54
CA PHE D 716 15.58 22.29 36.49
C PHE D 716 15.15 21.96 37.92
N LEU D 717 14.05 22.53 38.42
CA LEU D 717 13.53 22.25 39.77
C LEU D 717 14.54 21.97 40.88
N LYS D 718 15.65 22.71 40.92
CA LYS D 718 16.68 22.44 41.90
C LYS D 718 17.45 23.70 42.19
N CYS D 719 16.97 24.84 41.68
CA CYS D 719 17.67 26.11 41.83
C CYS D 719 19.14 26.00 41.40
N MET D 720 19.43 25.09 40.48
CA MET D 720 20.78 24.87 39.95
C MET D 720 20.67 24.67 38.45
N ARG D 721 21.39 25.51 37.69
CA ARG D 721 21.26 25.53 36.24
C ARG D 721 22.39 24.80 35.52
N LYS D 722 23.53 24.57 36.17
CA LYS D 722 24.69 24.03 35.48
C LYS D 722 24.47 22.55 35.16
N ALA D 723 24.55 22.22 33.87
CA ALA D 723 24.43 20.84 33.39
C ALA D 723 25.47 20.53 32.33
N PHE D 724 26.62 21.21 32.38
CA PHE D 724 27.66 21.05 31.37
C PHE D 724 28.48 19.78 31.65
N ARG D 725 29.09 19.26 30.59
CA ARG D 725 29.76 17.96 30.69
C ARG D 725 31.16 18.07 31.29
N SER D 726 32.07 18.76 30.60
CA SER D 726 33.48 18.79 30.99
C SER D 726 33.86 19.99 31.84
N GLY D 727 33.06 21.05 31.82
CA GLY D 727 33.37 22.23 32.60
C GLY D 727 34.39 23.13 31.93
N LYS D 728 34.90 24.08 32.71
CA LYS D 728 35.84 25.07 32.23
C LYS D 728 37.26 24.48 32.26
N LEU D 729 37.58 23.71 31.23
CA LEU D 729 38.91 23.13 31.09
C LEU D 729 39.87 24.17 30.52
N ASP D 740 43.17 31.90 30.73
CA ASP D 740 43.05 30.73 29.86
C ASP D 740 41.70 30.75 29.13
N ASP D 741 41.51 29.79 28.24
CA ASP D 741 40.29 29.68 27.44
C ASP D 741 39.30 28.77 28.18
N TYR D 742 38.34 29.39 28.87
CA TYR D 742 37.30 28.67 29.60
C TYR D 742 36.05 28.63 28.72
N ARG D 743 35.98 27.60 27.88
CA ARG D 743 35.01 27.53 26.79
C ARG D 743 33.93 26.47 27.01
N TRP D 744 33.73 26.01 28.24
CA TRP D 744 32.70 25.00 28.56
C TRP D 744 32.80 23.79 27.65
N CYS D 745 33.91 23.07 27.80
CA CYS D 745 34.23 21.97 26.90
C CYS D 745 33.22 20.84 27.00
N PHE D 746 33.12 20.07 25.93
CA PHE D 746 32.28 18.87 25.87
C PHE D 746 33.09 17.79 25.17
N ARG D 747 33.40 16.71 25.89
CA ARG D 747 34.25 15.66 25.34
C ARG D 747 33.41 14.65 24.56
N VAL D 748 33.79 14.42 23.31
CA VAL D 748 33.18 13.40 22.45
C VAL D 748 34.27 12.43 22.04
N ASP D 749 33.97 11.14 22.17
CA ASP D 749 34.92 10.07 21.87
C ASP D 749 34.43 9.18 20.75
CBT 6EU E . 4.98 -21.63 17.48
OAH 6EU E . 5.82 -20.75 16.72
CBQ 6EU E . 5.23 -19.82 15.90
CBO 6EU E . 3.87 -19.54 16.02
CBS 6EU E . 6.00 -19.15 14.96
OAI 6EU E . 7.32 -19.44 14.85
CBR 6EU E . 5.41 -18.21 14.12
CBP 6EU E . 4.07 -17.93 14.24
CBN 6EU E . 3.30 -18.59 15.19
CBM 6EU E . 1.82 -18.28 15.31
CBK 6EU E . 1.50 -17.71 16.67
OAG 6EU E . 1.55 -18.42 17.65
OAF 6EU E . 1.13 -16.31 16.80
CBC 6EU E . -0.11 -15.94 17.39
CAX 6EU E . -0.06 -16.28 18.85
CAS 6EU E . 0.75 -15.53 19.62
CAK 6EU E . 1.02 -15.68 21.11
CAU 6EU E . -0.91 -17.46 19.27
CAR 6EU E . -1.20 -17.47 20.75
OAD 6EU E . -0.20 -18.24 21.42
CAZ 6EU E . -2.53 -18.12 21.04
OAE 6EU E . -2.92 -19.17 20.55
CBA 6EU E . -3.27 -17.31 21.98
CBF 6EU E . -4.57 -17.72 22.62
CAW 6EU E . -2.65 -16.16 22.20
CAO 6EU E . -1.42 -16.06 21.32
CAJ 6EU E . -0.20 -15.48 22.00
OAA 6EU E . -0.44 -14.08 22.17
CAN 6EU E . 0.12 -16.09 23.36
CAT 6EU E . -0.62 -15.42 24.52
CAP 6EU E . 1.63 -16.02 23.63
CAM 6EU E . 2.21 -14.73 23.04
CAV 6EU E . 3.64 -14.54 23.47
CBB 6EU E . 4.23 -15.43 24.23
CBD 6EU E . 4.38 -13.32 23.02
OAC 6EU E . 1.43 -13.62 23.44
CAL 6EU E . 2.09 -14.68 21.52
OAB 6EU E . 1.54 -13.40 21.24
CAQ 6EU E . 0.65 -13.19 22.34
CAY 6EU E . 0.21 -11.73 22.44
CBE 6EU E . -1.06 -11.53 21.65
CBG 6EU E . -0.99 -11.17 20.31
CBI 6EU E . -2.17 -10.99 19.59
CBL 6EU E . -3.41 -11.15 20.20
CBJ 6EU E . -3.47 -11.50 21.54
CBH 6EU E . -2.29 -11.69 22.26
NA NA F . -16.65 -4.09 8.50
NA NA G . -9.08 -2.23 4.64
NA NA H . 0.35 0.09 -0.17
CBT 6EU I . -18.95 18.19 -10.32
OAH 6EU I . -17.62 17.81 -10.67
CBQ 6EU I . -16.96 16.91 -9.89
CBO 6EU I . -17.65 16.11 -8.99
CBS 6EU I . -15.59 16.78 -10.02
OAI 6EU I . -14.91 17.55 -10.91
CBR 6EU I . -14.89 15.86 -9.23
CBP 6EU I . -15.59 15.08 -8.33
CBN 6EU I . -16.97 15.21 -8.20
CBM 6EU I . -17.70 14.34 -7.21
CBK 6EU I . -18.68 13.44 -7.91
OAG 6EU I . -19.67 13.91 -8.44
OAF 6EU I . -18.44 12.01 -7.95
CBC 6EU I . -19.39 11.08 -7.43
CAX 6EU I . -20.62 11.14 -8.27
CAS 6EU I . -20.54 10.63 -9.52
CAK 6EU I . -21.60 10.59 -10.59
CAU 6EU I . -21.82 11.81 -7.64
CAR 6EU I . -23.14 11.45 -8.30
OAD 6EU I . -23.41 12.41 -9.33
CAZ 6EU I . -24.27 11.49 -7.32
OAE 6EU I . -24.48 12.37 -6.51
CBA 6EU I . -25.09 10.31 -7.48
CBF 6EU I . -26.42 10.09 -6.80
CAW 6EU I . -24.52 9.46 -8.33
CAO 6EU I . -23.17 9.99 -8.75
CAJ 6EU I . -22.84 9.79 -10.23
OAA 6EU I . -22.59 8.40 -10.42
CAN 6EU I . -23.96 10.21 -11.19
CAT 6EU I . -24.99 9.12 -11.45
CAP 6EU I . -23.36 10.66 -12.52
CAM 6EU I . -22.13 9.82 -12.86
CAV 6EU I . -21.66 10.11 -14.26
CBB 6EU I . -22.28 10.99 -15.01
CBD 6EU I . -20.48 9.35 -14.80
OAC 6EU I . -22.44 8.44 -12.72
CAL 6EU I . -21.01 10.01 -11.85
OAB 6EU I . -20.60 8.70 -11.52
CAQ 6EU I . -21.82 7.96 -11.54
CAY 6EU I . -21.60 6.46 -11.53
CBE 6EU I . -21.55 5.96 -10.11
CBG 6EU I . -20.36 5.93 -9.41
CBI 6EU I . -20.34 5.48 -8.10
CBL 6EU I . -21.50 5.04 -7.48
CBJ 6EU I . -22.70 5.07 -8.19
CBH 6EU I . -22.72 5.53 -9.50
CBT 6EU J . -12.88 -19.13 -16.31
OAH 6EU J . -11.56 -18.59 -16.27
CBQ 6EU J . -11.27 -17.60 -15.36
CBO 6EU J . -12.13 -17.36 -14.30
CBS 6EU J . -10.12 -16.86 -15.50
OAI 6EU J . -9.28 -17.10 -16.53
CBR 6EU J . -9.82 -15.86 -14.59
CBP 6EU J . -10.67 -15.61 -13.53
CBN 6EU J . -11.84 -16.37 -13.39
CBM 6EU J . -12.76 -16.09 -12.22
CBK 6EU J . -12.87 -17.29 -11.32
OAG 6EU J . -13.42 -18.30 -11.72
OAF 6EU J . -12.32 -17.24 -9.98
CBC 6EU J . -13.14 -17.47 -8.83
CAX 6EU J . -13.55 -18.91 -8.85
CAS 6EU J . -12.61 -19.83 -8.60
CAK 6EU J . -12.75 -21.34 -8.59
CAU 6EU J . -15.01 -19.17 -9.18
CAR 6EU J . -15.51 -20.51 -8.73
OAD 6EU J . -15.36 -21.45 -9.79
CAZ 6EU J . -16.96 -20.47 -8.38
OAE 6EU J . -17.83 -19.95 -9.06
CBA 6EU J . -17.19 -21.15 -7.12
CBF 6EU J . -18.55 -21.46 -6.55
CAW 6EU J . -16.02 -21.47 -6.56
CAO 6EU J . -14.88 -20.93 -7.40
CAJ 6EU J . -13.69 -21.88 -7.53
OAA 6EU J . -13.04 -21.93 -6.27
CAN 6EU J . -14.07 -23.31 -7.93
CAT 6EU J . -14.41 -24.21 -6.74
CAP 6EU J . -12.94 -23.94 -8.73
CAM 6EU J . -11.59 -23.46 -8.20
CAV 6EU J . -10.45 -24.23 -8.82
CBB 6EU J . -10.69 -25.16 -9.72
CBD 6EU J . -9.04 -23.93 -8.41
OAC 6EU J . -11.54 -23.61 -6.78
CAL 6EU J . -11.39 -21.97 -8.38
OAB 6EU J . -10.94 -21.51 -7.11
CAQ 6EU J . -11.67 -22.32 -6.21
CAY 6EU J . -11.11 -22.24 -4.79
CBE 6EU J . -11.80 -21.14 -4.03
CBG 6EU J . -11.31 -19.84 -4.06
CBI 6EU J . -11.95 -18.84 -3.36
CBL 6EU J . -13.10 -19.11 -2.62
CBJ 6EU J . -13.59 -20.41 -2.59
CBH 6EU J . -12.95 -21.41 -3.29
CBT 6EU K . -1.17 15.68 23.46
OAH 6EU K . -0.32 15.67 22.32
CBQ 6EU K . -0.50 14.71 21.36
CBO 6EU K . -1.66 13.96 21.32
CBS 6EU K . 0.49 14.49 20.42
OAI 6EU K . 1.64 15.23 20.46
CBR 6EU K . 0.33 13.53 19.44
CBP 6EU K . -0.84 12.78 19.40
CBN 6EU K . -1.83 12.99 20.35
CBM 6EU K . -3.10 12.17 20.28
CBK 6EU K . -4.31 13.04 20.07
OAG 6EU K . -4.66 13.80 20.93
OAF 6EU K . -5.05 12.96 18.81
CBC 6EU K . -6.45 12.66 18.80
CAX 6EU K . -7.17 13.82 19.42
CAS 6EU K . -7.22 14.97 18.71
CAK 6EU K . -7.86 16.28 19.11
CAU 6EU K . -7.74 13.58 20.80
CAR 6EU K . -8.86 14.53 21.17
OAD 6EU K . -8.31 15.64 21.88
CAZ 6EU K . -9.86 13.88 22.08
OAE 6EU K . -9.59 13.21 23.05
CBA 6EU K . -11.20 14.17 21.62
CBF 6EU K . -12.44 13.84 22.37
CAW 6EU K . -11.16 14.79 20.43
CAO 6EU K . -9.73 14.89 19.95
CAJ 6EU K . -9.36 16.22 19.30
OAA 6EU K . -10.01 16.27 18.03
CAN 6EU K . -9.78 17.44 20.11
CAT 6EU K . -11.21 17.90 19.81
CAP 6EU K . -8.81 18.60 19.83
CAM 6EU K . -8.35 18.58 18.37
CAV 6EU K . -7.58 19.82 18.03
CBB 6EU K . -7.36 20.75 18.94
CBD 6EU K . -7.06 20.00 16.64
OAC 6EU K . -9.47 18.45 17.51
CAL 6EU K . -7.55 17.33 18.05
OAB 6EU K . -8.13 16.83 16.85
CAQ 6EU K . -9.51 17.13 17.01
CAY 6EU K . -10.30 17.00 15.71
CBE 6EU K . -10.82 15.60 15.58
CBG 6EU K . -10.06 14.60 14.97
CBI 6EU K . -10.58 13.32 14.85
CBL 6EU K . -11.83 13.01 15.35
CBJ 6EU K . -12.59 13.99 15.96
CBH 6EU K . -12.08 15.29 16.07
#